data_4DEJ
#
_entry.id   4DEJ
#
_cell.length_a   91.356
_cell.length_b   156.988
_cell.length_c   244.125
_cell.angle_alpha   90.00
_cell.angle_beta   90.00
_cell.angle_gamma   90.00
#
_symmetry.space_group_name_H-M   'P 21 21 21'
#
loop_
_entity.id
_entity.type
_entity.pdbx_description
1 polymer 'Glutathione S-transferase related protein'
2 water water
#
_entity_poly.entity_id   1
_entity_poly.type   'polypeptide(L)'
_entity_poly.pdbx_seq_one_letter_code
;MVMAVAANKRSVMTLYSGKDDLKSHQVRLVLAEKGVGVEITYVTDESTPEDLLQLNPYPEAKPTLVDRELVLYNAQIIME
YLDERFPHPPLMPVYPVARGTSRLMMYRIERDWYSLAEKIQKNDAQARQELKEGILSLAPIFADTPYFMSEEFSLVDCYL
APLLWRLPAYGIDLEGQGAKEIKQYMVRLFERKTFQDSLTEEEKELARNAENLYFQSHHHHHHWSHPQFEK
;
_entity_poly.pdbx_strand_id   A,B,C,D,E,F,G,H,I,J,K,L
#
# COMPACT_ATOMS: atom_id res chain seq x y z
N LYS A 9 -5.05 -24.31 -16.79
CA LYS A 9 -3.57 -24.41 -16.85
C LYS A 9 -3.02 -24.33 -18.28
N ARG A 10 -3.79 -24.87 -19.23
CA ARG A 10 -3.45 -24.86 -20.66
C ARG A 10 -3.56 -23.44 -21.24
N SER A 11 -2.62 -23.11 -22.11
CA SER A 11 -2.43 -21.73 -22.59
C SER A 11 -3.22 -21.37 -23.86
N VAL A 12 -4.38 -22.01 -24.03
CA VAL A 12 -5.32 -21.73 -25.10
C VAL A 12 -6.71 -21.68 -24.46
N MET A 13 -7.60 -20.82 -24.98
CA MET A 13 -8.98 -20.72 -24.50
C MET A 13 -9.77 -22.01 -24.71
N THR A 14 -10.69 -22.29 -23.79
CA THR A 14 -11.54 -23.48 -23.89
C THR A 14 -13.00 -23.09 -24.07
N LEU A 15 -13.58 -23.51 -25.19
CA LEU A 15 -15.00 -23.32 -25.44
C LEU A 15 -15.77 -24.58 -25.10
N TYR A 16 -16.79 -24.44 -24.26
CA TYR A 16 -17.76 -25.49 -24.02
C TYR A 16 -18.94 -25.26 -24.95
N SER A 17 -18.89 -25.94 -26.10
CA SER A 17 -19.87 -25.76 -27.17
C SER A 17 -20.87 -26.90 -27.22
N GLY A 18 -22.05 -26.63 -27.75
CA GLY A 18 -22.98 -27.66 -28.15
C GLY A 18 -22.62 -28.17 -29.53
N LYS A 19 -23.27 -29.24 -29.97
CA LYS A 19 -22.99 -29.80 -31.29
C LYS A 19 -23.94 -29.25 -32.36
N ASP A 20 -25.16 -28.92 -31.94
CA ASP A 20 -26.18 -28.40 -32.85
C ASP A 20 -26.80 -27.12 -32.31
N ASP A 21 -26.25 -26.64 -31.19
CA ASP A 21 -26.73 -25.44 -30.51
C ASP A 21 -26.53 -24.18 -31.36
N LEU A 22 -27.57 -23.36 -31.38
CA LEU A 22 -27.65 -22.14 -32.18
C LEU A 22 -26.67 -21.06 -31.71
N LYS A 23 -26.63 -20.85 -30.39
CA LYS A 23 -25.78 -19.83 -29.78
C LYS A 23 -24.30 -20.25 -29.71
N SER A 24 -24.07 -21.56 -29.66
CA SER A 24 -22.72 -22.13 -29.73
C SER A 24 -22.11 -21.90 -31.11
N HIS A 25 -22.98 -21.96 -32.13
CA HIS A 25 -22.58 -21.82 -33.53
C HIS A 25 -22.19 -20.39 -33.84
N GLN A 26 -22.82 -19.45 -33.13
CA GLN A 26 -22.47 -18.03 -33.19
C GLN A 26 -21.04 -17.82 -32.72
N VAL A 27 -20.75 -18.33 -31.52
CA VAL A 27 -19.44 -18.21 -30.87
C VAL A 27 -18.35 -18.89 -31.71
N ARG A 28 -18.67 -20.07 -32.25
CA ARG A 28 -17.79 -20.80 -33.16
C ARG A 28 -17.50 -20.05 -34.47
N LEU A 29 -18.49 -19.31 -34.99
CA LEU A 29 -18.34 -18.49 -36.20
C LEU A 29 -17.41 -17.31 -35.98
N VAL A 30 -17.56 -16.68 -34.82
CA VAL A 30 -16.80 -15.48 -34.45
C VAL A 30 -15.31 -15.83 -34.26
N LEU A 31 -15.05 -16.94 -33.55
CA LEU A 31 -13.69 -17.47 -33.36
C LEU A 31 -13.01 -17.83 -34.68
N ALA A 32 -13.82 -18.27 -35.66
CA ALA A 32 -13.35 -18.55 -37.01
C ALA A 32 -13.06 -17.28 -37.79
N GLU A 33 -13.92 -16.27 -37.62
CA GLU A 33 -13.74 -14.95 -38.25
C GLU A 33 -12.51 -14.22 -37.72
N LYS A 34 -12.27 -14.36 -36.42
CA LYS A 34 -11.09 -13.80 -35.76
C LYS A 34 -9.82 -14.60 -36.07
N GLY A 35 -10.00 -15.84 -36.50
CA GLY A 35 -8.90 -16.71 -36.89
C GLY A 35 -8.10 -17.25 -35.73
N VAL A 36 -8.72 -17.25 -34.54
CA VAL A 36 -8.03 -17.69 -33.33
C VAL A 36 -8.44 -19.13 -33.00
N GLY A 37 -7.45 -19.91 -32.59
CA GLY A 37 -7.65 -21.33 -32.31
C GLY A 37 -8.02 -21.58 -30.87
N VAL A 38 -8.88 -22.57 -30.68
CA VAL A 38 -9.52 -22.83 -29.40
C VAL A 38 -9.72 -24.34 -29.23
N GLU A 39 -9.39 -24.86 -28.05
CA GLU A 39 -9.79 -26.21 -27.64
C GLU A 39 -11.30 -26.23 -27.38
N ILE A 40 -12.05 -26.93 -28.24
CA ILE A 40 -13.51 -27.02 -28.11
C ILE A 40 -13.96 -28.34 -27.46
N THR A 41 -14.59 -28.23 -26.29
CA THR A 41 -15.17 -29.35 -25.56
C THR A 41 -16.67 -29.42 -25.79
N TYR A 42 -17.10 -30.45 -26.50
CA TYR A 42 -18.51 -30.60 -26.85
C TYR A 42 -19.32 -31.22 -25.72
N VAL A 43 -20.49 -30.64 -25.48
CA VAL A 43 -21.36 -31.05 -24.37
C VAL A 43 -22.75 -31.43 -24.84
N THR A 44 -23.28 -32.47 -24.20
CA THR A 44 -24.63 -32.95 -24.47
C THR A 44 -25.53 -32.61 -23.30
N ASP A 45 -26.84 -32.67 -23.53
CA ASP A 45 -27.84 -32.48 -22.48
C ASP A 45 -27.88 -33.69 -21.54
N GLU A 46 -27.37 -34.82 -22.03
CA GLU A 46 -27.23 -36.06 -21.28
C GLU A 46 -26.24 -35.92 -20.12
N SER A 47 -25.11 -35.24 -20.39
CA SER A 47 -24.01 -35.15 -19.42
C SER A 47 -23.23 -33.84 -19.57
N THR A 48 -23.02 -33.16 -18.45
CA THR A 48 -22.25 -31.91 -18.40
C THR A 48 -21.09 -32.06 -17.40
N PRO A 49 -19.83 -31.80 -17.85
CA PRO A 49 -18.58 -32.10 -17.12
C PRO A 49 -18.44 -31.36 -15.80
N GLU A 50 -17.56 -31.87 -14.94
CA GLU A 50 -17.36 -31.33 -13.59
C GLU A 50 -16.72 -29.95 -13.64
N ASP A 51 -15.86 -29.74 -14.65
CA ASP A 51 -15.22 -28.45 -14.89
C ASP A 51 -16.26 -27.39 -15.22
N LEU A 52 -17.16 -27.69 -16.16
CA LEU A 52 -18.21 -26.76 -16.59
C LEU A 52 -19.22 -26.47 -15.49
N LEU A 53 -19.50 -27.48 -14.68
CA LEU A 53 -20.45 -27.41 -13.57
C LEU A 53 -20.04 -26.40 -12.51
N GLN A 54 -18.73 -26.30 -12.27
CA GLN A 54 -18.17 -25.38 -11.28
C GLN A 54 -18.18 -23.92 -11.74
N LEU A 55 -18.03 -23.70 -13.04
CA LEU A 55 -17.85 -22.36 -13.60
C LEU A 55 -19.14 -21.70 -14.03
N ASN A 56 -20.11 -22.50 -14.46
CA ASN A 56 -21.43 -22.02 -14.87
C ASN A 56 -22.50 -22.55 -13.90
N PRO A 57 -23.29 -21.64 -13.29
CA PRO A 57 -24.32 -22.05 -12.35
C PRO A 57 -25.74 -22.09 -12.93
N TYR A 58 -25.86 -22.07 -14.25
CA TYR A 58 -27.15 -22.05 -14.92
C TYR A 58 -27.46 -23.37 -15.63
N PRO A 59 -28.75 -23.80 -15.61
CA PRO A 59 -29.31 -24.93 -16.35
C PRO A 59 -28.79 -25.08 -17.79
N GLU A 60 -28.82 -24.01 -18.57
CA GLU A 60 -28.26 -24.01 -19.92
C GLU A 60 -26.84 -23.42 -19.84
N ALA A 61 -25.84 -24.29 -19.91
CA ALA A 61 -24.45 -23.89 -19.66
C ALA A 61 -23.53 -23.91 -20.89
N LYS A 62 -24.12 -23.80 -22.09
CA LYS A 62 -23.37 -23.68 -23.33
C LYS A 62 -23.97 -22.60 -24.25
N PRO A 63 -23.12 -21.76 -24.90
CA PRO A 63 -21.66 -21.68 -24.89
C PRO A 63 -21.05 -21.14 -23.60
N THR A 64 -19.85 -21.62 -23.29
CA THR A 64 -19.05 -21.10 -22.18
C THR A 64 -17.58 -21.05 -22.62
N LEU A 65 -17.03 -19.84 -22.63
CA LEU A 65 -15.62 -19.63 -22.93
C LEU A 65 -14.85 -19.57 -21.62
N VAL A 66 -13.69 -20.23 -21.58
CA VAL A 66 -12.82 -20.22 -20.40
C VAL A 66 -11.41 -19.83 -20.80
N ASP A 67 -10.94 -18.70 -20.26
CA ASP A 67 -9.64 -18.15 -20.60
C ASP A 67 -8.92 -17.77 -19.31
N ARG A 68 -7.83 -18.50 -19.02
CA ARG A 68 -7.03 -18.37 -17.80
C ARG A 68 -7.86 -18.52 -16.52
N GLU A 69 -8.25 -17.38 -15.95
CA GLU A 69 -9.08 -17.34 -14.74
C GLU A 69 -10.44 -16.73 -15.04
N LEU A 70 -10.61 -16.25 -16.27
CA LEU A 70 -11.86 -15.65 -16.74
C LEU A 70 -12.77 -16.68 -17.40
N VAL A 71 -13.96 -16.84 -16.82
CA VAL A 71 -15.00 -17.63 -17.45
C VAL A 71 -16.11 -16.68 -17.91
N LEU A 72 -16.54 -16.83 -19.17
CA LEU A 72 -17.67 -16.07 -19.68
C LEU A 72 -18.78 -16.96 -20.24
N TYR A 73 -20.01 -16.68 -19.83
CA TYR A 73 -21.20 -17.23 -20.45
C TYR A 73 -22.05 -16.08 -21.00
N ASN A 74 -23.20 -16.44 -21.59
CA ASN A 74 -23.98 -15.60 -22.52
C ASN A 74 -23.23 -15.34 -23.83
N ALA A 75 -23.86 -15.72 -24.93
CA ALA A 75 -23.26 -15.68 -26.25
C ALA A 75 -22.88 -14.27 -26.69
N GLN A 76 -23.78 -13.30 -26.45
CA GLN A 76 -23.52 -11.90 -26.80
C GLN A 76 -22.36 -11.30 -26.01
N ILE A 77 -22.23 -11.69 -24.74
CA ILE A 77 -21.08 -11.33 -23.90
C ILE A 77 -19.77 -11.91 -24.47
N ILE A 78 -19.77 -13.22 -24.78
CA ILE A 78 -18.60 -13.90 -25.36
C ILE A 78 -18.22 -13.30 -26.73
N MET A 79 -19.20 -13.12 -27.60
CA MET A 79 -19.00 -12.51 -28.93
C MET A 79 -18.48 -11.07 -28.91
N GLU A 80 -18.90 -10.30 -27.91
CA GLU A 80 -18.40 -8.94 -27.74
C GLU A 80 -17.01 -8.94 -27.14
N TYR A 81 -16.72 -9.89 -26.25
CA TYR A 81 -15.38 -10.07 -25.69
C TYR A 81 -14.37 -10.41 -26.79
N LEU A 82 -14.76 -11.30 -27.69
CA LEU A 82 -13.90 -11.76 -28.77
C LEU A 82 -13.57 -10.64 -29.75
N ASP A 83 -14.56 -9.78 -30.02
CA ASP A 83 -14.38 -8.63 -30.91
C ASP A 83 -13.50 -7.53 -30.29
N GLU A 84 -13.50 -7.43 -28.97
CA GLU A 84 -12.73 -6.42 -28.23
C GLU A 84 -11.31 -6.86 -27.93
N ARG A 85 -11.15 -8.14 -27.63
CA ARG A 85 -9.84 -8.75 -27.36
C ARG A 85 -9.09 -9.08 -28.66
N PHE A 86 -9.83 -9.46 -29.71
CA PHE A 86 -9.25 -9.67 -31.04
C PHE A 86 -9.88 -8.71 -32.05
N PRO A 87 -9.29 -7.51 -32.22
CA PRO A 87 -9.86 -6.44 -33.06
C PRO A 87 -9.96 -6.71 -34.55
N HIS A 88 -9.16 -7.65 -35.05
CA HIS A 88 -9.06 -7.88 -36.50
C HIS A 88 -9.62 -9.20 -36.95
N PRO A 89 -10.64 -9.17 -37.83
CA PRO A 89 -11.33 -7.99 -38.37
C PRO A 89 -12.47 -7.49 -37.47
N PRO A 90 -12.83 -6.19 -37.56
CA PRO A 90 -13.94 -5.67 -36.74
C PRO A 90 -15.29 -6.22 -37.18
N LEU A 91 -16.03 -6.77 -36.22
CA LEU A 91 -17.37 -7.29 -36.46
C LEU A 91 -18.43 -6.36 -35.87
N MET A 92 -17.97 -5.26 -35.29
CA MET A 92 -18.84 -4.20 -34.81
C MET A 92 -18.44 -2.86 -35.48
N PRO A 93 -19.42 -1.97 -35.71
CA PRO A 93 -19.12 -0.62 -36.22
C PRO A 93 -18.33 0.24 -35.23
N VAL A 94 -17.85 1.40 -35.69
CA VAL A 94 -17.00 2.24 -34.84
C VAL A 94 -17.79 3.32 -34.10
N TYR A 95 -18.76 3.92 -34.79
CA TYR A 95 -19.55 5.03 -34.26
C TYR A 95 -20.70 4.53 -33.35
N PRO A 96 -20.95 5.24 -32.21
CA PRO A 96 -21.89 4.83 -31.15
C PRO A 96 -23.33 4.59 -31.59
N VAL A 97 -23.81 5.37 -32.56
CA VAL A 97 -25.19 5.27 -33.06
C VAL A 97 -25.39 3.94 -33.82
N ALA A 98 -24.43 3.61 -34.68
CA ALA A 98 -24.44 2.37 -35.46
C ALA A 98 -24.30 1.12 -34.59
N ARG A 99 -23.48 1.24 -33.55
CA ARG A 99 -23.28 0.20 -32.55
C ARG A 99 -24.55 -0.11 -31.74
N GLY A 100 -25.34 0.94 -31.47
CA GLY A 100 -26.60 0.82 -30.76
C GLY A 100 -27.68 0.14 -31.59
N THR A 101 -27.70 0.48 -32.89
CA THR A 101 -28.60 -0.15 -33.86
C THR A 101 -28.30 -1.63 -34.02
N SER A 102 -27.02 -1.95 -34.21
CA SER A 102 -26.52 -3.32 -34.34
C SER A 102 -26.91 -4.18 -33.15
N ARG A 103 -26.74 -3.64 -31.94
CA ARG A 103 -27.07 -4.33 -30.69
C ARG A 103 -28.57 -4.56 -30.55
N LEU A 104 -29.35 -3.60 -31.02
CA LEU A 104 -30.81 -3.68 -31.02
C LEU A 104 -31.32 -4.73 -32.03
N MET A 105 -30.71 -4.77 -33.22
CA MET A 105 -31.01 -5.79 -34.22
C MET A 105 -30.63 -7.19 -33.74
N MET A 106 -29.45 -7.30 -33.12
CA MET A 106 -29.02 -8.53 -32.43
C MET A 106 -29.97 -8.92 -31.29
N TYR A 107 -30.54 -7.92 -30.61
CA TYR A 107 -31.50 -8.16 -29.53
C TYR A 107 -32.83 -8.69 -30.09
N ARG A 108 -33.27 -8.12 -31.20
CA ARG A 108 -34.55 -8.48 -31.81
C ARG A 108 -34.53 -9.86 -32.51
N ILE A 109 -33.39 -10.22 -33.11
CA ILE A 109 -33.21 -11.55 -33.72
C ILE A 109 -33.38 -12.64 -32.64
N GLU A 110 -32.74 -12.44 -31.49
CA GLU A 110 -32.86 -13.36 -30.37
C GLU A 110 -34.24 -13.36 -29.69
N ARG A 111 -34.85 -12.18 -29.55
CA ARG A 111 -36.17 -12.07 -28.90
C ARG A 111 -37.31 -12.57 -29.78
N ASP A 112 -37.26 -12.26 -31.08
CA ASP A 112 -38.35 -12.59 -32.01
C ASP A 112 -38.18 -13.90 -32.76
N TRP A 113 -36.99 -14.20 -33.23
CA TRP A 113 -36.77 -15.31 -34.16
C TRP A 113 -36.21 -16.54 -33.51
N TYR A 114 -35.22 -16.35 -32.63
CA TYR A 114 -34.56 -17.44 -31.89
C TYR A 114 -35.52 -18.11 -30.91
N SER A 115 -36.50 -17.35 -30.45
CA SER A 115 -37.56 -17.83 -29.57
C SER A 115 -38.54 -18.74 -30.33
N LEU A 116 -38.79 -18.40 -31.59
CA LEU A 116 -39.64 -19.22 -32.46
C LEU A 116 -38.97 -20.53 -32.83
N ALA A 117 -37.65 -20.47 -33.03
CA ALA A 117 -36.83 -21.64 -33.38
C ALA A 117 -36.74 -22.66 -32.24
N GLU A 118 -36.92 -22.19 -31.01
CA GLU A 118 -37.06 -23.04 -29.82
C GLU A 118 -38.38 -23.81 -29.89
N LYS A 119 -39.43 -23.13 -30.35
CA LYS A 119 -40.78 -23.70 -30.45
C LYS A 119 -40.92 -24.68 -31.62
N ILE A 120 -40.20 -24.43 -32.70
CA ILE A 120 -40.20 -25.29 -33.89
C ILE A 120 -39.58 -26.65 -33.58
N GLN A 121 -38.43 -26.64 -32.91
CA GLN A 121 -37.72 -27.85 -32.50
C GLN A 121 -38.49 -28.71 -31.48
N LYS A 122 -39.41 -28.08 -30.76
CA LYS A 122 -40.37 -28.80 -29.91
C LYS A 122 -41.48 -29.39 -30.78
N ASN A 123 -42.54 -28.59 -31.00
CA ASN A 123 -43.73 -29.05 -31.72
C ASN A 123 -44.21 -28.05 -32.77
N ASP A 124 -44.31 -26.79 -32.35
CA ASP A 124 -45.07 -25.70 -33.02
C ASP A 124 -45.04 -25.58 -34.55
N ALA A 125 -46.22 -25.55 -35.13
CA ALA A 125 -46.40 -25.33 -36.56
C ALA A 125 -46.64 -23.85 -36.84
N GLN A 126 -47.17 -23.13 -35.86
CA GLN A 126 -47.40 -21.69 -35.95
C GLN A 126 -46.08 -20.92 -35.95
N ALA A 127 -45.11 -21.40 -35.17
CA ALA A 127 -43.78 -20.81 -35.08
C ALA A 127 -42.97 -20.96 -36.36
N ARG A 128 -43.24 -22.04 -37.10
CA ARG A 128 -42.69 -22.29 -38.43
C ARG A 128 -43.13 -21.23 -39.43
N GLN A 129 -44.43 -20.91 -39.41
CA GLN A 129 -45.01 -19.92 -40.31
C GLN A 129 -44.62 -18.49 -39.92
N GLU A 130 -44.51 -18.26 -38.61
CA GLU A 130 -44.20 -16.93 -38.06
C GLU A 130 -42.78 -16.51 -38.39
N LEU A 131 -41.86 -17.48 -38.34
CA LEU A 131 -40.47 -17.27 -38.73
C LEU A 131 -40.32 -17.07 -40.25
N LYS A 132 -41.14 -17.79 -41.02
CA LYS A 132 -41.22 -17.62 -42.47
C LYS A 132 -41.74 -16.23 -42.85
N GLU A 133 -42.80 -15.80 -42.16
CA GLU A 133 -43.40 -14.48 -42.35
C GLU A 133 -42.48 -13.34 -41.89
N GLY A 134 -41.66 -13.64 -40.89
CA GLY A 134 -40.69 -12.68 -40.37
C GLY A 134 -39.53 -12.40 -41.32
N ILE A 135 -38.95 -13.48 -41.85
CA ILE A 135 -37.78 -13.39 -42.74
C ILE A 135 -38.14 -12.77 -44.11
N LEU A 136 -39.27 -13.20 -44.67
CA LEU A 136 -39.74 -12.69 -45.97
C LEU A 136 -40.18 -11.22 -45.95
N SER A 137 -40.58 -10.72 -44.79
CA SER A 137 -40.95 -9.31 -44.62
C SER A 137 -39.72 -8.40 -44.49
N LEU A 138 -38.60 -8.98 -44.06
CA LEU A 138 -37.34 -8.23 -43.94
C LEU A 138 -36.49 -8.24 -45.22
N ALA A 139 -37.04 -8.86 -46.27
CA ALA A 139 -36.42 -8.94 -47.60
C ALA A 139 -36.03 -7.63 -48.31
N PRO A 140 -36.77 -6.49 -48.10
CA PRO A 140 -36.30 -5.25 -48.75
C PRO A 140 -34.97 -4.68 -48.25
N ILE A 141 -34.56 -5.02 -47.03
CA ILE A 141 -33.32 -4.50 -46.45
C ILE A 141 -32.07 -5.12 -47.08
N PHE A 142 -32.22 -6.34 -47.64
CA PHE A 142 -31.13 -7.07 -48.27
C PHE A 142 -30.84 -6.56 -49.68
N ALA A 143 -31.79 -5.82 -50.25
CA ALA A 143 -31.59 -5.13 -51.52
C ALA A 143 -30.69 -3.90 -51.35
N ASP A 144 -30.75 -3.31 -50.15
CA ASP A 144 -29.97 -2.12 -49.81
C ASP A 144 -28.48 -2.41 -49.64
N THR A 145 -28.17 -3.40 -48.79
CA THR A 145 -26.79 -3.72 -48.41
C THR A 145 -26.50 -5.21 -48.59
N PRO A 146 -25.21 -5.58 -48.88
CA PRO A 146 -24.81 -7.00 -49.01
C PRO A 146 -24.93 -7.82 -47.72
N TYR A 147 -24.83 -7.16 -46.57
CA TYR A 147 -25.03 -7.81 -45.27
C TYR A 147 -26.11 -7.06 -44.50
N PHE A 148 -26.62 -7.65 -43.41
CA PHE A 148 -27.78 -7.08 -42.69
C PHE A 148 -27.49 -5.70 -42.11
N MET A 149 -28.05 -4.69 -42.79
CA MET A 149 -27.90 -3.25 -42.46
C MET A 149 -26.43 -2.79 -42.36
N SER A 150 -25.58 -3.41 -43.16
CA SER A 150 -24.13 -3.21 -43.10
C SER A 150 -23.48 -3.53 -44.44
N GLU A 151 -22.46 -2.75 -44.79
CA GLU A 151 -21.71 -2.93 -46.03
C GLU A 151 -20.72 -4.10 -45.91
N GLU A 152 -20.31 -4.41 -44.69
CA GLU A 152 -19.42 -5.54 -44.42
C GLU A 152 -19.99 -6.53 -43.41
N PHE A 153 -19.32 -7.68 -43.25
CA PHE A 153 -19.76 -8.76 -42.38
C PHE A 153 -19.63 -8.37 -40.90
N SER A 154 -20.77 -8.33 -40.21
CA SER A 154 -20.83 -7.96 -38.80
C SER A 154 -21.37 -9.08 -37.92
N LEU A 155 -21.47 -8.82 -36.61
CA LEU A 155 -22.06 -9.73 -35.63
C LEU A 155 -23.56 -9.97 -35.83
N VAL A 156 -24.23 -9.06 -36.55
CA VAL A 156 -25.64 -9.20 -36.89
C VAL A 156 -25.82 -10.36 -37.86
N ASP A 157 -24.87 -10.50 -38.78
CA ASP A 157 -24.80 -11.65 -39.69
C ASP A 157 -24.42 -12.93 -38.94
N CYS A 158 -23.67 -12.78 -37.84
CA CYS A 158 -23.37 -13.89 -36.93
C CYS A 158 -24.57 -14.35 -36.10
N TYR A 159 -25.65 -13.56 -36.12
CA TYR A 159 -26.94 -13.98 -35.56
C TYR A 159 -27.80 -14.69 -36.60
N LEU A 160 -27.64 -14.30 -37.85
CA LEU A 160 -28.46 -14.82 -38.95
C LEU A 160 -27.95 -16.13 -39.57
N ALA A 161 -26.63 -16.27 -39.64
CA ALA A 161 -25.99 -17.45 -40.23
C ALA A 161 -26.27 -18.81 -39.55
N PRO A 162 -26.32 -18.87 -38.19
CA PRO A 162 -26.83 -20.13 -37.61
C PRO A 162 -28.32 -20.36 -37.81
N LEU A 163 -29.08 -19.28 -37.94
CA LEU A 163 -30.54 -19.35 -38.08
C LEU A 163 -30.98 -19.82 -39.47
N LEU A 164 -30.43 -19.19 -40.50
CA LEU A 164 -30.84 -19.45 -41.88
C LEU A 164 -30.28 -20.76 -42.44
N TRP A 165 -29.25 -21.29 -41.78
CA TRP A 165 -28.66 -22.59 -42.12
C TRP A 165 -29.57 -23.71 -41.76
N ARG A 166 -30.27 -23.54 -40.64
CA ARG A 166 -31.17 -24.54 -40.08
C ARG A 166 -32.60 -24.41 -40.63
N LEU A 167 -32.76 -23.56 -41.65
CA LEU A 167 -34.06 -23.29 -42.26
C LEU A 167 -34.70 -24.49 -43.01
N PRO A 168 -33.90 -25.36 -43.67
CA PRO A 168 -34.47 -26.65 -44.08
C PRO A 168 -34.89 -27.56 -42.91
N ALA A 169 -34.13 -27.54 -41.82
CA ALA A 169 -34.44 -28.34 -40.62
C ALA A 169 -35.63 -27.80 -39.83
N TYR A 170 -35.91 -26.50 -39.96
CA TYR A 170 -37.10 -25.90 -39.36
C TYR A 170 -38.34 -26.20 -40.20
N GLY A 171 -38.14 -26.51 -41.48
CA GLY A 171 -39.23 -26.80 -42.41
C GLY A 171 -39.75 -25.53 -43.06
N ILE A 172 -38.85 -24.59 -43.31
CA ILE A 172 -39.18 -23.33 -43.97
C ILE A 172 -38.45 -23.28 -45.30
N ASP A 173 -39.22 -23.20 -46.39
CA ASP A 173 -38.66 -23.08 -47.72
C ASP A 173 -38.92 -21.69 -48.29
N LEU A 174 -38.02 -21.25 -49.17
CA LEU A 174 -38.09 -19.92 -49.81
C LEU A 174 -39.36 -19.73 -50.66
N GLU A 175 -40.27 -18.89 -50.16
CA GLU A 175 -41.62 -18.82 -50.68
C GLU A 175 -41.97 -17.44 -51.23
N GLY A 176 -42.49 -17.42 -52.46
CA GLY A 176 -43.01 -16.20 -53.09
C GLY A 176 -41.97 -15.14 -53.42
N GLN A 177 -42.42 -13.89 -53.46
CA GLN A 177 -41.56 -12.75 -53.72
C GLN A 177 -40.71 -12.38 -52.50
N GLY A 178 -39.56 -11.78 -52.75
CA GLY A 178 -38.62 -11.40 -51.69
C GLY A 178 -37.56 -12.44 -51.41
N ALA A 179 -37.88 -13.70 -51.71
CA ALA A 179 -37.03 -14.87 -51.44
C ALA A 179 -35.78 -14.97 -52.32
N LYS A 180 -35.77 -14.20 -53.42
CA LYS A 180 -34.61 -14.07 -54.30
C LYS A 180 -33.47 -13.37 -53.56
N GLU A 181 -33.81 -12.29 -52.85
CA GLU A 181 -32.87 -11.49 -52.07
C GLU A 181 -32.35 -12.23 -50.82
N ILE A 182 -33.22 -13.03 -50.20
CA ILE A 182 -32.90 -13.81 -49.01
C ILE A 182 -31.86 -14.89 -49.33
N LYS A 183 -32.11 -15.65 -50.40
CA LYS A 183 -31.27 -16.77 -50.81
C LYS A 183 -29.93 -16.29 -51.35
N GLN A 184 -29.92 -15.12 -51.98
CA GLN A 184 -28.70 -14.50 -52.49
C GLN A 184 -27.80 -14.04 -51.34
N TYR A 185 -28.42 -13.54 -50.26
CA TYR A 185 -27.73 -13.20 -49.03
C TYR A 185 -27.25 -14.48 -48.31
N MET A 186 -28.10 -15.50 -48.31
CA MET A 186 -27.78 -16.79 -47.69
C MET A 186 -26.59 -17.46 -48.35
N VAL A 187 -26.53 -17.42 -49.68
CA VAL A 187 -25.43 -18.00 -50.43
C VAL A 187 -24.13 -17.17 -50.30
N ARG A 188 -24.29 -15.86 -50.04
CA ARG A 188 -23.18 -14.97 -49.73
C ARG A 188 -22.62 -15.30 -48.35
N LEU A 189 -23.51 -15.71 -47.45
CA LEU A 189 -23.18 -16.01 -46.08
C LEU A 189 -22.57 -17.39 -45.89
N PHE A 190 -23.13 -18.39 -46.57
CA PHE A 190 -22.73 -19.79 -46.37
C PHE A 190 -21.44 -20.15 -47.11
N GLU A 191 -21.12 -19.40 -48.16
CA GLU A 191 -19.92 -19.65 -48.96
C GLU A 191 -18.65 -18.99 -48.41
N ARG A 192 -18.76 -18.38 -47.24
CA ARG A 192 -17.61 -17.86 -46.50
C ARG A 192 -16.87 -19.05 -45.90
N LYS A 193 -15.56 -19.09 -46.11
CA LYS A 193 -14.70 -20.18 -45.63
C LYS A 193 -14.69 -20.29 -44.10
N THR A 194 -14.90 -19.15 -43.44
CA THR A 194 -15.06 -19.08 -41.99
C THR A 194 -16.32 -19.79 -41.51
N PHE A 195 -17.42 -19.65 -42.27
CA PHE A 195 -18.69 -20.29 -41.92
C PHE A 195 -18.63 -21.81 -42.02
N GLN A 196 -18.04 -22.31 -43.10
CA GLN A 196 -17.91 -23.74 -43.34
C GLN A 196 -16.95 -24.41 -42.36
N ASP A 197 -15.92 -23.68 -41.95
CA ASP A 197 -14.98 -24.15 -40.93
C ASP A 197 -15.58 -24.18 -39.51
N SER A 198 -16.56 -23.32 -39.28
CA SER A 198 -17.22 -23.22 -37.97
C SER A 198 -18.25 -24.31 -37.71
N LEU A 199 -18.71 -24.95 -38.80
CA LEU A 199 -19.73 -25.99 -38.74
C LEU A 199 -19.21 -27.31 -38.15
N THR A 200 -20.02 -27.91 -37.29
CA THR A 200 -19.79 -29.26 -36.79
C THR A 200 -20.38 -30.27 -37.78
N GLU A 201 -20.06 -31.55 -37.58
CA GLU A 201 -20.57 -32.64 -38.42
C GLU A 201 -22.08 -32.80 -38.32
N GLU A 202 -22.62 -32.55 -37.12
CA GLU A 202 -24.06 -32.54 -36.84
C GLU A 202 -24.77 -31.43 -37.62
N GLU A 203 -24.16 -30.25 -37.63
CA GLU A 203 -24.71 -29.08 -38.32
C GLU A 203 -24.64 -29.20 -39.84
N LYS A 204 -23.61 -29.91 -40.32
CA LYS A 204 -23.46 -30.22 -41.75
C LYS A 204 -24.53 -31.20 -42.22
N GLU A 205 -24.89 -32.14 -41.35
CA GLU A 205 -25.88 -33.18 -41.64
C GLU A 205 -27.33 -32.68 -41.72
N LEU A 206 -27.59 -31.47 -41.24
CA LEU A 206 -28.91 -30.84 -41.35
C LEU A 206 -29.19 -30.37 -42.77
N ALA A 207 -28.12 -29.99 -43.48
CA ALA A 207 -28.20 -29.45 -44.83
C ALA A 207 -28.60 -30.48 -45.88
N ARG A 208 -28.04 -31.68 -45.76
CA ARG A 208 -28.23 -32.75 -46.74
C ARG A 208 -29.47 -33.60 -46.49
N ASN A 209 -29.84 -33.75 -45.22
CA ASN A 209 -30.96 -34.61 -44.81
C ASN A 209 -32.30 -33.89 -44.66
N ALA A 210 -32.38 -32.67 -45.21
CA ALA A 210 -33.61 -31.88 -45.19
C ALA A 210 -33.74 -31.02 -46.44
N ARG B 10 -36.90 20.46 -29.50
CA ARG B 10 -35.49 20.88 -29.26
C ARG B 10 -34.49 19.82 -29.76
N SER B 11 -33.22 20.22 -29.87
CA SER B 11 -32.13 19.32 -30.26
C SER B 11 -31.52 18.62 -29.03
N VAL B 12 -32.38 17.86 -28.35
CA VAL B 12 -32.08 17.22 -27.07
C VAL B 12 -32.74 15.85 -27.09
N MET B 13 -32.06 14.84 -26.54
CA MET B 13 -32.58 13.47 -26.44
C MET B 13 -33.89 13.39 -25.65
N THR B 14 -34.78 12.51 -26.08
CA THR B 14 -36.03 12.26 -25.38
C THR B 14 -35.97 10.90 -24.69
N LEU B 15 -36.29 10.88 -23.40
CA LEU B 15 -36.36 9.63 -22.63
C LEU B 15 -37.76 9.35 -22.12
N TYR B 16 -38.33 8.25 -22.59
CA TYR B 16 -39.55 7.69 -22.04
C TYR B 16 -39.16 6.84 -20.84
N SER B 17 -39.53 7.31 -19.66
CA SER B 17 -39.08 6.70 -18.42
C SER B 17 -40.24 6.30 -17.51
N GLY B 18 -40.01 5.28 -16.68
CA GLY B 18 -40.91 4.95 -15.59
C GLY B 18 -40.65 5.90 -14.43
N LYS B 19 -41.67 6.06 -13.58
CA LYS B 19 -41.56 6.92 -12.41
C LYS B 19 -40.94 6.18 -11.21
N ASP B 20 -41.09 4.85 -11.21
CA ASP B 20 -40.64 4.02 -10.10
C ASP B 20 -39.91 2.77 -10.62
N ASP B 21 -39.82 2.67 -11.95
CA ASP B 21 -39.17 1.56 -12.62
C ASP B 21 -37.67 1.46 -12.31
N LEU B 22 -37.28 0.25 -11.90
CA LEU B 22 -35.90 -0.09 -11.51
C LEU B 22 -34.87 0.06 -12.66
N LYS B 23 -35.31 -0.23 -13.89
CA LYS B 23 -34.47 -0.14 -15.09
C LYS B 23 -34.41 1.26 -15.69
N SER B 24 -35.46 2.04 -15.47
CA SER B 24 -35.51 3.45 -15.89
C SER B 24 -34.62 4.30 -15.00
N HIS B 25 -34.53 3.91 -13.73
CA HIS B 25 -33.65 4.57 -12.76
C HIS B 25 -32.20 4.42 -13.11
N GLN B 26 -31.84 3.26 -13.66
CA GLN B 26 -30.48 3.01 -14.18
C GLN B 26 -30.10 4.04 -15.22
N VAL B 27 -30.93 4.16 -16.27
CA VAL B 27 -30.72 5.11 -17.38
C VAL B 27 -30.63 6.56 -16.90
N ARG B 28 -31.55 6.95 -16.01
CA ARG B 28 -31.54 8.26 -15.36
C ARG B 28 -30.27 8.53 -14.54
N LEU B 29 -29.79 7.52 -13.81
CA LEU B 29 -28.53 7.59 -13.08
C LEU B 29 -27.33 7.75 -14.02
N VAL B 30 -27.34 7.04 -15.14
CA VAL B 30 -26.26 7.08 -16.14
C VAL B 30 -26.21 8.45 -16.83
N LEU B 31 -27.38 8.98 -17.22
CA LEU B 31 -27.49 10.32 -17.80
C LEU B 31 -27.04 11.42 -16.83
N ALA B 32 -27.31 11.23 -15.54
CA ALA B 32 -26.83 12.15 -14.49
C ALA B 32 -25.31 12.07 -14.33
N GLU B 33 -24.78 10.85 -14.40
CA GLU B 33 -23.34 10.61 -14.30
C GLU B 33 -22.59 11.18 -15.51
N LYS B 34 -23.26 11.20 -16.66
CA LYS B 34 -22.68 11.78 -17.87
C LYS B 34 -22.87 13.28 -17.91
N GLY B 35 -23.79 13.78 -17.09
CA GLY B 35 -24.08 15.21 -16.98
C GLY B 35 -24.82 15.81 -18.17
N VAL B 36 -25.52 14.95 -18.92
CA VAL B 36 -26.24 15.36 -20.11
C VAL B 36 -27.72 15.63 -19.81
N GLY B 37 -28.22 16.71 -20.39
CA GLY B 37 -29.62 17.11 -20.20
C GLY B 37 -30.51 16.42 -21.21
N VAL B 38 -31.62 15.90 -20.70
CA VAL B 38 -32.53 15.05 -21.48
C VAL B 38 -33.97 15.49 -21.17
N GLU B 39 -34.84 15.48 -22.18
CA GLU B 39 -36.26 15.71 -21.98
C GLU B 39 -36.91 14.39 -21.54
N ILE B 40 -37.41 14.34 -20.31
CA ILE B 40 -38.01 13.11 -19.76
C ILE B 40 -39.54 13.15 -19.77
N THR B 41 -40.13 12.25 -20.54
CA THR B 41 -41.57 12.01 -20.55
C THR B 41 -41.87 10.76 -19.74
N TYR B 42 -42.58 10.94 -18.62
CA TYR B 42 -42.88 9.82 -17.73
C TYR B 42 -44.10 9.04 -18.17
N VAL B 43 -43.99 7.71 -18.13
CA VAL B 43 -45.04 6.80 -18.62
C VAL B 43 -45.55 5.84 -17.53
N THR B 44 -46.86 5.64 -17.51
CA THR B 44 -47.49 4.74 -16.55
C THR B 44 -47.98 3.46 -17.22
N ASP B 45 -48.28 2.46 -16.40
CA ASP B 45 -48.89 1.21 -16.87
C ASP B 45 -50.36 1.42 -17.26
N GLU B 46 -50.97 2.45 -16.67
CA GLU B 46 -52.35 2.86 -16.97
C GLU B 46 -52.50 3.34 -18.40
N SER B 47 -51.58 4.21 -18.83
CA SER B 47 -51.58 4.74 -20.20
C SER B 47 -50.16 4.89 -20.75
N THR B 48 -49.90 4.22 -21.87
CA THR B 48 -48.66 4.38 -22.61
C THR B 48 -48.94 5.17 -23.89
N PRO B 49 -48.35 6.38 -24.03
CA PRO B 49 -48.51 7.33 -25.14
C PRO B 49 -48.41 6.73 -26.55
N GLU B 50 -49.15 7.35 -27.48
CA GLU B 50 -49.23 6.92 -28.88
C GLU B 50 -47.89 7.02 -29.59
N ASP B 51 -47.10 8.03 -29.21
CA ASP B 51 -45.76 8.25 -29.73
C ASP B 51 -44.83 7.09 -29.39
N LEU B 52 -44.84 6.68 -28.12
CA LEU B 52 -44.07 5.53 -27.64
C LEU B 52 -44.61 4.20 -28.18
N LEU B 53 -45.93 4.14 -28.39
CA LEU B 53 -46.63 2.95 -28.88
C LEU B 53 -46.13 2.48 -30.25
N GLN B 54 -45.77 3.44 -31.11
CA GLN B 54 -45.21 3.16 -32.43
C GLN B 54 -43.70 2.93 -32.38
N LEU B 55 -43.01 3.64 -31.47
CA LEU B 55 -41.55 3.56 -31.33
C LEU B 55 -41.04 2.29 -30.67
N ASN B 56 -41.84 1.74 -29.74
CA ASN B 56 -41.50 0.51 -29.03
C ASN B 56 -42.55 -0.58 -29.25
N PRO B 57 -42.19 -1.64 -30.01
CA PRO B 57 -43.09 -2.75 -30.36
C PRO B 57 -43.38 -3.72 -29.21
N TYR B 58 -42.54 -3.71 -28.18
CA TYR B 58 -42.64 -4.68 -27.09
C TYR B 58 -43.51 -4.18 -25.92
N PRO B 59 -44.33 -5.09 -25.32
CA PRO B 59 -45.18 -4.90 -24.15
C PRO B 59 -44.61 -3.98 -23.07
N GLU B 60 -43.40 -4.29 -22.60
CA GLU B 60 -42.69 -3.41 -21.68
C GLU B 60 -42.02 -2.31 -22.50
N ALA B 61 -42.43 -1.07 -22.25
CA ALA B 61 -42.05 0.06 -23.11
C ALA B 61 -41.01 1.02 -22.51
N LYS B 62 -40.83 0.95 -21.19
CA LYS B 62 -39.85 1.81 -20.50
C LYS B 62 -38.61 1.00 -20.06
N PRO B 63 -37.40 1.58 -20.16
CA PRO B 63 -37.06 2.87 -20.78
C PRO B 63 -36.85 2.82 -22.29
N THR B 64 -37.23 3.91 -22.95
CA THR B 64 -36.95 4.12 -24.37
C THR B 64 -36.28 5.49 -24.54
N LEU B 65 -35.12 5.48 -25.21
CA LEU B 65 -34.40 6.70 -25.54
C LEU B 65 -34.55 7.00 -27.03
N VAL B 66 -35.00 8.21 -27.35
CA VAL B 66 -35.13 8.66 -28.73
C VAL B 66 -34.16 9.81 -28.98
N ASP B 67 -33.41 9.72 -30.08
CA ASP B 67 -32.40 10.70 -30.44
C ASP B 67 -32.32 10.83 -31.96
N ARG B 68 -32.78 11.98 -32.46
CA ARG B 68 -32.80 12.34 -33.92
C ARG B 68 -33.50 11.27 -34.77
N GLU B 69 -32.69 10.36 -35.31
CA GLU B 69 -33.15 9.24 -36.14
C GLU B 69 -33.22 7.97 -35.31
N LEU B 70 -32.27 7.83 -34.38
CA LEU B 70 -32.07 6.63 -33.59
C LEU B 70 -33.01 6.48 -32.40
N VAL B 71 -33.74 5.37 -32.37
CA VAL B 71 -34.58 4.99 -31.23
C VAL B 71 -34.01 3.71 -30.60
N LEU B 72 -33.85 3.72 -29.27
CA LEU B 72 -33.30 2.59 -28.54
C LEU B 72 -34.13 2.19 -27.34
N TYR B 73 -34.35 0.88 -27.20
CA TYR B 73 -34.91 0.30 -25.98
C TYR B 73 -33.94 -0.77 -25.48
N ASN B 74 -34.36 -1.49 -24.43
CA ASN B 74 -33.48 -2.34 -23.59
C ASN B 74 -32.41 -1.53 -22.86
N ALA B 75 -32.50 -1.53 -21.53
CA ALA B 75 -31.76 -0.60 -20.67
C ALA B 75 -30.23 -0.68 -20.79
N GLN B 76 -29.68 -1.88 -20.99
CA GLN B 76 -28.21 -2.00 -21.10
C GLN B 76 -27.69 -1.52 -22.45
N ILE B 77 -28.49 -1.74 -23.50
CA ILE B 77 -28.20 -1.19 -24.83
C ILE B 77 -28.11 0.35 -24.77
N ILE B 78 -29.08 0.97 -24.08
CA ILE B 78 -29.09 2.41 -23.82
C ILE B 78 -27.87 2.85 -23.00
N MET B 79 -27.63 2.20 -21.87
CA MET B 79 -26.48 2.48 -20.98
C MET B 79 -25.10 2.34 -21.66
N GLU B 80 -24.96 1.37 -22.55
CA GLU B 80 -23.70 1.18 -23.27
C GLU B 80 -23.54 2.23 -24.36
N TYR B 81 -24.65 2.60 -25.02
CA TYR B 81 -24.69 3.68 -26.01
C TYR B 81 -24.29 5.01 -25.39
N LEU B 82 -24.84 5.31 -24.22
CA LEU B 82 -24.51 6.52 -23.46
C LEU B 82 -23.05 6.60 -23.05
N ASP B 83 -22.46 5.44 -22.75
CA ASP B 83 -21.04 5.35 -22.41
C ASP B 83 -20.13 5.48 -23.63
N GLU B 84 -20.65 5.11 -24.80
CA GLU B 84 -19.89 5.20 -26.04
C GLU B 84 -20.02 6.56 -26.72
N ARG B 85 -21.22 7.15 -26.61
CA ARG B 85 -21.50 8.48 -27.14
C ARG B 85 -20.90 9.58 -26.24
N PHE B 86 -21.01 9.40 -24.92
CA PHE B 86 -20.47 10.35 -23.94
C PHE B 86 -19.41 9.66 -23.07
N PRO B 87 -18.13 9.74 -23.47
CA PRO B 87 -17.06 9.00 -22.78
C PRO B 87 -16.66 9.46 -21.38
N HIS B 88 -17.11 10.65 -20.98
CA HIS B 88 -16.61 11.24 -19.74
C HIS B 88 -17.67 11.48 -18.70
N PRO B 89 -17.49 10.91 -17.48
CA PRO B 89 -16.45 9.97 -17.04
C PRO B 89 -16.71 8.52 -17.50
N PRO B 90 -15.63 7.70 -17.63
CA PRO B 90 -15.77 6.29 -18.03
C PRO B 90 -16.59 5.45 -17.05
N LEU B 91 -17.64 4.80 -17.56
CA LEU B 91 -18.47 3.93 -16.71
C LEU B 91 -18.26 2.45 -16.99
N MET B 92 -17.31 2.17 -17.89
CA MET B 92 -16.87 0.80 -18.20
C MET B 92 -15.33 0.74 -18.12
N PRO B 93 -14.76 -0.46 -17.85
CA PRO B 93 -13.29 -0.55 -17.88
C PRO B 93 -12.75 -0.52 -19.32
N VAL B 94 -11.42 -0.50 -19.44
CA VAL B 94 -10.78 -0.25 -20.74
C VAL B 94 -10.41 -1.57 -21.41
N TYR B 95 -9.84 -2.47 -20.61
CA TYR B 95 -9.30 -3.75 -21.09
C TYR B 95 -10.40 -4.83 -21.18
N PRO B 96 -10.38 -5.68 -22.24
CA PRO B 96 -11.52 -6.51 -22.63
C PRO B 96 -11.92 -7.61 -21.65
N VAL B 97 -10.93 -8.09 -20.88
CA VAL B 97 -11.12 -9.07 -19.82
C VAL B 97 -11.99 -8.47 -18.70
N ALA B 98 -11.62 -7.27 -18.25
CA ALA B 98 -12.37 -6.55 -17.22
C ALA B 98 -13.76 -6.13 -17.69
N ARG B 99 -13.86 -5.79 -18.97
CA ARG B 99 -15.15 -5.48 -19.62
C ARG B 99 -16.06 -6.69 -19.73
N GLY B 100 -15.47 -7.87 -19.93
CA GLY B 100 -16.21 -9.12 -19.98
C GLY B 100 -16.82 -9.45 -18.62
N THR B 101 -15.98 -9.43 -17.59
CA THR B 101 -16.39 -9.58 -16.19
C THR B 101 -17.50 -8.60 -15.78
N SER B 102 -17.34 -7.33 -16.16
CA SER B 102 -18.33 -6.26 -15.90
C SER B 102 -19.68 -6.56 -16.51
N ARG B 103 -19.68 -6.97 -17.78
CA ARG B 103 -20.90 -7.34 -18.50
C ARG B 103 -21.56 -8.57 -17.91
N LEU B 104 -20.74 -9.53 -17.47
CA LEU B 104 -21.20 -10.78 -16.87
C LEU B 104 -21.87 -10.55 -15.53
N MET B 105 -21.29 -9.67 -14.71
CA MET B 105 -21.88 -9.28 -13.43
C MET B 105 -23.20 -8.55 -13.63
N MET B 106 -23.26 -7.68 -14.65
CA MET B 106 -24.49 -6.99 -15.03
C MET B 106 -25.57 -7.99 -15.46
N TYR B 107 -25.17 -9.02 -16.22
CA TYR B 107 -26.07 -10.11 -16.66
C TYR B 107 -26.63 -10.89 -15.48
N ARG B 108 -25.76 -11.24 -14.54
CA ARG B 108 -26.14 -12.00 -13.37
C ARG B 108 -26.95 -11.20 -12.34
N ILE B 109 -26.80 -9.87 -12.34
CA ILE B 109 -27.58 -9.00 -11.45
C ILE B 109 -29.03 -8.93 -11.96
N GLU B 110 -29.20 -8.74 -13.27
CA GLU B 110 -30.53 -8.76 -13.89
C GLU B 110 -31.24 -10.12 -13.84
N ARG B 111 -30.48 -11.21 -14.02
CA ARG B 111 -31.05 -12.56 -14.03
C ARG B 111 -31.40 -13.06 -12.62
N ASP B 112 -30.48 -12.93 -11.67
CA ASP B 112 -30.64 -13.51 -10.34
C ASP B 112 -31.31 -12.62 -9.30
N TRP B 113 -31.22 -11.30 -9.48
CA TRP B 113 -31.66 -10.37 -8.42
C TRP B 113 -32.77 -9.44 -8.79
N TYR B 114 -32.78 -8.97 -10.04
CA TYR B 114 -33.84 -8.10 -10.54
C TYR B 114 -35.14 -8.87 -10.72
N SER B 115 -34.99 -10.16 -11.03
CA SER B 115 -36.09 -11.12 -11.10
C SER B 115 -36.70 -11.38 -9.72
N LEU B 116 -35.84 -11.53 -8.71
CA LEU B 116 -36.28 -11.71 -7.32
C LEU B 116 -37.10 -10.53 -6.81
N ALA B 117 -36.65 -9.31 -7.15
CA ALA B 117 -37.31 -8.07 -6.77
C ALA B 117 -38.75 -7.95 -7.30
N GLU B 118 -38.97 -8.49 -8.50
CA GLU B 118 -40.29 -8.55 -9.12
C GLU B 118 -41.24 -9.41 -8.28
N LYS B 119 -40.71 -10.52 -7.77
CA LYS B 119 -41.42 -11.41 -6.87
C LYS B 119 -41.63 -10.79 -5.48
N ILE B 120 -40.66 -10.00 -5.02
CA ILE B 120 -40.72 -9.30 -3.73
C ILE B 120 -41.81 -8.21 -3.71
N GLN B 121 -42.04 -7.59 -4.87
CA GLN B 121 -43.17 -6.66 -5.03
C GLN B 121 -44.53 -7.36 -5.03
N LYS B 122 -44.54 -8.65 -5.38
CA LYS B 122 -45.71 -9.53 -5.22
C LYS B 122 -45.66 -10.31 -3.89
N ASN B 123 -44.90 -9.77 -2.95
CA ASN B 123 -44.78 -10.22 -1.55
C ASN B 123 -44.29 -11.65 -1.29
N ASP B 124 -43.41 -12.13 -2.19
CA ASP B 124 -42.72 -13.41 -2.04
C ASP B 124 -41.67 -13.27 -0.93
N ALA B 125 -41.79 -14.13 0.08
CA ALA B 125 -40.92 -14.07 1.25
C ALA B 125 -39.68 -14.93 1.08
N GLN B 126 -39.73 -15.88 0.14
CA GLN B 126 -38.57 -16.70 -0.18
C GLN B 126 -37.58 -15.85 -0.96
N ALA B 127 -38.11 -15.10 -1.94
CA ALA B 127 -37.34 -14.17 -2.77
C ALA B 127 -36.72 -13.03 -1.96
N ARG B 128 -37.44 -12.57 -0.93
CA ARG B 128 -36.98 -11.54 0.00
C ARG B 128 -35.77 -12.02 0.80
N GLN B 129 -35.83 -13.27 1.25
CA GLN B 129 -34.73 -13.85 2.02
C GLN B 129 -33.54 -14.19 1.12
N GLU B 130 -33.85 -14.61 -0.11
CA GLU B 130 -32.85 -14.97 -1.11
C GLU B 130 -32.03 -13.75 -1.56
N LEU B 131 -32.71 -12.61 -1.76
CA LEU B 131 -32.05 -11.35 -2.15
C LEU B 131 -31.19 -10.78 -1.03
N LYS B 132 -31.68 -10.84 0.21
CA LYS B 132 -30.94 -10.40 1.39
C LYS B 132 -29.66 -11.23 1.57
N GLU B 133 -29.77 -12.55 1.42
CA GLU B 133 -28.64 -13.47 1.56
C GLU B 133 -27.59 -13.26 0.47
N GLY B 134 -28.07 -12.94 -0.73
CA GLY B 134 -27.20 -12.67 -1.87
C GLY B 134 -26.45 -11.35 -1.74
N ILE B 135 -27.15 -10.31 -1.31
CA ILE B 135 -26.58 -8.98 -1.09
C ILE B 135 -25.48 -9.01 -0.02
N LEU B 136 -25.76 -9.72 1.08
CA LEU B 136 -24.81 -9.83 2.20
C LEU B 136 -23.58 -10.67 1.89
N SER B 137 -23.66 -11.52 0.86
CA SER B 137 -22.54 -12.34 0.41
C SER B 137 -21.48 -11.54 -0.39
N LEU B 138 -21.87 -10.36 -0.86
CA LEU B 138 -20.96 -9.45 -1.58
C LEU B 138 -19.98 -8.69 -0.70
N ALA B 139 -20.13 -8.82 0.62
CA ALA B 139 -19.30 -8.10 1.59
C ALA B 139 -17.76 -8.21 1.46
N PRO B 140 -17.22 -9.42 1.17
CA PRO B 140 -15.76 -9.46 0.96
C PRO B 140 -15.22 -8.77 -0.30
N ILE B 141 -16.08 -8.44 -1.27
CA ILE B 141 -15.68 -7.60 -2.42
C ILE B 141 -15.33 -6.17 -1.96
N PHE B 142 -16.18 -5.62 -1.09
CA PHE B 142 -16.06 -4.23 -0.66
C PHE B 142 -15.01 -3.98 0.45
N ALA B 143 -14.27 -5.03 0.80
CA ALA B 143 -13.07 -4.90 1.61
C ALA B 143 -11.83 -4.75 0.71
N ASP B 144 -12.00 -5.03 -0.58
CA ASP B 144 -10.95 -4.86 -1.57
C ASP B 144 -11.08 -3.55 -2.35
N THR B 145 -12.23 -3.37 -3.01
CA THR B 145 -12.50 -2.19 -3.85
C THR B 145 -13.70 -1.40 -3.30
N PRO B 146 -13.63 -0.05 -3.34
CA PRO B 146 -14.73 0.81 -2.87
C PRO B 146 -16.03 0.64 -3.67
N TYR B 147 -15.90 0.25 -4.94
CA TYR B 147 -17.04 -0.04 -5.80
C TYR B 147 -17.01 -1.52 -6.22
N PHE B 148 -18.00 -1.96 -6.99
CA PHE B 148 -18.07 -3.38 -7.34
C PHE B 148 -16.94 -3.78 -8.27
N MET B 149 -15.98 -4.52 -7.71
CA MET B 149 -14.80 -5.07 -8.42
C MET B 149 -14.03 -4.01 -9.23
N SER B 150 -13.94 -2.81 -8.65
CA SER B 150 -13.45 -1.62 -9.35
C SER B 150 -13.14 -0.50 -8.36
N GLU B 151 -12.03 0.18 -8.61
CA GLU B 151 -11.63 1.33 -7.80
C GLU B 151 -12.49 2.55 -8.13
N GLU B 152 -13.03 2.58 -9.34
CA GLU B 152 -13.90 3.66 -9.80
C GLU B 152 -15.35 3.20 -9.96
N PHE B 153 -16.28 4.11 -9.73
CA PHE B 153 -17.72 3.90 -9.95
C PHE B 153 -17.96 3.55 -11.42
N SER B 154 -18.73 2.48 -11.64
CA SER B 154 -19.00 1.95 -12.99
C SER B 154 -20.48 1.63 -13.21
N LEU B 155 -20.80 1.08 -14.38
CA LEU B 155 -22.16 0.66 -14.75
C LEU B 155 -22.73 -0.48 -13.90
N VAL B 156 -21.84 -1.25 -13.28
CA VAL B 156 -22.24 -2.35 -12.38
C VAL B 156 -22.85 -1.77 -11.11
N ASP B 157 -22.28 -0.64 -10.65
CA ASP B 157 -22.85 0.13 -9.55
C ASP B 157 -24.18 0.80 -9.96
N CYS B 158 -24.36 1.08 -11.24
CA CYS B 158 -25.66 1.53 -11.77
C CYS B 158 -26.72 0.41 -11.84
N TYR B 159 -26.29 -0.83 -11.67
CA TYR B 159 -27.23 -1.94 -11.49
C TYR B 159 -27.60 -2.10 -10.02
N LEU B 160 -26.61 -1.99 -9.14
CA LEU B 160 -26.81 -2.21 -7.72
C LEU B 160 -27.48 -1.05 -6.98
N ALA B 161 -27.17 0.19 -7.36
CA ALA B 161 -27.74 1.40 -6.71
C ALA B 161 -29.28 1.47 -6.70
N PRO B 162 -29.96 1.26 -7.86
CA PRO B 162 -31.43 1.25 -7.78
C PRO B 162 -31.99 0.11 -6.92
N LEU B 163 -31.34 -1.04 -6.95
CA LEU B 163 -31.74 -2.22 -6.19
C LEU B 163 -31.60 -2.03 -4.68
N LEU B 164 -30.45 -1.51 -4.25
CA LEU B 164 -30.16 -1.31 -2.83
C LEU B 164 -30.90 -0.10 -2.24
N TRP B 165 -31.37 0.80 -3.11
CA TRP B 165 -32.20 1.94 -2.72
C TRP B 165 -33.56 1.48 -2.29
N ARG B 166 -34.08 0.47 -2.99
CA ARG B 166 -35.42 -0.04 -2.78
C ARG B 166 -35.52 -1.09 -1.66
N LEU B 167 -34.45 -1.22 -0.90
CA LEU B 167 -34.31 -2.22 0.17
C LEU B 167 -35.25 -2.07 1.39
N PRO B 168 -35.62 -0.83 1.78
CA PRO B 168 -36.69 -0.74 2.78
C PRO B 168 -38.06 -1.12 2.21
N ALA B 169 -38.30 -0.69 0.97
CA ALA B 169 -39.52 -1.03 0.24
C ALA B 169 -39.62 -2.52 -0.08
N TYR B 170 -38.47 -3.20 -0.12
CA TYR B 170 -38.42 -4.64 -0.33
C TYR B 170 -38.58 -5.43 0.98
N GLY B 171 -38.63 -4.71 2.10
CA GLY B 171 -38.80 -5.31 3.41
C GLY B 171 -37.53 -5.94 3.93
N ILE B 172 -36.39 -5.50 3.41
CA ILE B 172 -35.09 -6.10 3.73
C ILE B 172 -34.32 -5.20 4.70
N ASP B 173 -34.00 -5.76 5.86
CA ASP B 173 -33.16 -5.09 6.85
C ASP B 173 -31.87 -5.90 7.02
N LEU B 174 -30.74 -5.23 6.77
CA LEU B 174 -29.44 -5.88 6.79
C LEU B 174 -28.84 -5.89 8.20
N GLU B 175 -28.62 -7.10 8.71
CA GLU B 175 -27.93 -7.29 9.99
C GLU B 175 -26.99 -8.50 9.88
N GLY B 176 -26.20 -8.74 10.92
CA GLY B 176 -25.28 -9.87 10.94
C GLY B 176 -23.98 -9.55 10.23
N GLN B 177 -23.13 -10.56 10.07
CA GLN B 177 -21.83 -10.38 9.44
C GLN B 177 -21.97 -9.99 7.97
N GLY B 178 -21.28 -8.91 7.60
CA GLY B 178 -21.35 -8.40 6.25
C GLY B 178 -22.19 -7.15 6.06
N ALA B 179 -23.05 -6.84 7.05
CA ALA B 179 -23.94 -5.69 6.99
C ALA B 179 -23.19 -4.36 6.96
N LYS B 180 -22.20 -4.24 7.85
CA LYS B 180 -21.30 -3.08 7.96
C LYS B 180 -20.61 -2.72 6.63
N GLU B 181 -20.19 -3.73 5.89
CA GLU B 181 -19.52 -3.57 4.60
C GLU B 181 -20.47 -3.11 3.49
N ILE B 182 -21.67 -3.67 3.44
CA ILE B 182 -22.68 -3.33 2.42
C ILE B 182 -23.28 -1.94 2.65
N LYS B 183 -23.54 -1.62 3.93
CA LYS B 183 -24.10 -0.32 4.31
C LYS B 183 -23.16 0.85 3.99
N GLN B 184 -21.87 0.65 4.24
CA GLN B 184 -20.81 1.58 3.77
C GLN B 184 -20.81 1.79 2.26
N TYR B 185 -20.97 0.70 1.51
CA TYR B 185 -21.02 0.74 0.05
C TYR B 185 -22.24 1.50 -0.42
N MET B 186 -23.36 1.29 0.28
CA MET B 186 -24.61 2.02 0.06
C MET B 186 -24.42 3.52 0.29
N VAL B 187 -23.66 3.90 1.34
CA VAL B 187 -23.29 5.30 1.60
C VAL B 187 -22.50 5.93 0.45
N ARG B 188 -21.49 5.21 -0.06
CA ARG B 188 -20.69 5.64 -1.23
C ARG B 188 -21.51 5.84 -2.50
N LEU B 189 -22.63 5.14 -2.55
CA LEU B 189 -23.47 5.08 -3.73
C LEU B 189 -24.52 6.19 -3.67
N PHE B 190 -25.16 6.35 -2.51
CA PHE B 190 -26.33 7.22 -2.38
C PHE B 190 -25.96 8.69 -2.13
N GLU B 191 -24.82 8.93 -1.49
CA GLU B 191 -24.33 10.28 -1.18
C GLU B 191 -23.82 11.05 -2.41
N ARG B 192 -23.70 10.35 -3.54
CA ARG B 192 -23.36 10.94 -4.82
C ARG B 192 -24.47 11.87 -5.29
N LYS B 193 -24.06 13.05 -5.78
CA LYS B 193 -24.97 14.08 -6.26
C LYS B 193 -25.75 13.59 -7.48
N THR B 194 -25.06 12.84 -8.34
CA THR B 194 -25.64 12.20 -9.53
C THR B 194 -26.77 11.23 -9.19
N PHE B 195 -26.63 10.49 -8.07
CA PHE B 195 -27.69 9.59 -7.62
C PHE B 195 -28.91 10.34 -7.13
N GLN B 196 -28.67 11.33 -6.27
CA GLN B 196 -29.72 12.15 -5.68
C GLN B 196 -30.51 12.95 -6.73
N ASP B 197 -29.81 13.39 -7.76
CA ASP B 197 -30.44 14.10 -8.88
C ASP B 197 -31.24 13.20 -9.84
N SER B 198 -30.94 11.91 -9.82
CA SER B 198 -31.60 10.93 -10.70
C SER B 198 -32.91 10.39 -10.11
N LEU B 199 -33.17 10.72 -8.85
CA LEU B 199 -34.37 10.28 -8.16
C LEU B 199 -35.61 11.05 -8.55
N THR B 200 -36.68 10.32 -8.87
CA THR B 200 -38.03 10.87 -8.98
C THR B 200 -38.60 11.02 -7.56
N GLU B 201 -39.66 11.83 -7.43
CA GLU B 201 -40.34 12.02 -6.14
C GLU B 201 -40.96 10.73 -5.62
N GLU B 202 -41.45 9.90 -6.54
CA GLU B 202 -41.94 8.55 -6.26
C GLU B 202 -40.86 7.68 -5.63
N GLU B 203 -39.65 7.74 -6.22
CA GLU B 203 -38.47 7.02 -5.73
C GLU B 203 -37.95 7.54 -4.40
N LYS B 204 -38.10 8.85 -4.18
CA LYS B 204 -37.75 9.48 -2.91
C LYS B 204 -38.70 9.07 -1.78
N GLU B 205 -39.95 8.80 -2.15
CA GLU B 205 -40.99 8.41 -1.19
C GLU B 205 -40.88 6.98 -0.66
N LEU B 206 -40.09 6.15 -1.36
CA LEU B 206 -39.86 4.76 -0.94
C LEU B 206 -39.06 4.65 0.36
N ALA B 207 -38.13 5.59 0.56
CA ALA B 207 -37.23 5.57 1.70
C ALA B 207 -37.86 6.10 2.99
N ARG B 208 -38.47 7.29 2.91
CA ARG B 208 -38.96 7.99 4.11
C ARG B 208 -40.33 7.51 4.62
N ASN B 209 -40.99 6.64 3.86
CA ASN B 209 -42.24 6.01 4.29
C ASN B 209 -42.03 4.60 4.82
N ALA B 210 -41.30 3.78 4.06
CA ALA B 210 -41.01 2.40 4.43
C ALA B 210 -39.69 2.30 5.20
N ARG C 10 -28.54 20.22 -9.13
CA ARG C 10 -28.58 19.88 -10.59
C ARG C 10 -27.30 19.15 -11.03
N SER C 11 -27.48 18.03 -11.74
CA SER C 11 -26.37 17.22 -12.28
C SER C 11 -25.94 17.66 -13.67
N VAL C 12 -26.79 18.44 -14.32
CA VAL C 12 -26.58 19.01 -15.64
C VAL C 12 -25.81 20.34 -15.55
N MET C 13 -24.95 20.62 -16.54
CA MET C 13 -24.18 21.87 -16.63
C MET C 13 -25.06 23.12 -16.69
N THR C 14 -24.54 24.21 -16.12
CA THR C 14 -25.22 25.50 -16.16
C THR C 14 -24.50 26.46 -17.12
N LEU C 15 -25.25 27.01 -18.07
CA LEU C 15 -24.73 28.05 -18.95
C LEU C 15 -25.32 29.43 -18.63
N TYR C 16 -24.46 30.37 -18.27
CA TYR C 16 -24.83 31.78 -18.20
C TYR C 16 -24.64 32.38 -19.58
N SER C 17 -25.75 32.76 -20.21
CA SER C 17 -25.75 33.20 -21.60
C SER C 17 -26.43 34.54 -21.80
N GLY C 18 -25.91 35.35 -22.71
CA GLY C 18 -26.59 36.55 -23.18
C GLY C 18 -27.74 36.16 -24.08
N LYS C 19 -28.78 37.01 -24.11
CA LYS C 19 -29.96 36.75 -24.92
C LYS C 19 -29.72 37.05 -26.40
N ASP C 20 -28.79 37.98 -26.67
CA ASP C 20 -28.51 38.45 -28.03
C ASP C 20 -27.00 38.56 -28.27
N ASP C 21 -26.21 38.12 -27.29
CA ASP C 21 -24.76 38.11 -27.38
C ASP C 21 -24.27 37.15 -28.46
N LEU C 22 -23.28 37.61 -29.22
CA LEU C 22 -22.71 36.89 -30.37
C LEU C 22 -21.92 35.63 -29.96
N LYS C 23 -21.14 35.75 -28.89
CA LYS C 23 -20.35 34.63 -28.35
C LYS C 23 -21.19 33.63 -27.55
N SER C 24 -22.31 34.10 -27.01
CA SER C 24 -23.25 33.25 -26.29
C SER C 24 -24.07 32.37 -27.23
N HIS C 25 -24.29 32.88 -28.44
CA HIS C 25 -24.97 32.13 -29.51
C HIS C 25 -24.12 30.99 -30.00
N GLN C 26 -22.81 31.23 -30.08
CA GLN C 26 -21.82 30.22 -30.44
C GLN C 26 -21.91 28.99 -29.55
N VAL C 27 -21.80 29.22 -28.23
CA VAL C 27 -21.89 28.18 -27.22
C VAL C 27 -23.23 27.45 -27.24
N ARG C 28 -24.31 28.21 -27.40
CA ARG C 28 -25.65 27.64 -27.55
C ARG C 28 -25.79 26.77 -28.81
N LEU C 29 -25.08 27.15 -29.88
CA LEU C 29 -25.06 26.39 -31.12
C LEU C 29 -24.31 25.07 -31.00
N VAL C 30 -23.16 25.10 -30.29
CA VAL C 30 -22.31 23.92 -30.11
C VAL C 30 -23.00 22.89 -29.23
N LEU C 31 -23.61 23.36 -28.15
CA LEU C 31 -24.40 22.53 -27.23
C LEU C 31 -25.58 21.84 -27.91
N ALA C 32 -26.19 22.55 -28.88
CA ALA C 32 -27.24 22.00 -29.73
C ALA C 32 -26.71 20.93 -30.68
N GLU C 33 -25.54 21.18 -31.26
CA GLU C 33 -24.87 20.24 -32.17
C GLU C 33 -24.48 18.94 -31.48
N LYS C 34 -23.94 19.05 -30.27
CA LYS C 34 -23.58 17.89 -29.44
C LYS C 34 -24.81 17.16 -28.89
N GLY C 35 -25.95 17.86 -28.86
CA GLY C 35 -27.22 17.29 -28.42
C GLY C 35 -27.41 17.20 -26.92
N VAL C 36 -26.48 17.76 -26.16
CA VAL C 36 -26.60 17.77 -24.70
C VAL C 36 -27.42 18.96 -24.25
N GLY C 37 -28.23 18.75 -23.22
CA GLY C 37 -29.04 19.81 -22.66
C GLY C 37 -28.32 20.45 -21.50
N VAL C 38 -28.58 21.74 -21.29
CA VAL C 38 -28.02 22.49 -20.16
C VAL C 38 -29.11 23.28 -19.47
N GLU C 39 -28.81 23.79 -18.28
CA GLU C 39 -29.67 24.78 -17.64
C GLU C 39 -29.13 26.16 -18.03
N ILE C 40 -29.92 26.92 -18.77
CA ILE C 40 -29.51 28.27 -19.18
C ILE C 40 -30.13 29.36 -18.30
N THR C 41 -29.25 30.09 -17.61
CA THR C 41 -29.60 31.32 -16.91
C THR C 41 -29.21 32.50 -17.82
N TYR C 42 -30.21 33.25 -18.28
CA TYR C 42 -29.95 34.39 -19.13
C TYR C 42 -29.58 35.64 -18.34
N VAL C 43 -28.52 36.31 -18.78
CA VAL C 43 -27.99 37.51 -18.12
C VAL C 43 -28.02 38.75 -19.02
N THR C 44 -28.42 39.88 -18.44
CA THR C 44 -28.47 41.15 -19.15
C THR C 44 -27.27 42.01 -18.77
N ASP C 45 -26.97 43.02 -19.59
CA ASP C 45 -25.90 43.99 -19.30
C ASP C 45 -26.26 44.96 -18.17
N GLU C 46 -27.55 44.99 -17.83
CA GLU C 46 -28.08 45.76 -16.71
C GLU C 46 -27.85 45.03 -15.39
N SER C 47 -28.35 43.80 -15.31
CA SER C 47 -28.34 43.02 -14.07
C SER C 47 -27.43 41.79 -14.14
N THR C 48 -26.44 41.75 -13.24
CA THR C 48 -25.54 40.61 -13.09
C THR C 48 -25.80 39.92 -11.75
N PRO C 49 -26.08 38.60 -11.76
CA PRO C 49 -26.23 37.79 -10.54
C PRO C 49 -24.94 37.69 -9.74
N GLU C 50 -25.08 37.52 -8.43
CA GLU C 50 -23.96 37.45 -7.49
C GLU C 50 -23.18 36.15 -7.63
N ASP C 51 -23.89 35.10 -8.08
CA ASP C 51 -23.31 33.80 -8.38
C ASP C 51 -22.21 33.94 -9.42
N LEU C 52 -22.58 34.54 -10.55
CA LEU C 52 -21.69 34.79 -11.69
C LEU C 52 -20.54 35.74 -11.35
N LEU C 53 -20.78 36.65 -10.41
CA LEU C 53 -19.79 37.61 -9.93
C LEU C 53 -18.65 36.92 -9.20
N GLN C 54 -18.97 35.85 -8.47
CA GLN C 54 -17.99 35.05 -7.72
C GLN C 54 -17.20 34.08 -8.61
N LEU C 55 -17.73 33.79 -9.80
CA LEU C 55 -17.12 32.81 -10.71
C LEU C 55 -16.36 33.47 -11.86
N ASN C 56 -16.95 34.52 -12.43
CA ASN C 56 -16.34 35.28 -13.52
C ASN C 56 -15.89 36.67 -13.07
N PRO C 57 -14.56 36.88 -12.95
CA PRO C 57 -13.97 38.10 -12.41
C PRO C 57 -13.67 39.18 -13.46
N TYR C 58 -14.31 39.06 -14.63
CA TYR C 58 -14.12 39.98 -15.74
C TYR C 58 -15.42 40.73 -16.06
N PRO C 59 -15.31 42.03 -16.48
CA PRO C 59 -16.39 42.90 -16.95
C PRO C 59 -17.43 42.22 -17.85
N GLU C 60 -16.98 41.64 -18.96
CA GLU C 60 -17.87 40.89 -19.84
C GLU C 60 -17.91 39.46 -19.34
N ALA C 61 -19.06 39.07 -18.80
CA ALA C 61 -19.19 37.81 -18.05
C ALA C 61 -19.90 36.68 -18.79
N LYS C 62 -20.47 36.98 -19.96
CA LYS C 62 -21.15 35.97 -20.78
C LYS C 62 -20.35 35.66 -22.06
N PRO C 63 -20.26 34.38 -22.46
CA PRO C 63 -20.80 33.17 -21.84
C PRO C 63 -19.92 32.55 -20.73
N THR C 64 -20.57 31.92 -19.75
CA THR C 64 -19.89 31.16 -18.69
C THR C 64 -20.51 29.76 -18.58
N LEU C 65 -19.65 28.74 -18.58
CA LEU C 65 -20.08 27.36 -18.37
C LEU C 65 -19.65 26.89 -16.99
N VAL C 66 -20.63 26.48 -16.19
CA VAL C 66 -20.37 25.90 -14.86
C VAL C 66 -20.76 24.42 -14.87
N ASP C 67 -19.82 23.57 -14.48
CA ASP C 67 -20.02 22.13 -14.44
C ASP C 67 -19.27 21.53 -13.27
N ARG C 68 -20.02 20.87 -12.38
CA ARG C 68 -19.51 20.26 -11.13
C ARG C 68 -18.70 21.24 -10.28
N GLU C 69 -17.38 21.22 -10.45
CA GLU C 69 -16.45 22.08 -9.71
C GLU C 69 -15.71 23.02 -10.66
N LEU C 70 -15.90 22.79 -11.97
CA LEU C 70 -15.18 23.50 -13.02
C LEU C 70 -15.99 24.69 -13.52
N VAL C 71 -15.34 25.85 -13.54
CA VAL C 71 -15.91 27.05 -14.17
C VAL C 71 -15.07 27.41 -15.40
N LEU C 72 -15.76 27.69 -16.52
CA LEU C 72 -15.09 28.08 -17.76
C LEU C 72 -15.72 29.32 -18.37
N TYR C 73 -14.85 30.23 -18.81
CA TYR C 73 -15.25 31.38 -19.63
C TYR C 73 -14.25 31.55 -20.78
N ASN C 74 -14.45 32.58 -21.61
CA ASN C 74 -13.86 32.71 -22.96
C ASN C 74 -14.43 31.64 -23.88
N ALA C 75 -15.25 32.08 -24.84
CA ALA C 75 -16.10 31.21 -25.66
C ALA C 75 -15.39 30.07 -26.40
N GLN C 76 -14.15 30.29 -26.85
CA GLN C 76 -13.43 29.24 -27.57
C GLN C 76 -12.90 28.15 -26.64
N ILE C 77 -12.51 28.52 -25.42
CA ILE C 77 -12.15 27.57 -24.36
C ILE C 77 -13.35 26.68 -24.05
N ILE C 78 -14.51 27.31 -23.90
CA ILE C 78 -15.78 26.62 -23.69
C ILE C 78 -16.10 25.66 -24.84
N MET C 79 -16.04 26.17 -26.07
CA MET C 79 -16.34 25.39 -27.28
C MET C 79 -15.41 24.19 -27.51
N GLU C 80 -14.13 24.36 -27.21
CA GLU C 80 -13.14 23.29 -27.36
C GLU C 80 -13.32 22.21 -26.29
N TYR C 81 -13.73 22.61 -25.09
CA TYR C 81 -14.09 21.68 -24.01
C TYR C 81 -15.27 20.80 -24.40
N LEU C 82 -16.25 21.42 -25.05
CA LEU C 82 -17.45 20.73 -25.50
C LEU C 82 -17.20 19.76 -26.65
N ASP C 83 -16.17 20.05 -27.46
CA ASP C 83 -15.77 19.15 -28.54
C ASP C 83 -14.98 17.97 -27.98
N GLU C 84 -14.15 18.25 -26.97
CA GLU C 84 -13.31 17.24 -26.32
C GLU C 84 -14.09 16.26 -25.41
N ARG C 85 -15.02 16.80 -24.61
CA ARG C 85 -15.82 15.99 -23.69
C ARG C 85 -16.98 15.28 -24.39
N PHE C 86 -17.58 15.94 -25.39
CA PHE C 86 -18.63 15.32 -26.20
C PHE C 86 -18.17 15.18 -27.66
N PRO C 87 -17.47 14.08 -28.00
CA PRO C 87 -16.81 13.93 -29.32
C PRO C 87 -17.75 13.78 -30.51
N HIS C 88 -18.99 13.37 -30.28
CA HIS C 88 -19.95 13.11 -31.36
C HIS C 88 -21.04 14.13 -31.43
N PRO C 89 -21.18 14.82 -32.59
CA PRO C 89 -20.35 14.79 -33.80
C PRO C 89 -19.10 15.67 -33.67
N PRO C 90 -18.02 15.37 -34.42
CA PRO C 90 -16.81 16.19 -34.28
C PRO C 90 -16.93 17.52 -35.01
N LEU C 91 -16.58 18.60 -34.30
CA LEU C 91 -16.65 19.94 -34.86
C LEU C 91 -15.26 20.52 -35.11
N MET C 92 -14.26 19.65 -35.02
CA MET C 92 -12.88 19.98 -35.30
C MET C 92 -12.26 18.88 -36.16
N PRO C 93 -11.25 19.21 -36.99
CA PRO C 93 -10.49 18.18 -37.72
C PRO C 93 -9.69 17.25 -36.80
N VAL C 94 -9.10 16.21 -37.38
CA VAL C 94 -8.34 15.22 -36.62
C VAL C 94 -6.83 15.51 -36.69
N TYR C 95 -6.37 15.90 -37.88
CA TYR C 95 -4.93 16.10 -38.14
C TYR C 95 -4.51 17.53 -37.78
N PRO C 96 -3.34 17.70 -37.11
CA PRO C 96 -2.92 18.97 -36.47
C PRO C 96 -2.74 20.18 -37.37
N VAL C 97 -2.38 19.94 -38.64
CA VAL C 97 -2.20 21.00 -39.64
C VAL C 97 -3.55 21.66 -39.99
N ALA C 98 -4.56 20.83 -40.23
CA ALA C 98 -5.93 21.30 -40.47
C ALA C 98 -6.53 21.95 -39.23
N ARG C 99 -6.11 21.47 -38.05
CA ARG C 99 -6.58 21.98 -36.76
C ARG C 99 -6.00 23.34 -36.43
N GLY C 100 -4.72 23.52 -36.76
CA GLY C 100 -4.03 24.82 -36.63
C GLY C 100 -4.63 25.88 -37.53
N THR C 101 -4.92 25.47 -38.77
CA THR C 101 -5.65 26.30 -39.75
C THR C 101 -7.06 26.65 -39.27
N SER C 102 -7.76 25.67 -38.69
CA SER C 102 -9.09 25.87 -38.11
C SER C 102 -9.07 26.92 -37.01
N ARG C 103 -8.05 26.82 -36.13
CA ARG C 103 -7.87 27.76 -35.03
C ARG C 103 -7.48 29.16 -35.49
N LEU C 104 -6.68 29.22 -36.55
CA LEU C 104 -6.23 30.48 -37.14
C LEU C 104 -7.40 31.26 -37.74
N MET C 105 -8.31 30.54 -38.42
CA MET C 105 -9.50 31.15 -39.00
C MET C 105 -10.44 31.65 -37.92
N MET C 106 -10.60 30.86 -36.86
CA MET C 106 -11.41 31.23 -35.70
C MET C 106 -10.86 32.48 -35.02
N TYR C 107 -9.54 32.58 -34.95
CA TYR C 107 -8.83 33.75 -34.42
C TYR C 107 -9.07 34.99 -35.28
N ARG C 108 -9.02 34.81 -36.60
CA ARG C 108 -9.16 35.91 -37.54
C ARG C 108 -10.60 36.40 -37.74
N ILE C 109 -11.58 35.51 -37.58
CA ILE C 109 -12.99 35.90 -37.58
C ILE C 109 -13.27 36.73 -36.31
N GLU C 110 -12.65 36.31 -35.21
CA GLU C 110 -12.71 37.01 -33.94
C GLU C 110 -12.04 38.38 -33.96
N ARG C 111 -10.76 38.41 -34.36
CA ARG C 111 -9.95 39.63 -34.33
C ARG C 111 -10.45 40.69 -35.31
N ASP C 112 -10.79 40.26 -36.52
CA ASP C 112 -11.17 41.21 -37.57
C ASP C 112 -12.66 41.55 -37.53
N TRP C 113 -13.51 40.54 -37.66
CA TRP C 113 -14.93 40.74 -37.97
C TRP C 113 -15.84 40.91 -36.78
N TYR C 114 -15.48 40.26 -35.67
CA TYR C 114 -16.27 40.33 -34.45
C TYR C 114 -16.08 41.67 -33.74
N SER C 115 -14.92 42.28 -33.97
CA SER C 115 -14.63 43.63 -33.48
C SER C 115 -15.30 44.71 -34.34
N LEU C 116 -15.47 44.43 -35.64
CA LEU C 116 -16.20 45.30 -36.56
C LEU C 116 -17.68 45.39 -36.20
N ALA C 117 -18.26 44.27 -35.78
CA ALA C 117 -19.66 44.19 -35.35
C ALA C 117 -19.93 44.96 -34.05
N GLU C 118 -18.89 45.12 -33.23
CA GLU C 118 -18.94 45.96 -32.03
C GLU C 118 -19.03 47.44 -32.41
N LYS C 119 -18.33 47.79 -33.50
CA LYS C 119 -18.33 49.15 -34.02
C LYS C 119 -19.65 49.51 -34.72
N ILE C 120 -20.29 48.52 -35.36
CA ILE C 120 -21.58 48.70 -36.02
C ILE C 120 -22.70 48.94 -35.00
N GLN C 121 -22.63 48.21 -33.88
CA GLN C 121 -23.57 48.38 -32.77
C GLN C 121 -23.45 49.73 -32.07
N LYS C 122 -22.28 50.37 -32.22
CA LYS C 122 -22.06 51.74 -31.78
C LYS C 122 -22.53 52.75 -32.85
N ASN C 123 -21.64 53.08 -33.80
CA ASN C 123 -21.93 54.08 -34.82
C ASN C 123 -21.61 53.62 -36.24
N ASP C 124 -20.36 53.18 -36.43
CA ASP C 124 -19.66 53.04 -37.71
C ASP C 124 -20.44 52.57 -38.95
N ALA C 125 -20.25 53.32 -40.03
CA ALA C 125 -20.69 52.91 -41.36
C ALA C 125 -19.48 52.40 -42.14
N GLN C 126 -18.28 52.71 -41.65
CA GLN C 126 -17.02 52.21 -42.20
C GLN C 126 -16.84 50.72 -41.91
N ALA C 127 -17.11 50.33 -40.67
CA ALA C 127 -17.04 48.94 -40.23
C ALA C 127 -18.15 48.09 -40.84
N ARG C 128 -19.29 48.72 -41.10
CA ARG C 128 -20.41 48.11 -41.82
C ARG C 128 -20.01 47.78 -43.27
N GLN C 129 -19.27 48.69 -43.89
CA GLN C 129 -18.76 48.51 -45.25
C GLN C 129 -17.60 47.50 -45.30
N GLU C 130 -16.75 47.55 -44.27
CA GLU C 130 -15.59 46.66 -44.18
C GLU C 130 -15.99 45.20 -43.90
N LEU C 131 -17.07 45.01 -43.13
CA LEU C 131 -17.60 43.67 -42.86
C LEU C 131 -18.26 43.07 -44.10
N LYS C 132 -19.00 43.89 -44.84
CA LYS C 132 -19.66 43.47 -46.08
C LYS C 132 -18.63 43.01 -47.12
N GLU C 133 -17.57 43.80 -47.28
CA GLU C 133 -16.49 43.50 -48.22
C GLU C 133 -15.68 42.27 -47.80
N GLY C 134 -15.52 42.08 -46.50
CA GLY C 134 -14.83 40.91 -45.94
C GLY C 134 -15.60 39.62 -46.16
N ILE C 135 -16.90 39.67 -45.86
CA ILE C 135 -17.79 38.51 -45.97
C ILE C 135 -17.94 38.01 -47.42
N LEU C 136 -18.14 38.94 -48.34
CA LEU C 136 -18.33 38.63 -49.77
C LEU C 136 -17.09 38.02 -50.44
N SER C 137 -15.91 38.37 -49.92
CA SER C 137 -14.63 37.88 -50.43
C SER C 137 -14.39 36.39 -50.18
N LEU C 138 -15.15 35.81 -49.26
CA LEU C 138 -15.04 34.39 -48.92
C LEU C 138 -15.64 33.47 -49.96
N ALA C 139 -16.55 34.00 -50.78
CA ALA C 139 -17.29 33.22 -51.79
C ALA C 139 -16.54 32.23 -52.72
N PRO C 140 -15.26 32.51 -53.10
CA PRO C 140 -14.47 31.46 -53.75
C PRO C 140 -14.26 30.16 -52.96
N ILE C 141 -14.08 30.26 -51.64
CA ILE C 141 -13.82 29.05 -50.83
C ILE C 141 -15.05 28.17 -50.63
N PHE C 142 -16.23 28.76 -50.76
CA PHE C 142 -17.50 28.02 -50.66
C PHE C 142 -17.88 27.32 -51.95
N ALA C 143 -17.23 27.69 -53.05
CA ALA C 143 -17.38 26.99 -54.33
C ALA C 143 -16.66 25.64 -54.32
N ASP C 144 -15.63 25.53 -53.49
CA ASP C 144 -14.84 24.30 -53.34
C ASP C 144 -15.50 23.34 -52.36
N THR C 145 -15.80 23.85 -51.16
CA THR C 145 -16.32 23.03 -50.05
C THR C 145 -17.66 23.58 -49.56
N PRO C 146 -18.59 22.69 -49.13
CA PRO C 146 -19.91 23.17 -48.66
C PRO C 146 -19.89 23.85 -47.28
N TYR C 147 -18.77 23.77 -46.56
CA TYR C 147 -18.57 24.49 -45.29
C TYR C 147 -17.20 25.18 -45.32
N PHE C 148 -16.90 26.01 -44.31
CA PHE C 148 -15.67 26.83 -44.31
C PHE C 148 -14.40 25.98 -44.26
N MET C 149 -13.74 25.89 -45.43
CA MET C 149 -12.51 25.11 -45.66
C MET C 149 -12.64 23.66 -45.18
N SER C 150 -13.85 23.10 -45.34
CA SER C 150 -14.23 21.83 -44.76
C SER C 150 -15.44 21.23 -45.49
N GLU C 151 -15.43 19.91 -45.63
CA GLU C 151 -16.57 19.18 -46.20
C GLU C 151 -17.68 18.99 -45.16
N GLU C 152 -17.31 19.08 -43.89
CA GLU C 152 -18.24 18.91 -42.76
C GLU C 152 -18.42 20.19 -41.95
N PHE C 153 -19.53 20.27 -41.21
CA PHE C 153 -19.83 21.40 -40.33
C PHE C 153 -18.88 21.42 -39.14
N SER C 154 -18.15 22.52 -38.99
CA SER C 154 -17.14 22.66 -37.95
C SER C 154 -17.42 23.86 -37.05
N LEU C 155 -16.51 24.11 -36.11
CA LEU C 155 -16.57 25.24 -35.18
C LEU C 155 -16.36 26.60 -35.85
N VAL C 156 -15.77 26.59 -37.05
CA VAL C 156 -15.56 27.79 -37.85
C VAL C 156 -16.91 28.25 -38.42
N ASP C 157 -17.74 27.27 -38.78
CA ASP C 157 -19.13 27.51 -39.17
C ASP C 157 -19.98 27.95 -37.97
N CYS C 158 -19.54 27.59 -36.76
CA CYS C 158 -20.15 28.07 -35.53
C CYS C 158 -19.76 29.50 -35.18
N TYR C 159 -18.63 29.95 -35.70
CA TYR C 159 -18.24 31.36 -35.60
C TYR C 159 -19.03 32.21 -36.59
N LEU C 160 -19.32 31.62 -37.75
CA LEU C 160 -19.79 32.37 -38.89
C LEU C 160 -21.31 32.52 -38.95
N ALA C 161 -22.02 31.50 -38.49
CA ALA C 161 -23.50 31.51 -38.41
C ALA C 161 -24.14 32.64 -37.56
N PRO C 162 -23.62 32.95 -36.33
CA PRO C 162 -24.25 34.04 -35.57
C PRO C 162 -23.97 35.43 -36.15
N LEU C 163 -22.86 35.55 -36.87
CA LEU C 163 -22.48 36.77 -37.57
C LEU C 163 -23.39 37.01 -38.77
N LEU C 164 -23.58 35.99 -39.60
CA LEU C 164 -24.40 36.05 -40.80
C LEU C 164 -25.91 36.11 -40.51
N TRP C 165 -26.28 35.73 -39.29
CA TRP C 165 -27.65 35.84 -38.82
C TRP C 165 -28.00 37.25 -38.49
N ARG C 166 -27.00 37.99 -38.01
CA ARG C 166 -27.19 39.37 -37.56
C ARG C 166 -26.92 40.39 -38.66
N LEU C 167 -26.79 39.89 -39.89
CA LEU C 167 -26.60 40.68 -41.10
C LEU C 167 -27.70 41.72 -41.42
N PRO C 168 -29.01 41.41 -41.19
CA PRO C 168 -29.99 42.50 -41.32
C PRO C 168 -29.92 43.53 -40.19
N ALA C 169 -29.45 43.09 -39.02
CA ALA C 169 -29.31 43.95 -37.85
C ALA C 169 -28.07 44.85 -37.92
N TYR C 170 -27.11 44.48 -38.77
CA TYR C 170 -25.93 45.31 -39.01
C TYR C 170 -26.17 46.34 -40.13
N GLY C 171 -27.28 46.18 -40.83
CA GLY C 171 -27.60 47.02 -41.99
C GLY C 171 -26.77 46.64 -43.20
N ILE C 172 -26.62 45.34 -43.43
CA ILE C 172 -25.86 44.82 -44.57
C ILE C 172 -26.77 43.99 -45.48
N ASP C 173 -26.89 44.45 -46.73
CA ASP C 173 -27.54 43.68 -47.77
C ASP C 173 -26.46 43.15 -48.71
N LEU C 174 -26.63 41.91 -49.14
CA LEU C 174 -25.67 41.24 -50.02
C LEU C 174 -25.89 41.62 -51.48
N GLU C 175 -24.79 41.99 -52.14
CA GLU C 175 -24.84 42.63 -53.46
C GLU C 175 -23.62 42.25 -54.30
N GLY C 176 -23.82 42.12 -55.61
CA GLY C 176 -22.74 41.86 -56.56
C GLY C 176 -22.29 40.41 -56.61
N GLN C 177 -21.20 40.16 -57.32
CA GLN C 177 -20.62 38.82 -57.45
C GLN C 177 -19.99 38.39 -56.13
N GLY C 178 -20.50 37.30 -55.59
CA GLY C 178 -20.13 36.83 -54.26
C GLY C 178 -21.35 36.48 -53.44
N ALA C 179 -22.38 37.31 -53.56
CA ALA C 179 -23.64 37.19 -52.81
C ALA C 179 -24.39 35.87 -53.04
N LYS C 180 -24.30 35.36 -54.27
CA LYS C 180 -24.92 34.10 -54.68
C LYS C 180 -24.43 32.90 -53.85
N GLU C 181 -23.14 32.91 -53.54
CA GLU C 181 -22.47 31.80 -52.83
C GLU C 181 -22.56 31.92 -51.31
N ILE C 182 -22.58 33.15 -50.80
CA ILE C 182 -22.67 33.42 -49.35
C ILE C 182 -24.08 33.14 -48.82
N LYS C 183 -25.10 33.57 -49.57
CA LYS C 183 -26.49 33.27 -49.26
C LYS C 183 -26.82 31.77 -49.37
N GLN C 184 -26.11 31.10 -50.28
CA GLN C 184 -26.18 29.65 -50.44
C GLN C 184 -25.63 28.94 -49.21
N TYR C 185 -24.54 29.48 -48.67
CA TYR C 185 -23.91 29.00 -47.44
C TYR C 185 -24.76 29.30 -46.22
N MET C 186 -25.38 30.48 -46.22
CA MET C 186 -26.31 30.91 -45.18
C MET C 186 -27.53 29.99 -45.09
N VAL C 187 -27.99 29.52 -46.25
CA VAL C 187 -29.13 28.61 -46.30
C VAL C 187 -28.77 27.17 -45.88
N ARG C 188 -27.48 26.85 -45.88
CA ARG C 188 -27.00 25.58 -45.31
C ARG C 188 -26.96 25.65 -43.79
N LEU C 189 -26.52 26.78 -43.26
CA LEU C 189 -26.36 26.97 -41.82
C LEU C 189 -27.68 27.12 -41.07
N PHE C 190 -28.57 27.97 -41.60
CA PHE C 190 -29.80 28.34 -40.87
C PHE C 190 -30.88 27.26 -40.96
N GLU C 191 -30.78 26.40 -41.98
CA GLU C 191 -31.75 25.32 -42.20
C GLU C 191 -31.53 24.12 -41.26
N ARG C 192 -30.42 24.14 -40.54
CA ARG C 192 -30.13 23.16 -39.50
C ARG C 192 -31.06 23.34 -38.31
N LYS C 193 -31.64 22.23 -37.85
CA LYS C 193 -32.50 22.22 -36.66
C LYS C 193 -31.73 22.67 -35.41
N THR C 194 -30.44 22.31 -35.37
CA THR C 194 -29.52 22.72 -34.31
C THR C 194 -29.34 24.24 -34.23
N PHE C 195 -29.32 24.91 -35.39
CA PHE C 195 -29.26 26.37 -35.42
C PHE C 195 -30.54 27.01 -34.87
N GLN C 196 -31.68 26.55 -35.38
CA GLN C 196 -32.99 27.09 -35.01
C GLN C 196 -33.33 26.87 -33.54
N ASP C 197 -32.85 25.77 -32.97
CA ASP C 197 -33.06 25.46 -31.55
C ASP C 197 -32.10 26.21 -30.62
N SER C 198 -31.01 26.73 -31.18
CA SER C 198 -30.04 27.53 -30.42
C SER C 198 -30.41 29.02 -30.34
N LEU C 199 -31.37 29.43 -31.17
CA LEU C 199 -31.86 30.80 -31.19
C LEU C 199 -32.71 31.12 -29.97
N THR C 200 -32.52 32.32 -29.43
CA THR C 200 -33.39 32.89 -28.41
C THR C 200 -34.50 33.66 -29.14
N GLU C 201 -35.55 34.05 -28.40
CA GLU C 201 -36.64 34.86 -28.95
C GLU C 201 -36.19 36.25 -29.41
N GLU C 202 -35.17 36.78 -28.74
CA GLU C 202 -34.53 38.04 -29.11
C GLU C 202 -33.78 37.93 -30.44
N GLU C 203 -33.10 36.79 -30.63
CA GLU C 203 -32.37 36.51 -31.86
C GLU C 203 -33.30 36.18 -33.03
N LYS C 204 -34.46 35.62 -32.72
CA LYS C 204 -35.50 35.33 -33.73
C LYS C 204 -36.16 36.60 -34.27
N GLU C 205 -36.19 37.66 -33.45
CA GLU C 205 -36.80 38.94 -33.82
C GLU C 205 -35.91 39.82 -34.71
N LEU C 206 -34.66 39.40 -34.91
CA LEU C 206 -33.74 40.06 -35.84
C LEU C 206 -33.98 39.62 -37.29
N ALA C 207 -34.76 38.55 -37.46
CA ALA C 207 -35.06 38.00 -38.78
C ALA C 207 -36.31 38.60 -39.42
N ARG C 208 -36.99 39.48 -38.69
CA ARG C 208 -38.27 40.08 -39.15
C ARG C 208 -38.28 41.61 -39.20
N ASN C 209 -37.49 42.25 -38.34
CA ASN C 209 -37.52 43.71 -38.17
C ASN C 209 -36.88 44.55 -39.27
N ALA C 210 -35.55 44.48 -39.39
CA ALA C 210 -34.81 45.30 -40.36
C ALA C 210 -34.56 44.53 -41.66
N ASN D 8 10.03 29.74 -46.58
CA ASN D 8 10.39 28.34 -46.23
C ASN D 8 9.98 27.34 -47.32
N LYS D 9 10.99 26.74 -47.93
CA LYS D 9 10.80 25.65 -48.89
C LYS D 9 11.65 24.43 -48.49
N ARG D 10 12.52 24.63 -47.49
CA ARG D 10 13.35 23.58 -46.93
C ARG D 10 12.56 22.57 -46.09
N SER D 11 13.17 21.43 -45.81
CA SER D 11 12.49 20.34 -45.07
C SER D 11 12.61 20.43 -43.54
N VAL D 12 12.79 21.66 -43.05
CA VAL D 12 12.75 21.98 -41.62
C VAL D 12 11.83 23.22 -41.49
N MET D 13 11.08 23.30 -40.39
CA MET D 13 10.21 24.45 -40.10
C MET D 13 11.01 25.74 -39.92
N THR D 14 10.40 26.87 -40.25
CA THR D 14 11.03 28.16 -40.05
C THR D 14 10.24 28.98 -39.03
N LEU D 15 10.89 29.33 -37.94
CA LEU D 15 10.29 30.23 -36.94
C LEU D 15 10.84 31.65 -37.06
N TYR D 16 9.92 32.59 -37.30
CA TYR D 16 10.23 34.00 -37.16
C TYR D 16 10.02 34.38 -35.70
N SER D 17 11.12 34.70 -35.01
CA SER D 17 11.08 34.98 -33.57
C SER D 17 11.70 36.32 -33.19
N GLY D 18 11.17 36.93 -32.12
CA GLY D 18 11.78 38.10 -31.52
C GLY D 18 12.95 37.71 -30.63
N LYS D 19 13.92 38.61 -30.52
CA LYS D 19 15.14 38.35 -29.73
C LYS D 19 14.88 38.45 -28.23
N ASP D 20 13.85 39.21 -27.86
CA ASP D 20 13.50 39.43 -26.46
C ASP D 20 11.98 39.42 -26.21
N ASP D 21 11.22 39.03 -27.23
CA ASP D 21 9.76 38.89 -27.15
C ASP D 21 9.34 37.74 -26.22
N LEU D 22 8.32 38.01 -25.41
CA LEU D 22 7.81 37.09 -24.39
C LEU D 22 7.13 35.86 -25.00
N LYS D 23 6.33 36.10 -26.04
CA LYS D 23 5.59 35.05 -26.74
C LYS D 23 6.48 34.22 -27.67
N SER D 24 7.56 34.82 -28.14
CA SER D 24 8.54 34.14 -28.97
C SER D 24 9.38 33.18 -28.14
N HIS D 25 9.62 33.56 -26.89
CA HIS D 25 10.32 32.72 -25.92
C HIS D 25 9.51 31.51 -25.53
N GLN D 26 8.18 31.66 -25.52
CA GLN D 26 7.23 30.56 -25.32
C GLN D 26 7.38 29.48 -26.39
N VAL D 27 7.36 29.91 -27.65
CA VAL D 27 7.47 29.03 -28.81
C VAL D 27 8.84 28.34 -28.86
N ARG D 28 9.90 29.11 -28.63
CA ARG D 28 11.26 28.58 -28.52
C ARG D 28 11.47 27.59 -27.38
N LEU D 29 10.71 27.75 -26.31
CA LEU D 29 10.74 26.81 -25.17
C LEU D 29 10.06 25.48 -25.50
N VAL D 30 8.91 25.55 -26.17
CA VAL D 30 8.14 24.37 -26.55
C VAL D 30 8.90 23.50 -27.55
N LEU D 31 9.43 24.12 -28.62
CA LEU D 31 10.29 23.44 -29.61
C LEU D 31 11.51 22.75 -28.99
N ALA D 32 12.04 23.34 -27.92
CA ALA D 32 13.14 22.76 -27.15
C ALA D 32 12.67 21.54 -26.35
N GLU D 33 11.50 21.66 -25.73
CA GLU D 33 10.88 20.58 -24.95
C GLU D 33 10.46 19.41 -25.82
N LYS D 34 10.02 19.71 -27.04
CA LYS D 34 9.73 18.70 -28.05
C LYS D 34 11.01 18.11 -28.62
N GLY D 35 12.08 18.91 -28.58
CA GLY D 35 13.38 18.50 -29.10
C GLY D 35 13.46 18.51 -30.61
N VAL D 36 12.63 19.35 -31.24
CA VAL D 36 12.63 19.49 -32.71
C VAL D 36 13.45 20.70 -33.16
N GLY D 37 14.36 20.46 -34.12
CA GLY D 37 15.20 21.52 -34.67
C GLY D 37 14.43 22.37 -35.67
N VAL D 38 14.53 23.68 -35.50
CA VAL D 38 13.80 24.65 -36.30
C VAL D 38 14.81 25.66 -36.85
N GLU D 39 14.45 26.35 -37.92
CA GLU D 39 15.29 27.43 -38.46
C GLU D 39 14.79 28.77 -37.91
N ILE D 40 15.52 29.32 -36.94
CA ILE D 40 15.12 30.59 -36.33
C ILE D 40 15.66 31.80 -37.09
N THR D 41 14.76 32.46 -37.81
CA THR D 41 15.04 33.73 -38.46
C THR D 41 14.58 34.85 -37.51
N TYR D 42 15.53 35.45 -36.80
CA TYR D 42 15.22 36.50 -35.84
C TYR D 42 14.80 37.82 -36.48
N VAL D 43 13.82 38.48 -35.87
CA VAL D 43 13.23 39.71 -36.39
C VAL D 43 13.24 40.86 -35.36
N THR D 44 13.43 42.08 -35.84
CA THR D 44 13.43 43.28 -35.00
C THR D 44 12.24 44.19 -35.31
N ASP D 45 11.91 45.06 -34.34
CA ASP D 45 10.83 46.04 -34.50
C ASP D 45 11.18 47.15 -35.49
N GLU D 46 12.49 47.36 -35.68
CA GLU D 46 13.01 48.29 -36.68
C GLU D 46 12.76 47.80 -38.11
N SER D 47 13.21 46.59 -38.40
CA SER D 47 13.06 46.00 -39.74
C SER D 47 12.46 44.59 -39.68
N THR D 48 11.28 44.44 -40.30
CA THR D 48 10.65 43.14 -40.50
C THR D 48 10.74 42.76 -41.99
N PRO D 49 11.21 41.53 -42.30
CA PRO D 49 11.40 41.02 -43.66
C PRO D 49 10.16 41.04 -44.56
N GLU D 50 10.41 41.04 -45.87
CA GLU D 50 9.38 41.18 -46.90
C GLU D 50 8.53 39.91 -47.04
N ASP D 51 9.16 38.76 -46.83
CA ASP D 51 8.49 37.46 -46.89
C ASP D 51 7.51 37.25 -45.72
N LEU D 52 7.94 37.64 -44.51
CA LEU D 52 7.11 37.59 -43.30
C LEU D 52 5.91 38.53 -43.39
N LEU D 53 6.10 39.68 -44.05
CA LEU D 53 5.09 40.73 -44.19
C LEU D 53 3.92 40.31 -45.07
N GLN D 54 4.19 39.41 -46.02
CA GLN D 54 3.15 38.77 -46.82
C GLN D 54 2.35 37.77 -45.99
N LEU D 55 3.08 36.94 -45.24
CA LEU D 55 2.51 35.84 -44.46
C LEU D 55 1.68 36.25 -43.25
N ASN D 56 2.15 37.29 -42.54
CA ASN D 56 1.46 37.80 -41.36
C ASN D 56 0.95 39.23 -41.60
N PRO D 57 -0.39 39.40 -41.61
CA PRO D 57 -1.01 40.69 -41.91
C PRO D 57 -1.34 41.55 -40.67
N TYR D 58 -0.65 41.27 -39.55
CA TYR D 58 -0.86 42.01 -38.31
C TYR D 58 0.42 42.72 -37.89
N PRO D 59 0.31 43.93 -37.29
CA PRO D 59 1.41 44.71 -36.71
C PRO D 59 2.48 43.88 -36.01
N GLU D 60 2.09 43.08 -35.02
CA GLU D 60 3.00 42.11 -34.41
C GLU D 60 3.04 40.86 -35.28
N ALA D 61 4.23 40.59 -35.83
CA ALA D 61 4.43 39.44 -36.72
C ALA D 61 5.31 38.34 -36.09
N LYS D 62 5.73 38.55 -34.84
CA LYS D 62 6.44 37.52 -34.09
C LYS D 62 5.64 37.08 -32.84
N PRO D 63 5.51 35.75 -32.62
CA PRO D 63 6.07 34.64 -33.39
C PRO D 63 5.25 34.22 -34.62
N THR D 64 5.94 33.73 -35.64
CA THR D 64 5.30 33.11 -36.81
C THR D 64 6.03 31.81 -37.17
N LEU D 65 5.26 30.72 -37.25
CA LEU D 65 5.79 29.42 -37.64
C LEU D 65 5.38 29.12 -39.08
N VAL D 66 6.38 28.77 -39.90
CA VAL D 66 6.15 28.46 -41.31
C VAL D 66 6.61 27.03 -41.57
N ASP D 67 5.67 26.20 -42.03
CA ASP D 67 5.89 24.78 -42.24
C ASP D 67 5.19 24.35 -43.53
N ARG D 68 5.98 24.17 -44.59
CA ARG D 68 5.52 23.82 -45.94
C ARG D 68 4.43 24.78 -46.45
N GLU D 69 3.19 24.30 -46.49
CA GLU D 69 2.06 25.09 -46.97
C GLU D 69 1.41 25.90 -45.85
N LEU D 70 1.85 25.67 -44.60
CA LEU D 70 1.19 26.18 -43.41
C LEU D 70 1.91 27.32 -42.70
N VAL D 71 1.26 28.49 -42.65
CA VAL D 71 1.71 29.61 -41.83
C VAL D 71 0.83 29.68 -40.58
N LEU D 72 1.47 29.81 -39.42
CA LEU D 72 0.75 29.99 -38.15
C LEU D 72 1.27 31.14 -37.32
N TYR D 73 0.33 31.97 -36.87
CA TYR D 73 0.60 33.00 -35.86
C TYR D 73 -0.37 32.79 -34.68
N ASN D 74 -0.27 33.67 -33.67
CA ASN D 74 -0.81 33.47 -32.31
C ASN D 74 -0.10 32.35 -31.57
N ALA D 75 0.56 32.72 -30.48
CA ALA D 75 1.50 31.85 -29.77
C ALA D 75 0.89 30.56 -29.22
N GLN D 76 -0.35 30.64 -28.73
CA GLN D 76 -1.07 29.46 -28.24
C GLN D 76 -1.51 28.54 -29.37
N ILE D 77 -1.90 29.12 -30.52
CA ILE D 77 -2.22 28.35 -31.74
C ILE D 77 -1.00 27.59 -32.24
N ILE D 78 0.17 28.24 -32.15
CA ILE D 78 1.46 27.61 -32.48
C ILE D 78 1.81 26.51 -31.46
N MET D 79 1.76 26.86 -30.16
CA MET D 79 2.11 25.93 -29.07
C MET D 79 1.24 24.67 -29.04
N GLU D 80 -0.05 24.83 -29.31
CA GLU D 80 -0.97 23.69 -29.35
C GLU D 80 -0.79 22.83 -30.59
N TYR D 81 -0.41 23.45 -31.71
CA TYR D 81 -0.03 22.71 -32.91
C TYR D 81 1.21 21.87 -32.69
N LEU D 82 2.17 22.42 -31.94
CA LEU D 82 3.42 21.74 -31.63
C LEU D 82 3.24 20.60 -30.63
N ASP D 83 2.18 20.67 -29.83
CA ASP D 83 1.82 19.59 -28.91
C ASP D 83 0.98 18.50 -29.60
N GLU D 84 0.27 18.90 -30.66
CA GLU D 84 -0.58 17.99 -31.43
C GLU D 84 0.18 17.24 -32.54
N ARG D 85 1.17 17.89 -33.15
CA ARG D 85 2.00 17.26 -34.18
C ARG D 85 3.11 16.43 -33.55
N PHE D 86 3.65 16.91 -32.44
CA PHE D 86 4.70 16.21 -31.71
C PHE D 86 4.20 15.87 -30.31
N PRO D 87 3.63 14.66 -30.14
CA PRO D 87 2.97 14.27 -28.89
C PRO D 87 3.92 14.02 -27.72
N HIS D 88 5.19 13.80 -28.01
CA HIS D 88 6.15 13.34 -27.01
C HIS D 88 7.26 14.34 -26.78
N PRO D 89 7.40 14.85 -25.54
CA PRO D 89 6.53 14.64 -24.36
C PRO D 89 5.31 15.58 -24.35
N PRO D 90 4.17 15.11 -23.78
CA PRO D 90 2.96 15.93 -23.73
C PRO D 90 3.06 17.11 -22.77
N LEU D 91 2.52 18.25 -23.21
CA LEU D 91 2.55 19.48 -22.42
C LEU D 91 1.11 19.93 -22.14
N MET D 92 0.17 19.04 -22.43
CA MET D 92 -1.25 19.23 -22.13
C MET D 92 -1.81 17.96 -21.50
N PRO D 93 -2.76 18.08 -20.55
CA PRO D 93 -3.45 16.93 -19.94
C PRO D 93 -4.26 16.11 -20.94
N VAL D 94 -4.73 14.94 -20.51
CA VAL D 94 -5.46 14.04 -21.42
C VAL D 94 -6.96 14.28 -21.33
N TYR D 95 -7.43 14.49 -20.10
CA TYR D 95 -8.86 14.61 -19.80
C TYR D 95 -9.36 16.05 -19.98
N PRO D 96 -10.55 16.23 -20.61
CA PRO D 96 -11.06 17.55 -21.05
C PRO D 96 -11.25 18.60 -19.96
N VAL D 97 -11.58 18.18 -18.74
CA VAL D 97 -11.75 19.06 -17.58
C VAL D 97 -10.43 19.74 -17.23
N ALA D 98 -9.38 18.94 -17.07
CA ALA D 98 -8.03 19.43 -16.78
C ALA D 98 -7.43 20.23 -17.93
N ARG D 99 -7.83 19.89 -19.16
CA ARG D 99 -7.43 20.62 -20.36
C ARG D 99 -8.04 22.01 -20.40
N GLY D 100 -9.33 22.09 -20.09
CA GLY D 100 -10.06 23.36 -20.06
C GLY D 100 -9.60 24.28 -18.95
N THR D 101 -9.23 23.68 -17.81
CA THR D 101 -8.59 24.38 -16.70
C THR D 101 -7.22 24.92 -17.13
N SER D 102 -6.46 24.11 -17.88
CA SER D 102 -5.14 24.49 -18.37
C SER D 102 -5.23 25.67 -19.34
N ARG D 103 -6.23 25.64 -20.23
CA ARG D 103 -6.45 26.70 -21.21
C ARG D 103 -6.92 28.00 -20.58
N LEU D 104 -7.70 27.88 -19.50
CA LEU D 104 -8.21 29.04 -18.76
C LEU D 104 -7.10 29.74 -18.01
N MET D 105 -6.16 28.97 -17.45
CA MET D 105 -4.99 29.53 -16.79
C MET D 105 -4.05 30.20 -17.78
N MET D 106 -3.89 29.59 -18.97
CA MET D 106 -3.11 30.17 -20.07
C MET D 106 -3.74 31.49 -20.54
N TYR D 107 -5.07 31.53 -20.57
CA TYR D 107 -5.84 32.74 -20.90
C TYR D 107 -5.66 33.86 -19.87
N ARG D 108 -5.72 33.49 -18.59
CA ARG D 108 -5.67 34.47 -17.50
C ARG D 108 -4.30 35.08 -17.30
N ILE D 109 -3.25 34.28 -17.49
CA ILE D 109 -1.86 34.76 -17.47
C ILE D 109 -1.64 35.77 -18.60
N GLU D 110 -2.18 35.45 -19.78
CA GLU D 110 -2.17 36.34 -20.94
C GLU D 110 -2.92 37.65 -20.70
N ARG D 111 -4.11 37.56 -20.11
CA ARG D 111 -4.96 38.73 -19.93
C ARG D 111 -4.55 39.61 -18.75
N ASP D 112 -4.12 39.00 -17.65
CA ASP D 112 -3.89 39.73 -16.39
C ASP D 112 -2.43 40.06 -16.11
N TRP D 113 -1.51 39.22 -16.58
CA TRP D 113 -0.10 39.34 -16.21
C TRP D 113 0.76 39.79 -17.36
N TYR D 114 0.51 39.22 -18.53
CA TYR D 114 1.26 39.53 -19.76
C TYR D 114 0.97 40.94 -20.25
N SER D 115 -0.25 41.40 -20.03
CA SER D 115 -0.68 42.77 -20.32
C SER D 115 0.04 43.78 -19.44
N LEU D 116 0.26 43.42 -18.17
CA LEU D 116 1.02 44.24 -17.23
C LEU D 116 2.50 44.35 -17.62
N ALA D 117 3.05 43.25 -18.13
CA ALA D 117 4.45 43.17 -18.57
C ALA D 117 4.79 44.15 -19.71
N GLU D 118 3.81 44.41 -20.56
CA GLU D 118 3.90 45.43 -21.62
C GLU D 118 4.00 46.82 -20.99
N LYS D 119 3.18 47.06 -19.97
CA LYS D 119 3.13 48.33 -19.26
C LYS D 119 4.37 48.64 -18.42
N ILE D 120 4.96 47.62 -17.80
CA ILE D 120 6.20 47.74 -17.02
C ILE D 120 7.40 48.12 -17.93
N GLN D 121 7.37 47.62 -19.16
CA GLN D 121 8.34 48.03 -20.18
C GLN D 121 8.16 49.48 -20.66
N LYS D 122 6.96 50.03 -20.41
CA LYS D 122 6.66 51.45 -20.67
C LYS D 122 6.75 52.28 -19.37
N ASN D 123 7.37 51.69 -18.35
CA ASN D 123 7.56 52.27 -17.00
C ASN D 123 6.31 52.62 -16.20
N ASP D 124 5.33 51.72 -16.23
CA ASP D 124 4.15 51.82 -15.37
C ASP D 124 4.48 51.13 -14.03
N ALA D 125 4.61 51.94 -12.98
CA ALA D 125 4.98 51.46 -11.66
C ALA D 125 3.83 50.82 -10.90
N GLN D 126 2.60 51.16 -11.29
CA GLN D 126 1.40 50.51 -10.75
C GLN D 126 1.28 49.10 -11.28
N ALA D 127 1.63 48.92 -12.55
CA ALA D 127 1.67 47.60 -13.21
C ALA D 127 2.77 46.71 -12.64
N ARG D 128 3.86 47.32 -12.17
CA ARG D 128 4.96 46.61 -11.52
C ARG D 128 4.53 46.08 -10.15
N GLN D 129 3.80 46.89 -9.41
CA GLN D 129 3.31 46.54 -8.08
C GLN D 129 2.17 45.52 -8.16
N GLU D 130 1.33 45.66 -9.20
CA GLU D 130 0.19 44.77 -9.44
C GLU D 130 0.65 43.36 -9.83
N LEU D 131 1.72 43.30 -10.62
CA LEU D 131 2.34 42.03 -11.02
C LEU D 131 3.00 41.32 -9.83
N LYS D 132 3.73 42.08 -9.00
CA LYS D 132 4.38 41.53 -7.82
C LYS D 132 3.35 41.00 -6.80
N GLU D 133 2.27 41.75 -6.61
CA GLU D 133 1.19 41.35 -5.71
C GLU D 133 0.35 40.19 -6.25
N GLY D 134 0.22 40.13 -7.58
CA GLY D 134 -0.50 39.06 -8.25
C GLY D 134 0.23 37.73 -8.16
N ILE D 135 1.54 37.78 -8.37
CA ILE D 135 2.42 36.60 -8.28
C ILE D 135 2.48 36.08 -6.83
N LEU D 136 2.64 36.99 -5.87
CA LEU D 136 2.75 36.63 -4.44
C LEU D 136 1.45 36.12 -3.81
N SER D 137 0.31 36.45 -4.40
CA SER D 137 -0.99 35.97 -3.92
C SER D 137 -1.27 34.54 -4.34
N LEU D 138 -0.70 34.14 -5.49
CA LEU D 138 -0.84 32.77 -6.00
C LEU D 138 0.20 31.80 -5.44
N ALA D 139 0.96 32.26 -4.43
CA ALA D 139 1.98 31.46 -3.72
C ALA D 139 1.57 30.13 -3.06
N PRO D 140 0.34 30.02 -2.47
CA PRO D 140 -0.03 28.71 -1.91
C PRO D 140 -0.23 27.58 -2.92
N ILE D 141 -0.47 27.92 -4.19
CA ILE D 141 -0.64 26.91 -5.24
C ILE D 141 0.71 26.28 -5.64
N PHE D 142 1.81 27.03 -5.46
CA PHE D 142 3.16 26.52 -5.72
C PHE D 142 3.66 25.59 -4.61
N ALA D 143 2.99 25.64 -3.45
CA ALA D 143 3.26 24.73 -2.35
C ALA D 143 2.59 23.37 -2.54
N ASP D 144 1.53 23.34 -3.38
CA ASP D 144 0.77 22.12 -3.67
C ASP D 144 1.54 21.17 -4.57
N THR D 145 1.77 21.60 -5.80
CA THR D 145 2.37 20.79 -6.86
C THR D 145 3.69 21.43 -7.30
N PRO D 146 4.66 20.64 -7.81
CA PRO D 146 5.95 21.21 -8.26
C PRO D 146 5.88 22.10 -9.50
N TYR D 147 4.78 21.99 -10.25
CA TYR D 147 4.52 22.84 -11.42
C TYR D 147 3.13 23.43 -11.23
N PHE D 148 2.75 24.40 -12.09
CA PHE D 148 1.49 25.14 -11.93
C PHE D 148 0.27 24.25 -12.18
N MET D 149 -0.45 23.97 -11.08
CA MET D 149 -1.65 23.12 -11.03
C MET D 149 -1.51 21.72 -11.67
N SER D 150 -0.31 21.16 -11.56
CA SER D 150 0.11 19.94 -12.25
C SER D 150 1.38 19.35 -11.63
N GLU D 151 1.46 18.03 -11.60
CA GLU D 151 2.63 17.34 -11.06
C GLU D 151 3.79 17.29 -12.06
N GLU D 152 3.47 17.50 -13.34
CA GLU D 152 4.46 17.52 -14.41
C GLU D 152 4.43 18.83 -15.23
N PHE D 153 5.54 19.10 -15.91
CA PHE D 153 5.74 20.31 -16.73
C PHE D 153 4.77 20.40 -17.92
N SER D 154 3.89 21.39 -17.89
CA SER D 154 2.92 21.61 -18.96
C SER D 154 3.14 22.94 -19.69
N LEU D 155 2.25 23.24 -20.65
CA LEU D 155 2.24 24.51 -21.39
C LEU D 155 1.92 25.74 -20.52
N VAL D 156 1.32 25.51 -19.35
CA VAL D 156 1.02 26.58 -18.39
C VAL D 156 2.33 27.06 -17.74
N ASP D 157 3.26 26.13 -17.53
CA ASP D 157 4.61 26.45 -17.11
C ASP D 157 5.42 27.11 -18.22
N CYS D 158 5.03 26.87 -19.47
CA CYS D 158 5.61 27.54 -20.64
C CYS D 158 5.17 29.01 -20.77
N TYR D 159 4.11 29.39 -20.06
CA TYR D 159 3.69 30.78 -19.96
C TYR D 159 4.43 31.51 -18.85
N LEU D 160 4.72 30.80 -17.77
CA LEU D 160 5.33 31.40 -16.58
C LEU D 160 6.84 31.51 -16.61
N ALA D 161 7.49 30.57 -17.30
CA ALA D 161 8.94 30.58 -17.47
C ALA D 161 9.53 31.83 -18.17
N PRO D 162 8.88 32.37 -19.24
CA PRO D 162 9.40 33.64 -19.78
C PRO D 162 9.16 34.86 -18.89
N LEU D 163 8.01 34.90 -18.22
CA LEU D 163 7.61 36.04 -17.39
C LEU D 163 8.42 36.16 -16.10
N LEU D 164 8.66 35.03 -15.44
CA LEU D 164 9.42 35.02 -14.17
C LEU D 164 10.91 35.16 -14.39
N TRP D 165 11.36 34.89 -15.61
CA TRP D 165 12.74 35.09 -16.02
C TRP D 165 13.04 36.55 -16.16
N ARG D 166 12.05 37.30 -16.65
CA ARG D 166 12.19 38.73 -16.93
C ARG D 166 11.88 39.62 -15.72
N LEU D 167 11.64 38.99 -14.58
CA LEU D 167 11.28 39.65 -13.33
C LEU D 167 12.28 40.68 -12.75
N PRO D 168 13.61 40.43 -12.84
CA PRO D 168 14.51 41.53 -12.42
C PRO D 168 14.59 42.67 -13.44
N ALA D 169 14.34 42.36 -14.71
CA ALA D 169 14.24 43.36 -15.76
C ALA D 169 12.94 44.16 -15.68
N TYR D 170 11.94 43.59 -14.99
CA TYR D 170 10.72 44.31 -14.62
C TYR D 170 10.88 45.10 -13.31
N GLY D 171 12.07 45.02 -12.71
CA GLY D 171 12.35 45.68 -11.44
C GLY D 171 11.59 45.08 -10.26
N ILE D 172 11.27 43.80 -10.34
CA ILE D 172 10.55 43.10 -9.29
C ILE D 172 11.49 42.14 -8.57
N ASP D 173 11.61 42.34 -7.26
CA ASP D 173 12.34 41.43 -6.39
C ASP D 173 11.33 40.85 -5.42
N LEU D 174 11.12 39.52 -5.49
CA LEU D 174 10.10 38.85 -4.68
C LEU D 174 10.53 38.67 -3.24
N GLU D 175 9.77 39.28 -2.35
CA GLU D 175 10.07 39.34 -0.93
C GLU D 175 8.77 39.14 -0.15
N GLY D 176 8.91 38.62 1.07
CA GLY D 176 7.76 38.39 1.94
C GLY D 176 7.60 36.93 2.29
N GLN D 177 6.42 36.58 2.81
CA GLN D 177 6.12 35.20 3.20
C GLN D 177 5.90 34.28 2.00
N GLY D 178 5.32 34.83 0.94
CA GLY D 178 4.97 34.06 -0.25
C GLY D 178 6.13 33.74 -1.19
N ALA D 179 7.23 34.49 -1.03
CA ALA D 179 8.38 34.44 -1.94
C ALA D 179 9.15 33.12 -1.96
N LYS D 180 9.14 32.43 -0.83
CA LYS D 180 9.84 31.15 -0.64
C LYS D 180 9.39 30.08 -1.65
N GLU D 181 8.08 29.98 -1.85
CA GLU D 181 7.48 29.01 -2.77
C GLU D 181 7.73 29.33 -4.24
N ILE D 182 7.68 30.62 -4.59
CA ILE D 182 7.87 31.06 -5.99
C ILE D 182 9.32 30.88 -6.45
N LYS D 183 10.27 31.18 -5.56
CA LYS D 183 11.69 31.03 -5.84
C LYS D 183 12.08 29.56 -6.07
N GLN D 184 11.46 28.68 -5.28
CA GLN D 184 11.64 27.23 -5.39
C GLN D 184 11.05 26.69 -6.70
N TYR D 185 9.93 27.27 -7.12
CA TYR D 185 9.30 26.97 -8.41
C TYR D 185 10.13 27.51 -9.58
N MET D 186 10.67 28.72 -9.40
CA MET D 186 11.51 29.38 -10.41
C MET D 186 12.80 28.62 -10.64
N VAL D 187 13.45 28.19 -9.55
CA VAL D 187 14.70 27.42 -9.63
C VAL D 187 14.49 26.03 -10.25
N ARG D 188 13.28 25.48 -10.08
CA ARG D 188 12.88 24.21 -10.70
C ARG D 188 12.68 24.38 -12.19
N LEU D 189 12.22 25.56 -12.57
CA LEU D 189 11.88 25.87 -13.95
C LEU D 189 13.12 26.30 -14.74
N PHE D 190 14.02 27.04 -14.10
CA PHE D 190 15.19 27.62 -14.80
C PHE D 190 16.34 26.62 -14.99
N GLU D 191 16.41 25.63 -14.10
CA GLU D 191 17.47 24.60 -14.17
C GLU D 191 17.30 23.57 -15.30
N ARG D 192 16.13 23.59 -15.95
CA ARG D 192 15.85 22.76 -17.12
C ARG D 192 16.77 23.13 -18.27
N LYS D 193 17.35 22.11 -18.90
CA LYS D 193 18.26 22.27 -20.05
C LYS D 193 17.52 22.89 -21.24
N THR D 194 16.25 22.48 -21.40
CA THR D 194 15.37 23.00 -22.45
C THR D 194 15.04 24.47 -22.27
N PHE D 195 15.03 24.95 -21.02
CA PHE D 195 14.88 26.37 -20.74
C PHE D 195 16.12 27.15 -21.15
N GLN D 196 17.29 26.63 -20.77
CA GLN D 196 18.56 27.29 -21.05
C GLN D 196 18.99 27.18 -22.52
N ASP D 197 18.44 26.20 -23.23
CA ASP D 197 18.61 26.09 -24.68
C ASP D 197 17.62 26.94 -25.47
N SER D 198 16.57 27.42 -24.80
CA SER D 198 15.58 28.31 -25.42
C SER D 198 15.98 29.77 -25.33
N LEU D 199 16.95 30.07 -24.47
CA LEU D 199 17.40 31.44 -24.22
C LEU D 199 18.32 31.97 -25.29
N THR D 200 17.97 33.13 -25.83
CA THR D 200 18.85 33.89 -26.72
C THR D 200 19.85 34.69 -25.88
N GLU D 201 20.86 35.26 -26.54
CA GLU D 201 21.90 36.04 -25.88
C GLU D 201 21.34 37.28 -25.17
N GLU D 202 20.38 37.92 -25.82
CA GLU D 202 19.64 39.08 -25.28
C GLU D 202 18.86 38.71 -24.02
N GLU D 203 18.26 37.51 -24.04
CA GLU D 203 17.50 37.00 -22.90
C GLU D 203 18.42 36.56 -21.76
N LYS D 204 19.61 36.08 -22.10
CA LYS D 204 20.61 35.69 -21.11
C LYS D 204 21.20 36.91 -20.40
N GLU D 205 21.36 38.01 -21.14
CA GLU D 205 21.97 39.23 -20.61
C GLU D 205 21.12 39.99 -19.58
N LEU D 206 19.79 39.82 -19.66
CA LEU D 206 18.84 40.45 -18.74
C LEU D 206 19.05 40.10 -17.27
N ALA D 207 19.43 38.84 -17.02
CA ALA D 207 19.66 38.33 -15.67
C ALA D 207 20.97 38.86 -15.04
N ARG D 208 21.96 39.16 -15.88
CA ARG D 208 23.26 39.65 -15.41
C ARG D 208 23.38 41.16 -15.36
N ASN D 209 22.66 41.87 -16.24
CA ASN D 209 22.66 43.33 -16.27
C ASN D 209 21.89 43.94 -15.10
N ALA D 210 20.71 43.38 -14.80
CA ALA D 210 19.84 43.89 -13.74
C ALA D 210 20.32 43.49 -12.36
N SER E 11 -18.54 -6.34 45.34
CA SER E 11 -18.90 -7.51 44.50
C SER E 11 -18.59 -7.23 43.03
N VAL E 12 -19.31 -6.28 42.46
CA VAL E 12 -19.18 -5.85 41.07
C VAL E 12 -19.20 -4.32 41.09
N MET E 13 -18.54 -3.69 40.13
CA MET E 13 -18.52 -2.22 40.00
C MET E 13 -19.92 -1.64 39.79
N THR E 14 -20.12 -0.43 40.30
CA THR E 14 -21.40 0.26 40.17
C THR E 14 -21.22 1.58 39.42
N LEU E 15 -21.90 1.71 38.28
CA LEU E 15 -21.88 2.93 37.49
C LEU E 15 -23.13 3.77 37.72
N TYR E 16 -22.92 5.05 38.03
CA TYR E 16 -23.98 6.02 38.16
C TYR E 16 -24.12 6.84 36.88
N SER E 17 -24.87 6.29 35.94
CA SER E 17 -24.99 6.84 34.59
C SER E 17 -26.27 7.65 34.39
N GLY E 18 -26.19 8.66 33.53
CA GLY E 18 -27.39 9.34 33.05
C GLY E 18 -28.06 8.51 31.97
N LYS E 19 -29.34 8.77 31.74
CA LYS E 19 -30.11 8.02 30.74
C LYS E 19 -29.88 8.50 29.30
N ASP E 20 -29.68 9.81 29.15
CA ASP E 20 -29.40 10.41 27.84
C ASP E 20 -28.21 11.37 27.92
N ASP E 21 -27.25 11.01 28.77
CA ASP E 21 -26.06 11.83 29.00
C ASP E 21 -24.97 11.41 28.01
N LEU E 22 -24.27 12.41 27.48
CA LEU E 22 -23.22 12.23 26.48
C LEU E 22 -21.95 11.58 27.04
N LYS E 23 -21.53 12.01 28.23
CA LYS E 23 -20.34 11.49 28.89
C LYS E 23 -20.57 10.12 29.55
N SER E 24 -21.81 9.84 29.92
CA SER E 24 -22.19 8.54 30.50
C SER E 24 -22.26 7.45 29.45
N HIS E 25 -22.60 7.85 28.22
CA HIS E 25 -22.64 6.94 27.07
C HIS E 25 -21.28 6.43 26.71
N GLN E 26 -20.28 7.33 26.78
CA GLN E 26 -18.87 7.00 26.59
C GLN E 26 -18.44 5.84 27.48
N VAL E 27 -18.64 6.01 28.79
CA VAL E 27 -18.29 5.01 29.81
C VAL E 27 -19.02 3.67 29.61
N ARG E 28 -20.30 3.74 29.26
CA ARG E 28 -21.10 2.58 28.91
C ARG E 28 -20.56 1.84 27.67
N LEU E 29 -20.08 2.61 26.70
CA LEU E 29 -19.47 2.08 25.48
C LEU E 29 -18.16 1.36 25.79
N VAL E 30 -17.37 1.98 26.66
CA VAL E 30 -16.05 1.46 27.04
C VAL E 30 -16.19 0.16 27.84
N LEU E 31 -17.18 0.12 28.74
CA LEU E 31 -17.49 -1.10 29.52
C LEU E 31 -17.97 -2.25 28.63
N ALA E 32 -18.65 -1.92 27.54
CA ALA E 32 -19.12 -2.91 26.57
C ALA E 32 -17.97 -3.48 25.73
N GLU E 33 -17.06 -2.61 25.34
CA GLU E 33 -15.88 -2.98 24.56
C GLU E 33 -14.91 -3.81 25.38
N LYS E 34 -14.86 -3.54 26.69
CA LYS E 34 -14.08 -4.34 27.62
C LYS E 34 -14.74 -5.68 27.89
N GLY E 35 -16.08 -5.70 27.81
CA GLY E 35 -16.87 -6.90 28.08
C GLY E 35 -17.30 -7.09 29.54
N VAL E 36 -16.81 -6.23 30.43
CA VAL E 36 -17.12 -6.31 31.87
C VAL E 36 -18.55 -5.86 32.21
N GLY E 37 -19.22 -6.66 33.02
CA GLY E 37 -20.56 -6.33 33.50
C GLY E 37 -20.51 -5.42 34.70
N VAL E 38 -21.55 -4.61 34.85
CA VAL E 38 -21.56 -3.52 35.80
C VAL E 38 -23.01 -3.28 36.28
N GLU E 39 -23.19 -2.94 37.55
CA GLU E 39 -24.50 -2.53 38.07
C GLU E 39 -24.74 -1.07 37.70
N ILE E 40 -25.63 -0.84 36.73
CA ILE E 40 -25.92 0.53 36.29
C ILE E 40 -27.11 1.13 37.04
N THR E 41 -26.82 2.01 37.97
CA THR E 41 -27.83 2.82 38.65
C THR E 41 -28.05 4.08 37.83
N TYR E 42 -29.19 4.14 37.14
CA TYR E 42 -29.55 5.31 36.35
C TYR E 42 -30.01 6.47 37.20
N VAL E 43 -29.39 7.64 36.98
CA VAL E 43 -29.68 8.85 37.73
C VAL E 43 -30.23 9.97 36.84
N THR E 44 -30.98 10.89 37.46
CA THR E 44 -31.56 12.04 36.76
C THR E 44 -31.33 13.33 37.55
N ASP E 45 -31.43 14.48 36.88
CA ASP E 45 -31.29 15.80 37.48
C ASP E 45 -32.34 16.08 38.55
N GLU E 46 -33.53 15.52 38.35
CA GLU E 46 -34.61 15.56 39.32
C GLU E 46 -34.27 14.72 40.54
N SER E 47 -34.03 13.43 40.32
CA SER E 47 -33.79 12.48 41.41
C SER E 47 -32.34 12.00 41.46
N THR E 48 -31.57 12.59 42.39
CA THR E 48 -30.20 12.16 42.66
C THR E 48 -30.15 11.38 43.99
N PRO E 49 -29.77 10.09 43.93
CA PRO E 49 -29.54 9.19 45.08
C PRO E 49 -28.62 9.73 46.17
N GLU E 50 -28.89 9.31 47.40
CA GLU E 50 -28.15 9.75 48.59
C GLU E 50 -26.73 9.21 48.61
N ASP E 51 -26.56 8.00 48.07
CA ASP E 51 -25.26 7.32 47.98
C ASP E 51 -24.29 8.12 47.11
N LEU E 52 -24.78 8.50 45.94
CA LEU E 52 -24.02 9.27 44.95
C LEU E 52 -23.65 10.67 45.45
N LEU E 53 -24.58 11.30 46.17
CA LEU E 53 -24.42 12.66 46.70
C LEU E 53 -23.26 12.79 47.70
N GLN E 54 -23.03 11.73 48.47
CA GLN E 54 -21.94 11.69 49.44
C GLN E 54 -20.59 11.45 48.79
N LEU E 55 -20.58 10.69 47.69
CA LEU E 55 -19.36 10.32 46.98
C LEU E 55 -18.85 11.39 46.01
N ASN E 56 -19.78 12.00 45.28
CA ASN E 56 -19.47 13.04 44.30
C ASN E 56 -19.80 14.43 44.86
N PRO E 57 -18.77 15.24 45.12
CA PRO E 57 -18.97 16.57 45.71
C PRO E 57 -19.23 17.69 44.69
N TYR E 58 -19.59 17.31 43.47
CA TYR E 58 -19.73 18.26 42.36
C TYR E 58 -21.16 18.25 41.79
N PRO E 59 -21.63 19.40 41.26
CA PRO E 59 -22.96 19.57 40.62
C PRO E 59 -23.31 18.51 39.58
N GLU E 60 -22.41 18.28 38.62
CA GLU E 60 -22.55 17.15 37.70
C GLU E 60 -21.98 15.90 38.34
N ALA E 61 -22.86 14.96 38.65
CA ALA E 61 -22.48 13.73 39.32
C ALA E 61 -22.41 12.52 38.39
N LYS E 62 -23.06 12.60 37.22
CA LYS E 62 -22.97 11.53 36.22
C LYS E 62 -21.90 11.84 35.15
N PRO E 63 -21.04 10.86 34.84
CA PRO E 63 -20.96 9.51 35.41
C PRO E 63 -20.02 9.37 36.62
N THR E 64 -20.32 8.37 37.47
CA THR E 64 -19.45 8.00 38.59
C THR E 64 -19.34 6.47 38.68
N LEU E 65 -18.11 5.99 38.71
CA LEU E 65 -17.82 4.58 38.89
C LEU E 65 -17.37 4.30 40.32
N VAL E 66 -18.05 3.34 40.96
CA VAL E 66 -17.72 2.93 42.31
C VAL E 66 -17.21 1.49 42.26
N ASP E 67 -15.99 1.29 42.76
CA ASP E 67 -15.37 -0.03 42.77
C ASP E 67 -14.71 -0.30 44.12
N ARG E 68 -15.40 -1.12 44.94
CA ARG E 68 -15.01 -1.49 46.32
C ARG E 68 -14.74 -0.28 47.23
N GLU E 69 -13.48 0.18 47.22
CA GLU E 69 -13.04 1.32 48.03
C GLU E 69 -12.90 2.57 47.15
N LEU E 70 -12.57 2.33 45.88
CA LEU E 70 -12.26 3.37 44.90
C LEU E 70 -13.52 4.02 44.30
N VAL E 71 -13.62 5.33 44.50
CA VAL E 71 -14.67 6.14 43.85
C VAL E 71 -14.01 6.98 42.74
N LEU E 72 -14.55 6.88 41.53
CA LEU E 72 -14.02 7.64 40.41
C LEU E 72 -15.11 8.40 39.65
N TYR E 73 -14.85 9.68 39.46
CA TYR E 73 -15.66 10.53 38.60
C TYR E 73 -14.76 11.27 37.61
N ASN E 74 -15.36 12.06 36.73
CA ASN E 74 -14.77 12.57 35.47
C ASN E 74 -14.50 11.44 34.47
N ALA E 75 -15.21 11.50 33.35
CA ALA E 75 -15.31 10.39 32.40
C ALA E 75 -13.98 9.95 31.76
N GLN E 76 -13.08 10.90 31.48
CA GLN E 76 -11.78 10.56 30.89
C GLN E 76 -10.85 9.89 31.88
N ILE E 77 -11.00 10.23 33.17
CA ILE E 77 -10.30 9.50 34.25
C ILE E 77 -10.83 8.07 34.35
N ILE E 78 -12.16 7.92 34.22
CA ILE E 78 -12.81 6.60 34.27
C ILE E 78 -12.42 5.72 33.07
N MET E 79 -12.55 6.28 31.86
CA MET E 79 -12.20 5.60 30.60
C MET E 79 -10.74 5.12 30.56
N GLU E 80 -9.84 5.95 31.09
CA GLU E 80 -8.43 5.59 31.18
C GLU E 80 -8.15 4.57 32.29
N TYR E 81 -8.99 4.54 33.33
CA TYR E 81 -8.90 3.53 34.38
C TYR E 81 -9.31 2.17 33.85
N LEU E 82 -10.39 2.14 33.08
CA LEU E 82 -10.92 0.91 32.50
C LEU E 82 -9.96 0.30 31.48
N ASP E 83 -9.28 1.14 30.73
CA ASP E 83 -8.28 0.69 29.76
C ASP E 83 -7.02 0.13 30.45
N GLU E 84 -6.68 0.72 31.60
CA GLU E 84 -5.51 0.28 32.36
C GLU E 84 -5.77 -0.99 33.17
N ARG E 85 -6.92 -1.02 33.85
CA ARG E 85 -7.32 -2.15 34.70
C ARG E 85 -7.76 -3.37 33.87
N PHE E 86 -8.44 -3.12 32.75
CA PHE E 86 -8.80 -4.18 31.80
C PHE E 86 -8.10 -3.94 30.43
N PRO E 87 -6.87 -4.47 30.25
CA PRO E 87 -6.09 -4.25 29.03
C PRO E 87 -6.66 -4.77 27.71
N HIS E 88 -7.56 -5.75 27.77
CA HIS E 88 -8.03 -6.42 26.55
C HIS E 88 -9.47 -6.14 26.22
N PRO E 89 -9.73 -5.62 25.00
CA PRO E 89 -8.78 -5.14 23.98
C PRO E 89 -8.32 -3.71 24.27
N PRO E 90 -7.10 -3.35 23.81
CA PRO E 90 -6.59 -1.98 24.00
C PRO E 90 -7.41 -0.92 23.24
N LEU E 91 -7.72 0.16 23.93
CA LEU E 91 -8.42 1.30 23.34
C LEU E 91 -7.55 2.55 23.36
N MET E 92 -6.28 2.35 23.69
CA MET E 92 -5.26 3.39 23.66
C MET E 92 -4.03 2.85 22.94
N PRO E 93 -3.29 3.72 22.22
CA PRO E 93 -2.03 3.32 21.57
C PRO E 93 -0.94 2.91 22.55
N VAL E 94 0.16 2.36 22.02
CA VAL E 94 1.25 1.84 22.85
C VAL E 94 2.33 2.90 23.03
N TYR E 95 2.66 3.60 21.95
CA TYR E 95 3.75 4.56 21.90
C TYR E 95 3.31 5.98 22.31
N PRO E 96 4.15 6.69 23.11
CA PRO E 96 3.81 7.97 23.78
C PRO E 96 3.27 9.09 22.89
N VAL E 97 3.90 9.29 21.73
CA VAL E 97 3.54 10.31 20.74
C VAL E 97 2.09 10.13 20.27
N ALA E 98 1.75 8.89 19.95
CA ALA E 98 0.41 8.53 19.48
C ALA E 98 -0.62 8.68 20.59
N ARG E 99 -0.22 8.35 21.82
CA ARG E 99 -1.06 8.47 22.99
C ARG E 99 -1.35 9.92 23.33
N GLY E 100 -0.33 10.76 23.17
CA GLY E 100 -0.41 12.20 23.42
C GLY E 100 -1.36 12.89 22.46
N THR E 101 -1.23 12.52 21.19
CA THR E 101 -2.13 12.97 20.13
C THR E 101 -3.57 12.54 20.41
N SER E 102 -3.73 11.27 20.81
CA SER E 102 -5.04 10.72 21.21
C SER E 102 -5.68 11.50 22.35
N ARG E 103 -4.90 11.77 23.40
CA ARG E 103 -5.36 12.57 24.54
C ARG E 103 -5.70 14.00 24.17
N LEU E 104 -4.95 14.57 23.21
CA LEU E 104 -5.21 15.91 22.72
C LEU E 104 -6.48 15.99 21.89
N MET E 105 -6.68 15.00 21.01
CA MET E 105 -7.91 14.92 20.20
C MET E 105 -9.14 14.70 21.07
N MET E 106 -9.01 13.82 22.07
CA MET E 106 -10.05 13.63 23.10
C MET E 106 -10.36 14.94 23.85
N TYR E 107 -9.30 15.67 24.24
CA TYR E 107 -9.42 16.97 24.91
C TYR E 107 -10.16 17.99 24.06
N ARG E 108 -9.73 18.15 22.81
CA ARG E 108 -10.32 19.10 21.88
C ARG E 108 -11.77 18.79 21.54
N ILE E 109 -12.12 17.51 21.44
CA ILE E 109 -13.51 17.09 21.22
C ILE E 109 -14.42 17.49 22.40
N GLU E 110 -13.93 17.33 23.63
CA GLU E 110 -14.66 17.77 24.82
C GLU E 110 -14.77 19.30 24.90
N ARG E 111 -13.68 20.00 24.63
CA ARG E 111 -13.64 21.47 24.73
C ARG E 111 -14.41 22.18 23.60
N ASP E 112 -14.21 21.74 22.36
CA ASP E 112 -14.77 22.43 21.20
C ASP E 112 -16.16 21.93 20.83
N TRP E 113 -16.42 20.65 21.01
CA TRP E 113 -17.62 20.04 20.44
C TRP E 113 -18.67 19.63 21.43
N TYR E 114 -18.24 19.19 22.61
CA TYR E 114 -19.15 18.79 23.67
C TYR E 114 -19.75 20.00 24.36
N SER E 115 -19.00 21.11 24.36
CA SER E 115 -19.51 22.40 24.78
C SER E 115 -20.55 22.95 23.81
N LEU E 116 -20.33 22.76 22.50
CA LEU E 116 -21.30 23.10 21.46
C LEU E 116 -22.58 22.27 21.53
N ALA E 117 -22.45 21.02 21.97
CA ALA E 117 -23.57 20.09 22.11
C ALA E 117 -24.61 20.60 23.12
N GLU E 118 -24.13 21.13 24.24
CA GLU E 118 -24.98 21.73 25.28
C GLU E 118 -25.67 23.00 24.79
N LYS E 119 -24.96 23.78 23.96
CA LYS E 119 -25.47 24.99 23.34
C LYS E 119 -26.61 24.72 22.36
N ILE E 120 -26.48 23.67 21.54
CA ILE E 120 -27.52 23.25 20.59
C ILE E 120 -28.80 22.80 21.32
N GLN E 121 -28.63 22.13 22.46
CA GLN E 121 -29.74 21.76 23.35
C GLN E 121 -30.51 22.96 23.88
N LYS E 122 -29.79 24.07 24.10
CA LYS E 122 -30.37 25.36 24.49
C LYS E 122 -30.59 26.28 23.26
N ASN E 123 -30.85 25.66 22.11
CA ASN E 123 -31.23 26.29 20.83
C ASN E 123 -30.23 27.21 20.09
N ASP E 124 -28.93 27.03 20.32
CA ASP E 124 -27.90 27.84 19.64
C ASP E 124 -27.71 27.36 18.19
N ALA E 125 -28.17 28.19 17.26
CA ALA E 125 -28.14 27.88 15.83
C ALA E 125 -26.76 28.10 15.19
N GLN E 126 -25.91 28.89 15.86
CA GLN E 126 -24.53 29.07 15.43
C GLN E 126 -23.72 27.83 15.81
N ALA E 127 -23.99 27.30 17.00
CA ALA E 127 -23.34 26.07 17.51
C ALA E 127 -23.68 24.82 16.71
N ARG E 128 -24.88 24.81 16.10
CA ARG E 128 -25.32 23.73 15.21
C ARG E 128 -24.54 23.71 13.90
N GLN E 129 -24.39 24.88 13.26
CA GLN E 129 -23.65 25.00 12.01
C GLN E 129 -22.14 24.83 12.22
N GLU E 130 -21.67 25.23 13.41
CA GLU E 130 -20.26 25.12 13.78
C GLU E 130 -19.85 23.67 14.03
N LEU E 131 -20.75 22.88 14.65
CA LEU E 131 -20.53 21.45 14.85
C LEU E 131 -20.61 20.67 13.55
N LYS E 132 -21.59 21.02 12.71
CA LYS E 132 -21.75 20.42 11.38
C LYS E 132 -20.49 20.62 10.53
N GLU E 133 -19.99 21.87 10.48
CA GLU E 133 -18.80 22.20 9.72
C GLU E 133 -17.52 21.60 10.30
N GLY E 134 -17.49 21.48 11.62
CA GLY E 134 -16.36 20.89 12.34
C GLY E 134 -16.23 19.40 12.10
N ILE E 135 -17.36 18.69 12.19
CA ILE E 135 -17.40 17.24 11.98
C ILE E 135 -17.07 16.86 10.53
N LEU E 136 -17.63 17.61 9.57
CA LEU E 136 -17.40 17.40 8.13
C LEU E 136 -15.94 17.64 7.71
N SER E 137 -15.24 18.47 8.47
CA SER E 137 -13.84 18.80 8.20
C SER E 137 -12.89 17.64 8.49
N LEU E 138 -13.34 16.68 9.30
CA LEU E 138 -12.58 15.48 9.64
C LEU E 138 -12.46 14.45 8.52
N ALA E 139 -13.25 14.61 7.46
CA ALA E 139 -13.33 13.66 6.35
C ALA E 139 -12.02 13.14 5.71
N PRO E 140 -10.98 14.00 5.53
CA PRO E 140 -9.71 13.43 5.05
C PRO E 140 -8.97 12.44 5.98
N ILE E 141 -9.30 12.47 7.27
CA ILE E 141 -8.77 11.49 8.24
C ILE E 141 -9.30 10.09 7.93
N PHE E 142 -10.60 10.00 7.67
CA PHE E 142 -11.25 8.71 7.40
C PHE E 142 -11.04 8.20 5.97
N ALA E 143 -10.38 9.01 5.15
CA ALA E 143 -9.90 8.58 3.85
C ALA E 143 -8.59 7.80 4.00
N ASP E 144 -7.87 8.04 5.09
CA ASP E 144 -6.62 7.34 5.39
C ASP E 144 -6.84 6.09 6.26
N THR E 145 -7.43 6.28 7.43
CA THR E 145 -7.64 5.21 8.42
C THR E 145 -9.14 4.90 8.61
N PRO E 146 -9.49 3.65 8.98
CA PRO E 146 -10.92 3.34 9.17
C PRO E 146 -11.50 3.88 10.48
N TYR E 147 -10.65 4.18 11.45
CA TYR E 147 -11.09 4.83 12.69
C TYR E 147 -10.30 6.11 12.86
N PHE E 148 -10.60 6.88 13.92
CA PHE E 148 -9.99 8.19 14.07
C PHE E 148 -8.50 8.09 14.34
N MET E 149 -7.73 8.47 13.31
CA MET E 149 -6.26 8.49 13.30
C MET E 149 -5.63 7.17 13.77
N SER E 150 -6.24 6.06 13.33
CA SER E 150 -5.94 4.71 13.82
C SER E 150 -6.58 3.64 12.94
N GLU E 151 -5.86 2.54 12.76
CA GLU E 151 -6.39 1.37 12.04
C GLU E 151 -7.38 0.58 12.90
N GLU E 152 -7.32 0.78 14.21
CA GLU E 152 -8.21 0.10 15.15
C GLU E 152 -9.04 1.09 15.99
N PHE E 153 -10.21 0.63 16.42
CA PHE E 153 -11.15 1.37 17.30
C PHE E 153 -10.50 1.69 18.64
N SER E 154 -10.58 2.97 19.04
CA SER E 154 -9.95 3.48 20.26
C SER E 154 -10.91 4.38 21.04
N LEU E 155 -10.40 4.95 22.15
CA LEU E 155 -11.16 5.89 23.00
C LEU E 155 -11.58 7.20 22.32
N VAL E 156 -10.87 7.59 21.27
CA VAL E 156 -11.19 8.80 20.50
C VAL E 156 -12.48 8.56 19.71
N ASP E 157 -12.67 7.34 19.23
CA ASP E 157 -13.92 6.91 18.61
C ASP E 157 -15.04 6.78 19.65
N CYS E 158 -14.68 6.49 20.91
CA CYS E 158 -15.64 6.50 22.03
C CYS E 158 -16.07 7.91 22.46
N TYR E 159 -15.33 8.92 22.02
CA TYR E 159 -15.75 10.32 22.16
C TYR E 159 -16.71 10.70 21.04
N LEU E 160 -16.41 10.22 19.84
CA LEU E 160 -17.15 10.63 18.65
C LEU E 160 -18.49 9.92 18.48
N ALA E 161 -18.53 8.63 18.80
CA ALA E 161 -19.73 7.79 18.65
C ALA E 161 -21.01 8.31 19.34
N PRO E 162 -20.93 8.70 20.65
CA PRO E 162 -22.13 9.26 21.27
C PRO E 162 -22.59 10.57 20.64
N LEU E 163 -21.62 11.42 20.28
CA LEU E 163 -21.88 12.70 19.64
C LEU E 163 -22.52 12.55 18.25
N LEU E 164 -21.99 11.62 17.44
CA LEU E 164 -22.48 11.38 16.08
C LEU E 164 -23.82 10.65 16.05
N TRP E 165 -24.10 9.91 17.12
CA TRP E 165 -25.41 9.29 17.35
C TRP E 165 -26.50 10.31 17.54
N ARG E 166 -26.17 11.38 18.24
CA ARG E 166 -27.13 12.43 18.60
C ARG E 166 -27.32 13.53 17.55
N LEU E 167 -26.70 13.37 16.38
CA LEU E 167 -26.85 14.31 15.26
C LEU E 167 -28.28 14.68 14.79
N PRO E 168 -29.24 13.72 14.77
CA PRO E 168 -30.60 14.15 14.39
C PRO E 168 -31.30 14.93 15.50
N ALA E 169 -30.96 14.61 16.76
CA ALA E 169 -31.46 15.34 17.93
C ALA E 169 -30.87 16.76 18.00
N TYR E 170 -29.69 16.94 17.42
CA TYR E 170 -29.07 18.26 17.29
C TYR E 170 -29.57 19.00 16.05
N GLY E 171 -30.36 18.31 15.22
CA GLY E 171 -30.90 18.90 14.00
C GLY E 171 -29.86 19.05 12.90
N ILE E 172 -28.83 18.23 12.95
CA ILE E 172 -27.72 18.25 11.99
C ILE E 172 -27.92 17.16 10.95
N ASP E 173 -28.05 17.56 9.69
CA ASP E 173 -28.03 16.62 8.56
C ASP E 173 -26.74 16.83 7.78
N LEU E 174 -25.91 15.79 7.76
CA LEU E 174 -24.63 15.83 7.06
C LEU E 174 -24.82 15.78 5.54
N GLU E 175 -24.39 16.85 4.90
CA GLU E 175 -24.58 17.06 3.46
C GLU E 175 -23.41 17.85 2.90
N GLY E 176 -23.24 17.79 1.59
CA GLY E 176 -22.13 18.47 0.93
C GLY E 176 -20.90 17.60 0.97
N GLN E 177 -19.75 18.19 0.63
CA GLN E 177 -18.51 17.43 0.57
C GLN E 177 -18.03 17.04 1.96
N GLY E 178 -17.63 15.79 2.08
CA GLY E 178 -17.21 15.25 3.37
C GLY E 178 -18.22 14.34 4.05
N ALA E 179 -19.49 14.47 3.65
CA ALA E 179 -20.60 13.69 4.22
C ALA E 179 -20.43 12.20 4.01
N LYS E 180 -20.05 11.81 2.78
CA LYS E 180 -19.80 10.43 2.37
C LYS E 180 -18.78 9.70 3.27
N GLU E 181 -17.73 10.41 3.66
CA GLU E 181 -16.68 9.86 4.52
C GLU E 181 -17.12 9.70 5.98
N ILE E 182 -17.87 10.68 6.50
CA ILE E 182 -18.31 10.66 7.90
C ILE E 182 -19.46 9.67 8.10
N LYS E 183 -20.37 9.59 7.13
CA LYS E 183 -21.47 8.63 7.17
C LYS E 183 -20.98 7.19 7.14
N GLN E 184 -19.97 6.90 6.31
CA GLN E 184 -19.28 5.61 6.30
C GLN E 184 -18.61 5.28 7.63
N TYR E 185 -18.02 6.30 8.25
CA TYR E 185 -17.46 6.19 9.58
C TYR E 185 -18.52 5.88 10.62
N MET E 186 -19.67 6.57 10.51
CA MET E 186 -20.82 6.33 11.38
C MET E 186 -21.36 4.90 11.25
N VAL E 187 -21.37 4.36 10.03
CA VAL E 187 -21.72 2.96 9.76
C VAL E 187 -20.81 1.98 10.53
N ARG E 188 -19.49 2.18 10.46
CA ARG E 188 -18.49 1.32 11.15
C ARG E 188 -18.61 1.36 12.66
N LEU E 189 -19.13 2.48 13.14
CA LEU E 189 -19.21 2.80 14.55
C LEU E 189 -20.48 2.21 15.16
N PHE E 190 -21.59 2.37 14.45
CA PHE E 190 -22.91 2.02 14.98
C PHE E 190 -23.28 0.55 14.76
N GLU E 191 -22.73 -0.06 13.71
CA GLU E 191 -22.98 -1.48 13.40
C GLU E 191 -22.22 -2.43 14.35
N ARG E 192 -21.39 -1.87 15.22
CA ARG E 192 -20.77 -2.58 16.32
C ARG E 192 -21.82 -3.01 17.35
N LYS E 193 -21.72 -4.27 17.77
CA LYS E 193 -22.61 -4.87 18.76
C LYS E 193 -22.41 -4.21 20.11
N THR E 194 -21.15 -3.88 20.41
CA THR E 194 -20.75 -3.15 21.62
C THR E 194 -21.36 -1.75 21.69
N PHE E 195 -21.61 -1.13 20.54
CA PHE E 195 -22.29 0.17 20.50
C PHE E 195 -23.78 0.03 20.80
N GLN E 196 -24.41 -0.95 20.17
CA GLN E 196 -25.86 -1.18 20.31
C GLN E 196 -26.24 -1.70 21.70
N ASP E 197 -25.33 -2.44 22.33
CA ASP E 197 -25.54 -2.95 23.68
C ASP E 197 -25.34 -1.88 24.75
N SER E 198 -24.60 -0.83 24.41
CA SER E 198 -24.34 0.29 25.31
C SER E 198 -25.46 1.34 25.31
N LEU E 199 -26.37 1.23 24.33
CA LEU E 199 -27.50 2.15 24.19
C LEU E 199 -28.58 1.92 25.24
N THR E 200 -29.06 3.02 25.83
CA THR E 200 -30.26 2.99 26.66
C THR E 200 -31.48 3.10 25.77
N GLU E 201 -32.65 2.88 26.36
CA GLU E 201 -33.93 3.00 25.66
C GLU E 201 -34.22 4.43 25.23
N GLU E 202 -33.78 5.39 26.06
CA GLU E 202 -33.89 6.82 25.78
C GLU E 202 -33.00 7.25 24.61
N GLU E 203 -31.81 6.65 24.54
CA GLU E 203 -30.85 6.91 23.48
C GLU E 203 -31.28 6.30 22.14
N LYS E 204 -31.95 5.15 22.21
CA LYS E 204 -32.49 4.46 21.03
C LYS E 204 -33.66 5.23 20.39
N GLU E 205 -34.38 5.98 21.23
CA GLU E 205 -35.50 6.82 20.80
C GLU E 205 -35.08 8.02 19.96
N LEU E 206 -33.82 8.45 20.13
CA LEU E 206 -33.24 9.56 19.36
C LEU E 206 -33.07 9.22 17.88
N ALA E 207 -32.80 7.95 17.59
CA ALA E 207 -32.68 7.47 16.22
C ALA E 207 -34.02 7.40 15.50
N ARG E 208 -35.10 7.13 16.25
CA ARG E 208 -36.42 6.94 15.68
C ARG E 208 -37.25 8.22 15.56
N ASN E 209 -37.28 9.03 16.62
CA ASN E 209 -38.15 10.21 16.69
C ASN E 209 -37.67 11.41 15.88
N ALA E 210 -36.58 12.04 16.33
CA ALA E 210 -36.04 13.23 15.68
C ALA E 210 -35.14 12.85 14.50
N SER F 11 17.15 19.41 16.74
CA SER F 11 16.34 18.23 17.16
C SER F 11 16.28 18.08 18.68
N VAL F 12 15.88 19.18 19.32
CA VAL F 12 15.61 19.23 20.76
C VAL F 12 14.18 19.80 20.90
N MET F 13 13.45 19.37 21.93
CA MET F 13 12.09 19.85 22.21
C MET F 13 12.03 21.35 22.48
N THR F 14 10.87 21.95 22.15
CA THR F 14 10.64 23.38 22.28
C THR F 14 9.47 23.64 23.23
N LEU F 15 9.73 24.36 24.31
CA LEU F 15 8.68 24.73 25.26
C LEU F 15 8.36 26.22 25.23
N TYR F 16 7.12 26.53 24.91
CA TYR F 16 6.59 27.88 25.03
C TYR F 16 6.02 28.06 26.43
N SER F 17 6.81 28.65 27.33
CA SER F 17 6.45 28.81 28.74
C SER F 17 6.11 30.25 29.10
N GLY F 18 5.27 30.42 30.11
CA GLY F 18 5.06 31.72 30.73
C GLY F 18 6.11 31.96 31.80
N LYS F 19 6.50 33.22 32.00
CA LYS F 19 7.57 33.58 32.94
C LYS F 19 7.18 33.44 34.41
N ASP F 20 5.88 33.61 34.70
CA ASP F 20 5.33 33.45 36.05
C ASP F 20 4.01 32.68 36.01
N ASP F 21 3.86 31.85 34.97
CA ASP F 21 2.66 31.04 34.79
C ASP F 21 2.71 29.79 35.67
N LEU F 22 1.57 29.52 36.31
CA LEU F 22 1.37 28.41 37.25
C LEU F 22 1.46 27.04 36.56
N LYS F 23 0.79 26.90 35.42
CA LYS F 23 0.80 25.67 34.62
C LYS F 23 2.12 25.45 33.87
N SER F 24 2.80 26.54 33.52
CA SER F 24 4.11 26.47 32.86
C SER F 24 5.19 26.00 33.81
N HIS F 25 5.02 26.36 35.09
CA HIS F 25 5.92 25.95 36.17
C HIS F 25 5.86 24.47 36.44
N GLN F 26 4.67 23.88 36.25
CA GLN F 26 4.44 22.43 36.35
C GLN F 26 5.26 21.64 35.34
N VAL F 27 5.11 22.02 34.06
CA VAL F 27 5.83 21.42 32.92
C VAL F 27 7.34 21.49 33.12
N ARG F 28 7.82 22.68 33.50
CA ARG F 28 9.24 22.94 33.79
C ARG F 28 9.80 22.10 34.94
N LEU F 29 8.97 21.85 35.95
CA LEU F 29 9.30 20.96 37.07
C LEU F 29 9.46 19.50 36.64
N VAL F 30 8.57 19.06 35.75
CA VAL F 30 8.54 17.68 35.25
C VAL F 30 9.77 17.39 34.38
N LEU F 31 10.08 18.31 33.46
CA LEU F 31 11.27 18.23 32.60
C LEU F 31 12.59 18.19 33.38
N ALA F 32 12.63 18.89 34.50
CA ALA F 32 13.78 18.90 35.40
C ALA F 32 13.87 17.59 36.18
N GLU F 33 12.72 17.04 36.54
CA GLU F 33 12.63 15.74 37.22
C GLU F 33 13.08 14.59 36.31
N LYS F 34 12.81 14.71 35.02
CA LYS F 34 13.30 13.79 34.00
C LYS F 34 14.73 14.10 33.60
N GLY F 35 15.15 15.34 33.85
CA GLY F 35 16.50 15.81 33.51
C GLY F 35 16.74 15.95 32.02
N VAL F 36 15.69 16.27 31.26
CA VAL F 36 15.83 16.44 29.82
C VAL F 36 15.90 17.92 29.43
N GLY F 37 16.79 18.23 28.50
CA GLY F 37 17.04 19.61 28.09
C GLY F 37 16.07 20.06 27.02
N VAL F 38 15.61 21.30 27.16
CA VAL F 38 14.55 21.84 26.31
C VAL F 38 14.85 23.32 26.01
N GLU F 39 14.68 23.70 24.75
CA GLU F 39 14.82 25.10 24.34
C GLU F 39 13.56 25.87 24.70
N ILE F 40 13.66 26.73 25.73
CA ILE F 40 12.51 27.43 26.29
C ILE F 40 12.35 28.86 25.73
N THR F 41 11.23 29.07 25.03
CA THR F 41 10.85 30.38 24.51
C THR F 41 9.77 30.99 25.40
N TYR F 42 10.15 32.02 26.16
CA TYR F 42 9.23 32.66 27.08
C TYR F 42 8.27 33.62 26.39
N VAL F 43 6.99 33.51 26.77
CA VAL F 43 5.91 34.27 26.13
C VAL F 43 5.08 35.04 27.18
N THR F 44 4.43 36.10 26.74
CA THR F 44 3.58 36.93 27.61
C THR F 44 2.18 37.09 27.04
N ASP F 45 1.30 37.71 27.82
CA ASP F 45 -0.04 38.10 27.37
C ASP F 45 0.04 39.29 26.40
N GLU F 46 1.12 40.06 26.52
CA GLU F 46 1.41 41.18 25.63
C GLU F 46 1.76 40.73 24.21
N SER F 47 2.63 39.72 24.10
CA SER F 47 3.04 39.19 22.81
C SER F 47 3.13 37.66 22.78
N THR F 48 2.40 37.07 21.84
CA THR F 48 2.53 35.65 21.51
C THR F 48 2.95 35.55 20.03
N PRO F 49 4.09 34.87 19.75
CA PRO F 49 4.66 34.73 18.40
C PRO F 49 3.74 34.06 17.38
N GLU F 50 3.98 34.36 16.10
CA GLU F 50 3.25 33.80 14.96
C GLU F 50 3.43 32.28 14.86
N ASP F 51 4.59 31.80 15.33
CA ASP F 51 4.90 30.39 15.43
C ASP F 51 3.93 29.68 16.38
N LEU F 52 3.80 30.22 17.58
CA LEU F 52 2.91 29.67 18.62
C LEU F 52 1.43 29.85 18.29
N LEU F 53 1.11 30.93 17.59
CA LEU F 53 -0.26 31.28 17.21
C LEU F 53 -0.88 30.30 16.19
N GLN F 54 -0.04 29.74 15.32
CA GLN F 54 -0.47 28.71 14.36
C GLN F 54 -0.59 27.33 15.03
N LEU F 55 0.34 27.04 15.95
CA LEU F 55 0.39 25.74 16.64
C LEU F 55 -0.72 25.56 17.69
N ASN F 56 -1.01 26.63 18.43
CA ASN F 56 -2.06 26.62 19.44
C ASN F 56 -3.22 27.53 19.02
N PRO F 57 -4.44 26.96 18.92
CA PRO F 57 -5.61 27.77 18.54
C PRO F 57 -6.36 28.40 19.73
N TYR F 58 -5.90 28.16 20.95
CA TYR F 58 -6.61 28.59 22.15
C TYR F 58 -6.05 29.87 22.76
N PRO F 59 -6.93 30.76 23.27
CA PRO F 59 -6.63 31.99 24.03
C PRO F 59 -5.47 31.86 25.02
N GLU F 60 -5.45 30.78 25.81
CA GLU F 60 -4.27 30.41 26.59
C GLU F 60 -3.40 29.48 25.76
N ALA F 61 -2.35 30.06 25.18
CA ALA F 61 -1.45 29.36 24.27
C ALA F 61 -0.26 28.73 24.99
N LYS F 62 -0.12 29.01 26.28
CA LYS F 62 0.99 28.49 27.07
C LYS F 62 0.49 27.68 28.28
N PRO F 63 1.18 26.58 28.66
CA PRO F 63 2.35 25.94 28.02
C PRO F 63 2.05 25.14 26.76
N THR F 64 3.01 25.13 25.85
CA THR F 64 2.95 24.33 24.63
C THR F 64 4.29 23.66 24.41
N LEU F 65 4.29 22.32 24.36
CA LEU F 65 5.46 21.54 24.02
C LEU F 65 5.44 21.21 22.54
N VAL F 66 6.57 21.44 21.87
CA VAL F 66 6.74 21.12 20.45
C VAL F 66 7.91 20.14 20.29
N ASP F 67 7.60 18.97 19.75
CA ASP F 67 8.61 18.00 19.36
C ASP F 67 8.74 18.09 17.84
N ARG F 68 9.36 17.08 17.22
CA ARG F 68 9.65 17.08 15.77
C ARG F 68 8.44 17.43 14.90
N GLU F 69 7.47 16.52 14.84
CA GLU F 69 6.23 16.79 14.12
C GLU F 69 5.09 17.07 15.10
N LEU F 70 5.32 16.73 16.37
CA LEU F 70 4.29 16.75 17.41
C LEU F 70 4.19 18.07 18.17
N VAL F 71 2.99 18.64 18.21
CA VAL F 71 2.68 19.79 19.04
C VAL F 71 1.61 19.44 20.09
N LEU F 72 1.97 19.60 21.36
CA LEU F 72 1.07 19.30 22.47
C LEU F 72 0.82 20.49 23.37
N TYR F 73 -0.44 20.70 23.71
CA TYR F 73 -0.82 21.65 24.75
C TYR F 73 -1.66 20.94 25.82
N ASN F 74 -2.20 21.74 26.75
CA ASN F 74 -2.75 21.27 28.04
C ASN F 74 -1.72 20.62 28.95
N ALA F 75 -1.54 21.22 30.13
CA ALA F 75 -0.47 20.86 31.07
C ALA F 75 -0.43 19.37 31.44
N GLN F 76 -1.59 18.80 31.77
CA GLN F 76 -1.68 17.39 32.17
C GLN F 76 -1.34 16.42 31.03
N ILE F 77 -1.75 16.76 29.82
CA ILE F 77 -1.38 16.03 28.60
C ILE F 77 0.15 16.04 28.39
N ILE F 78 0.75 17.22 28.50
CA ILE F 78 2.21 17.40 28.37
C ILE F 78 2.95 16.59 29.44
N MET F 79 2.49 16.69 30.68
CA MET F 79 3.08 15.98 31.82
C MET F 79 2.97 14.46 31.73
N GLU F 80 1.85 13.97 31.19
CA GLU F 80 1.67 12.52 31.00
C GLU F 80 2.50 12.00 29.82
N TYR F 81 2.67 12.85 28.80
CA TYR F 81 3.56 12.56 27.67
C TYR F 81 5.02 12.43 28.10
N LEU F 82 5.47 13.34 28.96
CA LEU F 82 6.84 13.36 29.45
C LEU F 82 7.13 12.17 30.37
N ASP F 83 6.13 11.78 31.16
CA ASP F 83 6.23 10.60 32.01
C ASP F 83 6.17 9.29 31.21
N GLU F 84 5.53 9.32 30.05
CA GLU F 84 5.48 8.15 29.15
C GLU F 84 6.68 8.05 28.22
N ARG F 85 7.12 9.18 27.66
CA ARG F 85 8.31 9.25 26.80
C ARG F 85 9.61 9.03 27.61
N PHE F 86 9.66 9.59 28.82
CA PHE F 86 10.82 9.44 29.70
C PHE F 86 10.37 8.80 31.01
N PRO F 87 10.50 7.46 31.11
CA PRO F 87 9.97 6.68 32.23
C PRO F 87 10.75 6.83 33.55
N HIS F 88 11.97 7.37 33.49
CA HIS F 88 12.87 7.42 34.64
C HIS F 88 13.17 8.82 35.11
N PRO F 89 12.83 9.14 36.38
CA PRO F 89 12.07 8.35 37.35
C PRO F 89 10.54 8.48 37.16
N PRO F 90 9.77 7.43 37.55
CA PRO F 90 8.30 7.48 37.37
C PRO F 90 7.61 8.49 38.31
N LEU F 91 6.80 9.36 37.71
CA LEU F 91 6.04 10.37 38.45
C LEU F 91 4.56 9.99 38.51
N MET F 92 4.24 8.78 38.06
CA MET F 92 2.92 8.17 38.19
C MET F 92 3.11 6.79 38.81
N PRO F 93 2.07 6.27 39.52
CA PRO F 93 2.16 4.92 40.06
C PRO F 93 2.11 3.83 38.98
N VAL F 94 2.35 2.58 39.38
CA VAL F 94 2.33 1.46 38.44
C VAL F 94 0.91 0.92 38.31
N TYR F 95 0.23 0.76 39.45
CA TYR F 95 -1.07 0.06 39.52
C TYR F 95 -2.26 0.95 39.15
N PRO F 96 -3.24 0.40 38.39
CA PRO F 96 -4.41 1.14 37.86
C PRO F 96 -5.27 1.89 38.87
N VAL F 97 -5.41 1.30 40.06
CA VAL F 97 -6.23 1.88 41.13
C VAL F 97 -5.58 3.13 41.70
N ALA F 98 -4.26 3.07 41.91
CA ALA F 98 -3.49 4.19 42.45
C ALA F 98 -3.33 5.33 41.43
N ARG F 99 -3.27 4.96 40.16
CA ARG F 99 -3.20 5.93 39.06
C ARG F 99 -4.51 6.69 38.88
N GLY F 100 -5.63 5.99 39.11
CA GLY F 100 -6.96 6.58 39.03
C GLY F 100 -7.20 7.61 40.12
N THR F 101 -6.73 7.29 41.33
CA THR F 101 -6.82 8.17 42.49
C THR F 101 -5.95 9.43 42.27
N SER F 102 -4.74 9.22 41.75
CA SER F 102 -3.79 10.30 41.47
C SER F 102 -4.33 11.28 40.43
N ARG F 103 -4.96 10.73 39.38
CA ARG F 103 -5.60 11.53 38.34
C ARG F 103 -6.78 12.33 38.87
N LEU F 104 -7.50 11.75 39.81
CA LEU F 104 -8.63 12.39 40.47
C LEU F 104 -8.19 13.53 41.37
N MET F 105 -7.09 13.33 42.10
CA MET F 105 -6.48 14.38 42.92
C MET F 105 -5.93 15.53 42.08
N MET F 106 -5.27 15.18 40.98
CA MET F 106 -4.79 16.16 39.99
C MET F 106 -5.94 16.95 39.35
N TYR F 107 -7.08 16.29 39.15
CA TYR F 107 -8.29 16.92 38.65
C TYR F 107 -8.87 17.92 39.65
N ARG F 108 -8.87 17.52 40.92
CA ARG F 108 -9.49 18.31 41.98
C ARG F 108 -8.70 19.57 42.34
N ILE F 109 -7.37 19.48 42.36
CA ILE F 109 -6.49 20.65 42.58
C ILE F 109 -6.67 21.66 41.44
N GLU F 110 -6.77 21.14 40.21
CA GLU F 110 -7.05 21.93 39.01
C GLU F 110 -8.42 22.62 39.07
N ARG F 111 -9.46 21.88 39.46
CA ARG F 111 -10.83 22.41 39.48
C ARG F 111 -11.08 23.37 40.64
N ASP F 112 -10.51 23.07 41.81
CA ASP F 112 -10.80 23.85 43.01
C ASP F 112 -9.78 24.97 43.25
N TRP F 113 -8.52 24.58 43.43
CA TRP F 113 -7.50 25.52 43.95
C TRP F 113 -6.84 26.37 42.91
N TYR F 114 -6.71 25.83 41.70
CA TYR F 114 -6.11 26.55 40.56
C TYR F 114 -7.06 27.60 40.01
N SER F 115 -8.36 27.34 40.13
CA SER F 115 -9.40 28.28 39.73
C SER F 115 -9.55 29.44 40.72
N LEU F 116 -9.23 29.18 41.98
CA LEU F 116 -9.21 30.21 43.02
C LEU F 116 -8.07 31.21 42.81
N ALA F 117 -6.92 30.71 42.35
CA ALA F 117 -5.74 31.51 42.07
C ALA F 117 -5.92 32.48 40.88
N GLU F 118 -6.81 32.10 39.96
CA GLU F 118 -7.30 32.98 38.89
C GLU F 118 -8.01 34.20 39.51
N LYS F 119 -8.82 33.94 40.53
CA LYS F 119 -9.62 34.96 41.20
C LYS F 119 -8.85 35.80 42.23
N ILE F 120 -7.73 35.26 42.73
CA ILE F 120 -6.85 35.98 43.67
C ILE F 120 -6.02 37.03 42.92
N GLN F 121 -5.71 36.73 41.66
CA GLN F 121 -5.07 37.72 40.78
C GLN F 121 -6.06 38.80 40.29
N LYS F 122 -7.36 38.50 40.40
CA LYS F 122 -8.44 39.48 40.26
C LYS F 122 -8.75 40.20 41.59
N ASN F 123 -8.01 39.81 42.64
CA ASN F 123 -8.11 40.32 44.02
C ASN F 123 -9.47 40.08 44.70
N ASP F 124 -9.88 38.81 44.75
CA ASP F 124 -11.04 38.39 45.53
C ASP F 124 -10.60 37.96 46.93
N ALA F 125 -11.19 38.59 47.94
CA ALA F 125 -10.87 38.34 49.34
C ALA F 125 -11.40 36.99 49.82
N GLN F 126 -12.52 36.56 49.25
CA GLN F 126 -13.13 35.27 49.54
C GLN F 126 -12.31 34.10 48.99
N ALA F 127 -11.79 34.27 47.77
CA ALA F 127 -10.96 33.27 47.10
C ALA F 127 -9.63 33.02 47.81
N ARG F 128 -9.08 34.08 48.41
CA ARG F 128 -7.88 34.03 49.24
C ARG F 128 -8.13 33.22 50.51
N GLN F 129 -9.31 33.40 51.08
CA GLN F 129 -9.67 32.73 52.34
C GLN F 129 -10.07 31.28 52.08
N GLU F 130 -10.71 31.03 50.94
CA GLU F 130 -11.14 29.70 50.54
C GLU F 130 -9.96 28.77 50.26
N LEU F 131 -8.91 29.34 49.65
CA LEU F 131 -7.68 28.61 49.37
C LEU F 131 -6.89 28.29 50.65
N LYS F 132 -6.82 29.26 51.56
CA LYS F 132 -6.17 29.08 52.86
C LYS F 132 -6.89 28.01 53.70
N GLU F 133 -8.22 28.06 53.72
CA GLU F 133 -9.03 27.07 54.45
C GLU F 133 -9.05 25.70 53.77
N GLY F 134 -8.94 25.71 52.44
CA GLY F 134 -8.86 24.48 51.65
C GLY F 134 -7.56 23.72 51.86
N ILE F 135 -6.44 24.43 51.83
CA ILE F 135 -5.11 23.86 52.07
C ILE F 135 -4.99 23.28 53.48
N LEU F 136 -5.44 24.06 54.48
CA LEU F 136 -5.36 23.68 55.89
C LEU F 136 -6.25 22.49 56.28
N SER F 137 -7.30 22.26 55.49
CA SER F 137 -8.19 21.11 55.72
C SER F 137 -7.54 19.79 55.26
N LEU F 138 -6.65 19.87 54.28
CA LEU F 138 -5.95 18.71 53.73
C LEU F 138 -4.66 18.36 54.47
N ALA F 139 -4.38 19.11 55.54
CA ALA F 139 -3.21 18.90 56.42
C ALA F 139 -2.99 17.54 57.13
N PRO F 140 -4.08 16.83 57.57
CA PRO F 140 -3.84 15.53 58.22
C PRO F 140 -3.29 14.39 57.35
N ILE F 141 -3.41 14.53 56.03
CA ILE F 141 -2.87 13.54 55.10
C ILE F 141 -1.33 13.62 55.01
N PHE F 142 -0.79 14.82 55.22
CA PHE F 142 0.65 15.06 55.13
C PHE F 142 1.44 14.50 56.32
N ALA F 143 0.75 14.29 57.43
CA ALA F 143 1.32 13.64 58.61
C ALA F 143 1.60 12.15 58.37
N ASP F 144 0.82 11.55 57.47
CA ASP F 144 1.00 10.15 57.08
C ASP F 144 2.22 9.97 56.19
N THR F 145 2.13 10.45 54.95
CA THR F 145 3.15 10.25 53.93
C THR F 145 3.95 11.52 53.66
N PRO F 146 5.27 11.39 53.38
CA PRO F 146 6.16 12.51 53.00
C PRO F 146 5.71 13.37 51.80
N TYR F 147 4.98 12.76 50.87
CA TYR F 147 4.41 13.48 49.73
C TYR F 147 2.90 13.24 49.69
N PHE F 148 2.19 13.94 48.80
CA PHE F 148 0.73 13.87 48.72
C PHE F 148 0.23 12.48 48.33
N MET F 149 -0.32 11.78 49.32
CA MET F 149 -0.88 10.42 49.21
C MET F 149 0.10 9.40 48.60
N SER F 150 1.40 9.64 48.83
CA SER F 150 2.48 8.88 48.20
C SER F 150 3.76 8.98 49.00
N GLU F 151 4.53 7.90 49.01
CA GLU F 151 5.83 7.86 49.70
C GLU F 151 6.92 8.52 48.85
N GLU F 152 6.71 8.55 47.53
CA GLU F 152 7.65 9.21 46.63
C GLU F 152 7.01 10.32 45.81
N PHE F 153 7.85 11.21 45.31
CA PHE F 153 7.46 12.38 44.50
C PHE F 153 6.73 11.96 43.21
N SER F 154 5.58 12.59 42.98
CA SER F 154 4.73 12.26 41.84
C SER F 154 4.26 13.51 41.09
N LEU F 155 3.38 13.31 40.10
CA LEU F 155 2.78 14.40 39.32
C LEU F 155 1.78 15.23 40.11
N VAL F 156 1.27 14.66 41.21
CA VAL F 156 0.36 15.38 42.12
C VAL F 156 1.17 16.40 42.94
N ASP F 157 2.42 16.05 43.25
CA ASP F 157 3.36 16.96 43.89
C ASP F 157 3.83 18.07 42.94
N CYS F 158 3.73 17.81 41.63
CA CYS F 158 3.97 18.81 40.59
C CYS F 158 2.77 19.74 40.35
N TYR F 159 1.61 19.38 40.92
CA TYR F 159 0.45 20.26 40.95
C TYR F 159 0.51 21.17 42.17
N LEU F 160 1.17 20.68 43.22
CA LEU F 160 1.13 21.33 44.52
C LEU F 160 2.27 22.31 44.74
N ALA F 161 3.44 21.99 44.19
CA ALA F 161 4.63 22.85 44.27
C ALA F 161 4.53 24.27 43.66
N PRO F 162 3.90 24.44 42.46
CA PRO F 162 3.81 25.81 41.95
C PRO F 162 2.80 26.68 42.72
N LEU F 163 1.77 26.03 43.28
CA LEU F 163 0.73 26.72 44.03
C LEU F 163 1.22 27.18 45.40
N LEU F 164 1.92 26.28 46.11
CA LEU F 164 2.45 26.56 47.46
C LEU F 164 3.63 27.53 47.46
N TRP F 165 4.31 27.62 46.33
CA TRP F 165 5.40 28.57 46.11
C TRP F 165 4.87 29.97 45.99
N ARG F 166 3.71 30.10 45.34
CA ARG F 166 3.07 31.39 45.07
C ARG F 166 2.16 31.85 46.21
N LEU F 167 2.15 31.09 47.30
CA LEU F 167 1.33 31.37 48.48
C LEU F 167 1.61 32.71 49.22
N PRO F 168 2.90 33.16 49.31
CA PRO F 168 3.11 34.53 49.79
C PRO F 168 2.57 35.61 48.84
N ALA F 169 2.66 35.36 47.53
CA ALA F 169 2.14 36.28 46.52
C ALA F 169 0.61 36.33 46.49
N TYR F 170 -0.03 35.24 46.91
CA TYR F 170 -1.49 35.16 47.00
C TYR F 170 -2.07 35.87 48.22
N GLY F 171 -1.20 36.27 49.16
CA GLY F 171 -1.62 36.92 50.39
C GLY F 171 -2.09 35.93 51.43
N ILE F 172 -1.63 34.69 51.32
CA ILE F 172 -1.96 33.63 52.26
C ILE F 172 -0.78 33.37 53.20
N ASP F 173 -1.03 33.49 54.49
CA ASP F 173 -0.03 33.14 55.51
C ASP F 173 -0.59 32.01 56.36
N LEU F 174 0.10 30.88 56.34
CA LEU F 174 -0.34 29.66 57.02
C LEU F 174 -0.13 29.76 58.53
N GLU F 175 -1.23 29.65 59.27
CA GLU F 175 -1.24 29.90 60.70
C GLU F 175 -2.24 28.98 61.39
N GLY F 176 -1.92 28.59 62.63
CA GLY F 176 -2.83 27.81 63.46
C GLY F 176 -2.64 26.31 63.29
N GLN F 177 -3.76 25.59 63.40
CA GLN F 177 -3.77 24.13 63.38
C GLN F 177 -3.61 23.58 61.96
N GLY F 178 -2.65 22.65 61.81
CA GLY F 178 -2.40 22.00 60.54
C GLY F 178 -1.25 22.58 59.72
N ALA F 179 -0.97 23.87 59.94
CA ALA F 179 0.07 24.62 59.22
C ALA F 179 1.51 24.13 59.49
N LYS F 180 1.69 23.42 60.61
CA LYS F 180 2.95 22.78 60.98
C LYS F 180 3.33 21.69 59.98
N GLU F 181 2.32 20.94 59.53
CA GLU F 181 2.52 19.87 58.55
C GLU F 181 2.71 20.42 57.13
N ILE F 182 1.94 21.45 56.77
CA ILE F 182 1.96 22.05 55.42
C ILE F 182 3.31 22.64 55.07
N LYS F 183 3.86 23.44 56.00
CA LYS F 183 5.17 24.06 55.84
C LYS F 183 6.31 23.03 55.85
N GLN F 184 6.10 21.94 56.59
CA GLN F 184 7.05 20.81 56.65
C GLN F 184 7.09 20.03 55.34
N TYR F 185 5.92 19.89 54.71
CA TYR F 185 5.81 19.32 53.37
C TYR F 185 6.42 20.26 52.34
N MET F 186 6.18 21.56 52.53
CA MET F 186 6.73 22.63 51.68
C MET F 186 8.27 22.67 51.70
N VAL F 187 8.87 22.44 52.88
CA VAL F 187 10.33 22.47 53.01
C VAL F 187 11.01 21.22 52.42
N ARG F 188 10.25 20.13 52.31
CA ARG F 188 10.73 18.92 51.66
C ARG F 188 10.65 19.12 50.15
N LEU F 189 9.61 19.84 49.73
CA LEU F 189 9.30 20.06 48.34
C LEU F 189 10.19 21.13 47.70
N PHE F 190 10.40 22.24 48.40
CA PHE F 190 11.13 23.39 47.84
C PHE F 190 12.65 23.22 47.89
N GLU F 191 13.13 22.30 48.73
CA GLU F 191 14.57 22.02 48.85
C GLU F 191 15.11 21.04 47.80
N ARG F 192 14.25 20.59 46.90
CA ARG F 192 14.64 19.74 45.77
C ARG F 192 15.35 20.58 44.72
N LYS F 193 16.48 20.07 44.21
CA LYS F 193 17.29 20.76 43.19
C LYS F 193 16.56 20.84 41.84
N THR F 194 15.69 19.87 41.59
CA THR F 194 14.82 19.86 40.41
C THR F 194 13.82 21.00 40.47
N PHE F 195 13.30 21.28 41.66
CA PHE F 195 12.41 22.42 41.88
C PHE F 195 13.15 23.75 41.74
N GLN F 196 14.36 23.80 42.30
CA GLN F 196 15.18 25.02 42.28
C GLN F 196 15.65 25.39 40.88
N ASP F 197 15.96 24.37 40.08
CA ASP F 197 16.33 24.57 38.68
C ASP F 197 15.12 24.82 37.76
N SER F 198 13.91 24.50 38.24
CA SER F 198 12.69 24.73 37.47
C SER F 198 12.24 26.19 37.50
N LEU F 199 12.69 26.92 38.51
CA LEU F 199 12.27 28.30 38.73
C LEU F 199 12.88 29.29 37.75
N THR F 200 12.06 30.22 37.28
CA THR F 200 12.52 31.38 36.53
C THR F 200 12.91 32.49 37.51
N GLU F 201 13.53 33.56 36.99
CA GLU F 201 13.89 34.74 37.79
C GLU F 201 12.68 35.42 38.42
N GLU F 202 11.61 35.54 37.63
CA GLU F 202 10.33 36.12 38.06
C GLU F 202 9.67 35.33 39.20
N GLU F 203 9.78 34.00 39.14
CA GLU F 203 9.27 33.10 40.16
C GLU F 203 10.11 33.15 41.43
N LYS F 204 11.42 33.34 41.27
CA LYS F 204 12.35 33.51 42.40
C LYS F 204 12.09 34.81 43.16
N GLU F 205 11.67 35.84 42.43
CA GLU F 205 11.36 37.16 42.98
C GLU F 205 10.09 37.21 43.84
N LEU F 206 9.29 36.15 43.78
CA LEU F 206 8.10 36.02 44.64
C LEU F 206 8.47 35.49 46.03
N ALA F 207 9.68 34.96 46.17
CA ALA F 207 10.21 34.54 47.46
C ALA F 207 10.91 35.70 48.17
N ARG G 10 -7.59 -23.28 -44.16
CA ARG G 10 -8.06 -23.42 -42.74
C ARG G 10 -8.28 -22.06 -42.10
N SER G 11 -9.18 -22.00 -41.12
CA SER G 11 -9.52 -20.76 -40.41
C SER G 11 -8.71 -20.52 -39.14
N VAL G 12 -7.50 -21.09 -39.11
CA VAL G 12 -6.53 -20.91 -38.04
C VAL G 12 -5.17 -20.74 -38.76
N MET G 13 -4.28 -19.92 -38.20
CA MET G 13 -2.93 -19.72 -38.74
C MET G 13 -2.08 -20.99 -38.68
N THR G 14 -1.13 -21.10 -39.60
CA THR G 14 -0.20 -22.22 -39.64
C THR G 14 1.21 -21.74 -39.31
N LEU G 15 1.84 -22.42 -38.37
CA LEU G 15 3.23 -22.15 -38.01
C LEU G 15 4.13 -23.32 -38.37
N TYR G 16 5.10 -23.05 -39.25
CA TYR G 16 6.16 -24.01 -39.55
C TYR G 16 7.34 -23.84 -38.58
N SER G 17 7.31 -24.60 -37.50
CA SER G 17 8.26 -24.46 -36.40
C SER G 17 9.30 -25.60 -36.37
N GLY G 18 10.48 -25.28 -35.88
CA GLY G 18 11.47 -26.30 -35.54
C GLY G 18 11.15 -26.92 -34.19
N LYS G 19 11.59 -28.17 -34.01
CA LYS G 19 11.36 -28.91 -32.77
C LYS G 19 12.25 -28.41 -31.64
N ASP G 20 13.48 -28.04 -31.99
CA ASP G 20 14.45 -27.50 -31.02
C ASP G 20 15.18 -26.33 -31.66
N ASP G 21 14.42 -25.32 -32.06
CA ASP G 21 14.98 -24.12 -32.64
C ASP G 21 14.70 -22.93 -31.72
N LEU G 22 15.74 -22.14 -31.49
CA LEU G 22 15.74 -21.01 -30.57
C LEU G 22 14.79 -19.88 -31.00
N LYS G 23 14.66 -19.68 -32.31
CA LYS G 23 13.75 -18.68 -32.88
C LYS G 23 12.32 -19.19 -33.07
N SER G 24 12.18 -20.51 -33.19
CA SER G 24 10.86 -21.15 -33.28
C SER G 24 10.21 -21.18 -31.91
N HIS G 25 11.04 -21.30 -30.88
CA HIS G 25 10.59 -21.29 -29.49
C HIS G 25 10.16 -19.92 -29.06
N GLN G 26 10.74 -18.88 -29.68
CA GLN G 26 10.33 -17.49 -29.48
C GLN G 26 8.89 -17.26 -29.88
N VAL G 27 8.55 -17.64 -31.11
CA VAL G 27 7.22 -17.50 -31.67
C VAL G 27 6.20 -18.35 -30.91
N ARG G 28 6.60 -19.57 -30.57
CA ARG G 28 5.76 -20.48 -29.78
C ARG G 28 5.50 -19.97 -28.36
N LEU G 29 6.48 -19.26 -27.78
CA LEU G 29 6.31 -18.61 -26.48
C LEU G 29 5.41 -17.38 -26.56
N VAL G 30 5.46 -16.67 -27.69
CA VAL G 30 4.62 -15.48 -27.89
C VAL G 30 3.16 -15.87 -28.11
N LEU G 31 2.93 -16.81 -29.03
CA LEU G 31 1.59 -17.35 -29.33
C LEU G 31 0.88 -17.89 -28.09
N ALA G 32 1.65 -18.53 -27.21
CA ALA G 32 1.16 -19.00 -25.91
C ALA G 32 0.78 -17.85 -24.98
N GLU G 33 1.59 -16.80 -24.94
CA GLU G 33 1.32 -15.62 -24.11
C GLU G 33 0.07 -14.86 -24.59
N LYS G 34 -0.13 -14.84 -25.91
CA LYS G 34 -1.33 -14.26 -26.52
C LYS G 34 -2.56 -15.16 -26.35
N GLY G 35 -2.33 -16.46 -26.16
CA GLY G 35 -3.42 -17.42 -25.96
C GLY G 35 -4.13 -17.82 -27.25
N VAL G 36 -3.51 -17.52 -28.39
CA VAL G 36 -4.05 -17.89 -29.70
C VAL G 36 -3.60 -19.29 -30.09
N GLY G 37 -4.58 -20.14 -30.42
CA GLY G 37 -4.32 -21.49 -30.88
C GLY G 37 -3.90 -21.48 -32.34
N VAL G 38 -2.88 -22.27 -32.64
CA VAL G 38 -2.26 -22.24 -33.97
C VAL G 38 -2.01 -23.68 -34.45
N GLU G 39 -1.87 -23.86 -35.76
CA GLU G 39 -1.54 -25.18 -36.31
C GLU G 39 -0.03 -25.32 -36.52
N ILE G 40 0.64 -26.05 -35.62
CA ILE G 40 2.09 -26.26 -35.73
C ILE G 40 2.47 -27.48 -36.58
N THR G 41 3.03 -27.22 -37.74
CA THR G 41 3.61 -28.24 -38.59
C THR G 41 5.13 -28.21 -38.37
N TYR G 42 5.66 -29.26 -37.75
CA TYR G 42 7.09 -29.35 -37.48
C TYR G 42 7.91 -29.68 -38.72
N VAL G 43 9.07 -29.01 -38.84
CA VAL G 43 9.95 -29.20 -39.98
C VAL G 43 11.36 -29.66 -39.58
N THR G 44 11.74 -30.81 -40.12
CA THR G 44 13.08 -31.35 -39.97
C THR G 44 14.00 -30.71 -41.00
N ASP G 45 15.30 -30.70 -40.72
CA ASP G 45 16.30 -30.14 -41.63
C ASP G 45 16.52 -31.03 -42.86
N GLU G 46 16.31 -32.34 -42.68
CA GLU G 46 16.40 -33.32 -43.78
C GLU G 46 15.23 -33.17 -44.75
N SER G 47 14.01 -33.06 -44.20
CA SER G 47 12.80 -33.01 -45.00
C SER G 47 12.07 -31.68 -44.85
N THR G 48 12.18 -30.83 -45.88
CA THR G 48 11.40 -29.60 -45.98
C THR G 48 10.33 -29.78 -47.07
N PRO G 49 9.04 -29.63 -46.70
CA PRO G 49 7.90 -29.81 -47.62
C PRO G 49 7.86 -28.82 -48.79
N GLU G 50 7.15 -29.20 -49.85
CA GLU G 50 6.99 -28.39 -51.05
C GLU G 50 6.14 -27.14 -50.79
N ASP G 51 5.26 -27.24 -49.79
CA ASP G 51 4.43 -26.13 -49.31
C ASP G 51 5.30 -24.95 -48.88
N LEU G 52 6.11 -25.18 -47.83
CA LEU G 52 6.95 -24.16 -47.21
C LEU G 52 8.06 -23.65 -48.14
N LEU G 53 8.58 -24.54 -49.00
CA LEU G 53 9.67 -24.21 -49.92
C LEU G 53 9.23 -23.29 -51.06
N GLN G 54 7.92 -23.18 -51.28
CA GLN G 54 7.34 -22.23 -52.22
C GLN G 54 6.91 -20.93 -51.52
N LEU G 55 7.10 -20.87 -50.21
CA LEU G 55 6.70 -19.70 -49.40
C LEU G 55 7.90 -18.96 -48.77
N ASN G 56 8.87 -19.73 -48.29
CA ASN G 56 10.12 -19.19 -47.76
C ASN G 56 11.24 -19.47 -48.76
N PRO G 57 11.75 -18.41 -49.43
CA PRO G 57 12.80 -18.55 -50.45
C PRO G 57 14.22 -18.70 -49.87
N TYR G 58 14.34 -18.57 -48.55
CA TYR G 58 15.62 -18.60 -47.87
C TYR G 58 15.96 -20.00 -47.33
N PRO G 59 17.27 -20.35 -47.29
CA PRO G 59 17.76 -21.63 -46.73
C PRO G 59 17.28 -21.93 -45.31
N GLU G 60 17.20 -20.91 -44.46
CA GLU G 60 16.52 -21.02 -43.18
C GLU G 60 15.03 -20.77 -43.38
N ALA G 61 14.25 -21.85 -43.30
CA ALA G 61 12.82 -21.79 -43.60
C ALA G 61 11.92 -21.74 -42.35
N LYS G 62 12.49 -21.97 -41.18
CA LYS G 62 11.73 -21.89 -39.92
C LYS G 62 12.29 -20.79 -38.99
N PRO G 63 11.41 -20.11 -38.22
CA PRO G 63 9.94 -20.14 -38.19
C PRO G 63 9.26 -19.34 -39.31
N THR G 64 8.09 -19.81 -39.73
CA THR G 64 7.28 -19.14 -40.76
C THR G 64 5.80 -19.22 -40.41
N LEU G 65 5.15 -18.06 -40.35
CA LEU G 65 3.73 -17.96 -40.07
C LEU G 65 2.96 -17.71 -41.36
N VAL G 66 2.02 -18.60 -41.65
CA VAL G 66 1.14 -18.47 -42.81
C VAL G 66 -0.28 -18.23 -42.31
N ASP G 67 -0.87 -17.11 -42.76
CA ASP G 67 -2.19 -16.71 -42.32
C ASP G 67 -2.96 -16.16 -43.51
N ARG G 68 -4.08 -16.83 -43.84
CA ARG G 68 -4.93 -16.54 -45.01
C ARG G 68 -4.14 -16.52 -46.32
N GLU G 69 -3.63 -15.33 -46.66
CA GLU G 69 -2.79 -15.12 -47.84
C GLU G 69 -1.41 -14.59 -47.44
N LEU G 70 -1.34 -13.96 -46.26
CA LEU G 70 -0.11 -13.42 -45.70
C LEU G 70 0.87 -14.52 -45.30
N VAL G 71 2.10 -14.40 -45.78
CA VAL G 71 3.19 -15.26 -45.35
C VAL G 71 4.30 -14.40 -44.70
N LEU G 72 4.74 -14.80 -43.52
CA LEU G 72 5.78 -14.07 -42.79
C LEU G 72 6.88 -14.99 -42.29
N TYR G 73 8.10 -14.64 -42.65
CA TYR G 73 9.30 -15.24 -42.08
C TYR G 73 10.01 -14.19 -41.21
N ASN G 74 11.14 -14.59 -40.61
CA ASN G 74 11.88 -13.81 -39.59
C ASN G 74 11.14 -13.68 -38.27
N ALA G 75 11.74 -14.21 -37.21
CA ALA G 75 11.11 -14.31 -35.89
C ALA G 75 10.64 -12.97 -35.31
N GLN G 76 11.44 -11.92 -35.52
CA GLN G 76 11.08 -10.56 -35.06
C GLN G 76 9.85 -9.99 -35.78
N ILE G 77 9.78 -10.16 -37.10
CA ILE G 77 8.63 -9.73 -37.90
C ILE G 77 7.34 -10.43 -37.47
N ILE G 78 7.43 -11.76 -37.28
CA ILE G 78 6.30 -12.57 -36.81
C ILE G 78 5.87 -12.15 -35.41
N MET G 79 6.83 -12.06 -34.47
CA MET G 79 6.56 -11.61 -33.10
C MET G 79 5.94 -10.21 -33.02
N GLU G 80 6.36 -9.30 -33.90
CA GLU G 80 5.81 -7.95 -33.95
C GLU G 80 4.42 -7.90 -34.60
N TYR G 81 4.15 -8.84 -35.51
CA TYR G 81 2.82 -9.00 -36.10
C TYR G 81 1.83 -9.52 -35.07
N LEU G 82 2.29 -10.45 -34.23
CA LEU G 82 1.44 -11.06 -33.20
C LEU G 82 1.08 -10.09 -32.08
N ASP G 83 2.02 -9.21 -31.73
CA ASP G 83 1.77 -8.13 -30.76
C ASP G 83 0.80 -7.08 -31.31
N GLU G 84 0.83 -6.87 -32.62
CA GLU G 84 -0.03 -5.88 -33.28
C GLU G 84 -1.42 -6.39 -33.63
N ARG G 85 -1.52 -7.64 -34.09
CA ARG G 85 -2.79 -8.25 -34.46
C ARG G 85 -3.54 -8.82 -33.23
N PHE G 86 -2.79 -9.32 -32.25
CA PHE G 86 -3.38 -9.68 -30.96
C PHE G 86 -2.77 -8.84 -29.85
N PRO G 87 -3.38 -7.68 -29.55
CA PRO G 87 -2.84 -6.69 -28.58
C PRO G 87 -2.75 -7.14 -27.12
N HIS G 88 -3.53 -8.16 -26.74
CA HIS G 88 -3.69 -8.51 -25.33
C HIS G 88 -3.12 -9.86 -24.99
N PRO G 89 -2.22 -9.92 -23.99
CA PRO G 89 -1.62 -8.79 -23.24
C PRO G 89 -0.50 -8.14 -24.04
N PRO G 90 -0.22 -6.84 -23.79
CA PRO G 90 0.87 -6.16 -24.47
C PRO G 90 2.25 -6.72 -24.09
N LEU G 91 3.03 -7.06 -25.11
CA LEU G 91 4.39 -7.55 -24.92
C LEU G 91 5.43 -6.53 -25.39
N MET G 92 4.95 -5.36 -25.79
CA MET G 92 5.79 -4.20 -26.08
C MET G 92 5.42 -3.03 -25.16
N PRO G 93 6.35 -2.08 -24.93
CA PRO G 93 5.99 -0.81 -24.28
C PRO G 93 5.07 0.08 -25.13
N VAL G 94 4.62 1.19 -24.55
CA VAL G 94 3.70 2.09 -25.23
C VAL G 94 4.44 3.30 -25.78
N TYR G 95 5.29 3.89 -24.94
CA TYR G 95 6.05 5.08 -25.27
C TYR G 95 7.24 4.75 -26.19
N PRO G 96 7.48 5.58 -27.23
CA PRO G 96 8.45 5.31 -28.31
C PRO G 96 9.91 5.11 -27.86
N VAL G 97 10.30 5.80 -26.81
CA VAL G 97 11.66 5.72 -26.25
C VAL G 97 11.90 4.33 -25.64
N ALA G 98 10.94 3.87 -24.82
CA ALA G 98 11.02 2.56 -24.18
C ALA G 98 10.91 1.42 -25.20
N ARG G 99 10.13 1.65 -26.25
CA ARG G 99 10.01 0.72 -27.38
C ARG G 99 11.31 0.61 -28.18
N GLY G 100 11.99 1.74 -28.36
CA GLY G 100 13.30 1.79 -28.99
C GLY G 100 14.34 1.05 -28.18
N THR G 101 14.29 1.23 -26.86
CA THR G 101 15.13 0.54 -25.89
C THR G 101 14.87 -0.97 -25.91
N SER G 102 13.59 -1.36 -26.04
CA SER G 102 13.19 -2.77 -26.16
C SER G 102 13.70 -3.43 -27.45
N ARG G 103 13.59 -2.72 -28.57
CA ARG G 103 14.07 -3.20 -29.86
C ARG G 103 15.60 -3.33 -29.96
N LEU G 104 16.30 -2.40 -29.31
CA LEU G 104 17.75 -2.40 -29.30
C LEU G 104 18.32 -3.55 -28.46
N MET G 105 17.63 -3.87 -27.36
CA MET G 105 18.01 -5.00 -26.50
C MET G 105 17.75 -6.34 -27.18
N MET G 106 16.67 -6.42 -27.95
CA MET G 106 16.35 -7.59 -28.77
C MET G 106 17.39 -7.81 -29.87
N TYR G 107 17.91 -6.70 -30.42
CA TYR G 107 18.96 -6.72 -31.44
C TYR G 107 20.27 -7.26 -30.87
N ARG G 108 20.66 -6.74 -29.71
CA ARG G 108 21.92 -7.10 -29.07
C ARG G 108 21.95 -8.53 -28.53
N ILE G 109 20.80 -9.06 -28.13
CA ILE G 109 20.68 -10.46 -27.71
C ILE G 109 20.87 -11.40 -28.91
N GLU G 110 20.29 -11.04 -30.06
CA GLU G 110 20.47 -11.81 -31.29
C GLU G 110 21.90 -11.69 -31.88
N ARG G 111 22.44 -10.48 -31.90
CA ARG G 111 23.78 -10.23 -32.44
C ARG G 111 24.91 -10.80 -31.57
N ASP G 112 24.78 -10.65 -30.24
CA ASP G 112 25.86 -11.06 -29.33
C ASP G 112 25.72 -12.47 -28.76
N TRP G 113 24.50 -12.85 -28.38
CA TRP G 113 24.31 -14.10 -27.63
C TRP G 113 23.75 -15.25 -28.42
N TYR G 114 22.89 -14.95 -29.39
CA TYR G 114 22.32 -15.97 -30.27
C TYR G 114 23.35 -16.47 -31.28
N SER G 115 24.29 -15.61 -31.62
CA SER G 115 25.41 -15.93 -32.50
C SER G 115 26.40 -16.89 -31.84
N LEU G 116 26.62 -16.72 -30.53
CA LEU G 116 27.48 -17.62 -29.76
C LEU G 116 26.84 -18.99 -29.60
N ALA G 117 25.51 -19.00 -29.45
CA ALA G 117 24.71 -20.22 -29.31
C ALA G 117 24.78 -21.13 -30.54
N GLU G 118 25.01 -20.52 -31.71
CA GLU G 118 25.28 -21.22 -32.96
C GLU G 118 26.62 -21.98 -32.90
N LYS G 119 27.60 -21.35 -32.24
CA LYS G 119 28.97 -21.89 -32.16
C LYS G 119 29.13 -22.99 -31.13
N ILE G 120 28.40 -22.88 -30.01
CA ILE G 120 28.40 -23.91 -28.96
C ILE G 120 27.73 -25.20 -29.46
N GLN G 121 26.69 -25.04 -30.27
CA GLN G 121 26.00 -26.16 -30.92
C GLN G 121 26.86 -26.88 -31.97
N LYS G 122 27.80 -26.14 -32.59
CA LYS G 122 28.81 -26.75 -33.46
C LYS G 122 29.85 -27.50 -32.63
N ASN G 123 30.68 -26.75 -31.90
CA ASN G 123 31.73 -27.30 -31.04
C ASN G 123 32.23 -26.37 -29.94
N ASP G 124 32.35 -25.07 -30.28
CA ASP G 124 33.11 -24.04 -29.53
C ASP G 124 32.92 -23.97 -28.02
N ALA G 125 34.05 -23.97 -27.31
CA ALA G 125 34.08 -23.80 -25.86
C ALA G 125 34.48 -22.37 -25.46
N GLN G 126 35.02 -21.62 -26.43
CA GLN G 126 35.27 -20.20 -26.25
C GLN G 126 33.97 -19.40 -26.27
N ALA G 127 33.04 -19.84 -27.12
CA ALA G 127 31.70 -19.26 -27.21
C ALA G 127 30.85 -19.66 -26.01
N ARG G 128 31.17 -20.80 -25.39
CA ARG G 128 30.53 -21.27 -24.17
C ARG G 128 30.83 -20.36 -22.98
N GLN G 129 32.12 -19.99 -22.82
CA GLN G 129 32.55 -19.14 -21.72
C GLN G 129 32.18 -17.67 -21.94
N GLU G 130 32.12 -17.25 -23.21
CA GLU G 130 31.74 -15.89 -23.58
C GLU G 130 30.27 -15.62 -23.30
N LEU G 131 29.43 -16.64 -23.49
CA LEU G 131 28.01 -16.56 -23.17
C LEU G 131 27.78 -16.55 -21.65
N LYS G 132 28.58 -17.34 -20.93
CA LYS G 132 28.53 -17.39 -19.46
C LYS G 132 28.98 -16.06 -18.86
N GLU G 133 30.02 -15.46 -19.44
CA GLU G 133 30.53 -14.15 -19.01
C GLU G 133 29.58 -13.01 -19.36
N GLY G 134 28.88 -13.14 -20.48
CA GLY G 134 27.92 -12.14 -20.94
C GLY G 134 26.67 -12.05 -20.09
N ILE G 135 26.08 -13.22 -19.81
CA ILE G 135 24.87 -13.35 -19.00
C ILE G 135 25.10 -12.83 -17.57
N LEU G 136 26.21 -13.27 -16.96
CA LEU G 136 26.57 -12.89 -15.59
C LEU G 136 26.97 -11.42 -15.42
N SER G 137 27.37 -10.77 -16.51
CA SER G 137 27.68 -9.34 -16.49
C SER G 137 26.43 -8.46 -16.50
N LEU G 138 25.32 -9.03 -16.99
CA LEU G 138 24.02 -8.33 -17.02
C LEU G 138 23.20 -8.53 -15.75
N ALA G 139 23.77 -9.22 -14.77
CA ALA G 139 23.14 -9.47 -13.46
C ALA G 139 22.72 -8.26 -12.60
N PRO G 140 23.44 -7.10 -12.66
CA PRO G 140 22.92 -5.87 -12.03
C PRO G 140 21.52 -5.42 -12.44
N ILE G 141 21.13 -5.66 -13.69
CA ILE G 141 19.82 -5.22 -14.17
C ILE G 141 18.68 -6.09 -13.60
N PHE G 142 18.99 -7.35 -13.30
CA PHE G 142 17.99 -8.31 -12.79
C PHE G 142 17.65 -8.10 -11.32
N ALA G 143 18.54 -7.44 -10.60
CA ALA G 143 18.28 -7.04 -9.21
C ALA G 143 17.35 -5.84 -9.17
N ASP G 144 17.34 -5.05 -10.24
CA ASP G 144 16.58 -3.81 -10.32
C ASP G 144 15.08 -4.02 -10.59
N THR G 145 14.78 -4.83 -11.60
CA THR G 145 13.40 -5.09 -12.04
C THR G 145 13.15 -6.60 -12.03
N PRO G 146 11.86 -7.03 -11.91
CA PRO G 146 11.56 -8.47 -11.94
C PRO G 146 11.74 -9.14 -13.31
N TYR G 147 11.64 -8.36 -14.38
CA TYR G 147 11.88 -8.85 -15.74
C TYR G 147 12.96 -7.98 -16.38
N PHE G 148 13.43 -8.36 -17.57
CA PHE G 148 14.53 -7.63 -18.23
C PHE G 148 14.14 -6.20 -18.56
N MET G 149 14.73 -5.28 -17.80
CA MET G 149 14.56 -3.82 -17.90
C MET G 149 13.09 -3.36 -17.82
N SER G 150 12.28 -4.14 -17.11
CA SER G 150 10.82 -3.97 -17.09
C SER G 150 10.18 -4.61 -15.87
N GLU G 151 9.09 -4.00 -15.41
CA GLU G 151 8.31 -4.51 -14.29
C GLU G 151 7.40 -5.66 -14.72
N GLU G 152 7.11 -5.73 -16.02
CA GLU G 152 6.27 -6.78 -16.57
C GLU G 152 6.94 -7.54 -17.73
N PHE G 153 6.44 -8.74 -18.01
CA PHE G 153 6.90 -9.62 -19.07
C PHE G 153 6.75 -8.99 -20.46
N SER G 154 7.74 -9.22 -21.33
CA SER G 154 7.79 -8.62 -22.67
C SER G 154 8.54 -9.50 -23.66
N LEU G 155 8.66 -9.01 -24.89
CA LEU G 155 9.38 -9.71 -25.97
C LEU G 155 10.89 -9.86 -25.75
N VAL G 156 11.45 -9.05 -24.86
CA VAL G 156 12.88 -9.13 -24.51
C VAL G 156 13.12 -10.33 -23.58
N ASP G 157 12.11 -10.65 -22.77
CA ASP G 157 12.11 -11.89 -21.99
C ASP G 157 11.86 -13.10 -22.89
N CYS G 158 11.10 -12.89 -23.97
CA CYS G 158 10.88 -13.90 -25.00
C CYS G 158 12.12 -14.21 -25.84
N TYR G 159 13.09 -13.30 -25.82
CA TYR G 159 14.40 -13.55 -26.38
C TYR G 159 15.28 -14.35 -25.42
N LEU G 160 15.04 -14.21 -24.12
CA LEU G 160 15.90 -14.79 -23.10
C LEU G 160 15.47 -16.15 -22.58
N ALA G 161 14.17 -16.39 -22.54
CA ALA G 161 13.61 -17.65 -22.03
C ALA G 161 13.90 -18.92 -22.86
N PRO G 162 13.94 -18.82 -24.22
CA PRO G 162 14.56 -19.92 -24.95
C PRO G 162 16.06 -20.11 -24.66
N LEU G 163 16.79 -19.01 -24.53
CA LEU G 163 18.24 -19.01 -24.35
C LEU G 163 18.71 -19.61 -23.01
N LEU G 164 18.15 -19.10 -21.91
CA LEU G 164 18.49 -19.53 -20.55
C LEU G 164 18.05 -20.96 -20.20
N TRP G 165 17.04 -21.45 -20.92
CA TRP G 165 16.52 -22.81 -20.80
C TRP G 165 17.51 -23.83 -21.31
N ARG G 166 18.24 -23.43 -22.35
CA ARG G 166 19.17 -24.32 -23.05
C ARG G 166 20.60 -24.26 -22.48
N LEU G 167 20.77 -23.50 -21.39
CA LEU G 167 22.05 -23.39 -20.67
C LEU G 167 22.70 -24.70 -20.16
N PRO G 168 21.92 -25.69 -19.67
CA PRO G 168 22.58 -26.97 -19.39
C PRO G 168 23.04 -27.74 -20.63
N ALA G 169 22.28 -27.63 -21.72
CA ALA G 169 22.65 -28.23 -23.01
C ALA G 169 23.79 -27.48 -23.69
N TYR G 170 23.99 -26.22 -23.30
CA TYR G 170 25.13 -25.43 -23.76
C TYR G 170 26.38 -25.66 -22.90
N GLY G 171 26.22 -26.39 -21.80
CA GLY G 171 27.32 -26.67 -20.87
C GLY G 171 27.71 -25.47 -20.03
N ILE G 172 26.73 -24.61 -19.77
CA ILE G 172 26.92 -23.41 -18.95
C ILE G 172 26.22 -23.62 -17.61
N ASP G 173 27.01 -23.58 -16.54
CA ASP G 173 26.48 -23.61 -15.18
C ASP G 173 27.05 -22.41 -14.43
N LEU G 174 26.24 -21.35 -14.33
CA LEU G 174 26.69 -20.08 -13.77
C LEU G 174 26.81 -20.09 -12.26
N GLU G 175 27.98 -19.63 -11.80
CA GLU G 175 28.38 -19.66 -10.41
C GLU G 175 28.89 -18.26 -10.04
N GLY G 176 29.35 -18.10 -8.80
CA GLY G 176 29.94 -16.84 -8.35
C GLY G 176 28.89 -15.78 -8.07
N GLN G 177 29.32 -14.52 -8.01
CA GLN G 177 28.43 -13.41 -7.73
C GLN G 177 27.54 -13.08 -8.93
N GLY G 178 26.32 -12.64 -8.65
CA GLY G 178 25.36 -12.29 -9.68
C GLY G 178 24.45 -13.42 -10.13
N ALA G 179 24.90 -14.66 -9.95
CA ALA G 179 24.18 -15.87 -10.35
C ALA G 179 22.87 -16.10 -9.58
N LYS G 180 22.80 -15.56 -8.36
CA LYS G 180 21.58 -15.55 -7.54
C LYS G 180 20.46 -14.79 -8.24
N GLU G 181 20.83 -13.64 -8.83
CA GLU G 181 19.91 -12.78 -9.56
C GLU G 181 19.43 -13.43 -10.87
N ILE G 182 20.35 -14.10 -11.57
CA ILE G 182 20.05 -14.80 -12.82
C ILE G 182 19.08 -15.98 -12.59
N LYS G 183 19.39 -16.81 -11.60
CA LYS G 183 18.59 -17.99 -11.26
C LYS G 183 17.17 -17.65 -10.81
N GLN G 184 17.03 -16.56 -10.05
CA GLN G 184 15.74 -16.10 -9.55
C GLN G 184 14.87 -15.54 -10.67
N TYR G 185 15.52 -14.91 -11.64
CA TYR G 185 14.86 -14.45 -12.88
C TYR G 185 14.49 -15.65 -13.74
N MET G 186 15.38 -16.64 -13.78
CA MET G 186 15.18 -17.87 -14.55
C MET G 186 14.01 -18.69 -14.03
N VAL G 187 13.93 -18.84 -12.71
CA VAL G 187 12.83 -19.61 -12.08
C VAL G 187 11.46 -18.94 -12.28
N ARG G 188 11.44 -17.60 -12.27
CA ARG G 188 10.24 -16.80 -12.52
C ARG G 188 9.71 -17.03 -13.94
N LEU G 189 10.66 -17.05 -14.88
CA LEU G 189 10.40 -17.17 -16.30
C LEU G 189 9.91 -18.58 -16.68
N PHE G 190 10.51 -19.60 -16.06
CA PHE G 190 10.22 -20.98 -16.45
C PHE G 190 8.98 -21.54 -15.75
N GLU G 191 8.60 -20.93 -14.63
CA GLU G 191 7.40 -21.32 -13.88
C GLU G 191 6.10 -20.75 -14.47
N ARG G 192 6.22 -19.89 -15.47
CA ARG G 192 5.08 -19.42 -16.25
C ARG G 192 4.49 -20.57 -17.06
N LYS G 193 3.17 -20.74 -16.96
CA LYS G 193 2.43 -21.81 -17.64
C LYS G 193 2.47 -21.66 -19.16
N THR G 194 2.59 -20.41 -19.61
CA THR G 194 2.78 -20.07 -21.02
C THR G 194 4.11 -20.58 -21.55
N PHE G 195 5.14 -20.58 -20.70
CA PHE G 195 6.45 -21.14 -21.05
C PHE G 195 6.39 -22.66 -21.17
N GLN G 196 5.74 -23.29 -20.20
CA GLN G 196 5.63 -24.74 -20.14
C GLN G 196 4.73 -25.33 -21.24
N ASP G 197 3.76 -24.54 -21.70
CA ASP G 197 2.91 -24.90 -22.84
C ASP G 197 3.61 -24.72 -24.19
N SER G 198 4.64 -23.88 -24.21
CA SER G 198 5.35 -23.56 -25.46
C SER G 198 6.44 -24.56 -25.82
N LEU G 199 6.85 -25.34 -24.83
CA LEU G 199 7.91 -26.34 -25.00
C LEU G 199 7.46 -27.53 -25.84
N THR G 200 8.36 -27.98 -26.72
CA THR G 200 8.21 -29.25 -27.40
C THR G 200 8.77 -30.34 -26.48
N GLU G 201 8.51 -31.61 -26.84
CA GLU G 201 9.08 -32.74 -26.11
C GLU G 201 10.61 -32.75 -26.12
N GLU G 202 11.18 -32.35 -27.25
CA GLU G 202 12.64 -32.21 -27.43
C GLU G 202 13.21 -31.13 -26.52
N GLU G 203 12.50 -30.00 -26.43
CA GLU G 203 12.90 -28.89 -25.56
C GLU G 203 12.76 -29.24 -24.09
N LYS G 204 11.75 -30.06 -23.77
CA LYS G 204 11.55 -30.61 -22.44
C LYS G 204 12.66 -31.59 -22.06
N GLU G 205 13.12 -32.37 -23.04
CA GLU G 205 14.15 -33.40 -22.84
C GLU G 205 15.55 -32.85 -22.55
N LEU G 206 15.76 -31.57 -22.90
CA LEU G 206 17.01 -30.86 -22.57
C LEU G 206 17.17 -30.62 -21.06
N ALA G 207 16.05 -30.61 -20.34
CA ALA G 207 16.03 -30.47 -18.88
C ALA G 207 16.07 -31.83 -18.15
N ARG G 208 15.89 -32.91 -18.91
CA ARG G 208 15.82 -34.26 -18.35
C ARG G 208 17.19 -34.93 -18.13
N ASN G 209 18.24 -34.31 -18.66
CA ASN G 209 19.60 -34.87 -18.60
C ASN G 209 20.44 -34.40 -17.41
N ALA G 210 20.64 -33.07 -17.32
CA ALA G 210 21.48 -32.47 -16.28
C ALA G 210 20.76 -32.42 -14.94
N ARG H 10 22.65 19.32 -27.15
CA ARG H 10 21.60 20.12 -26.44
C ARG H 10 20.20 19.48 -26.56
N SER H 11 19.16 20.31 -26.72
CA SER H 11 17.76 19.86 -26.83
C SER H 11 17.45 19.12 -28.13
N VAL H 12 18.15 19.49 -29.21
CA VAL H 12 18.04 18.85 -30.52
C VAL H 12 18.83 17.52 -30.54
N MET H 13 18.28 16.51 -31.23
CA MET H 13 18.90 15.19 -31.39
C MET H 13 20.24 15.23 -32.14
N THR H 14 21.09 14.22 -31.89
CA THR H 14 22.38 14.08 -32.56
C THR H 14 22.41 12.83 -33.42
N LEU H 15 22.62 13.01 -34.72
CA LEU H 15 22.79 11.89 -35.64
C LEU H 15 24.24 11.78 -36.12
N TYR H 16 24.87 10.65 -35.80
CA TYR H 16 26.20 10.32 -36.31
C TYR H 16 26.07 9.61 -37.66
N SER H 17 25.90 10.41 -38.72
CA SER H 17 25.69 9.90 -40.07
C SER H 17 27.01 9.72 -40.83
N GLY H 18 27.04 8.74 -41.72
CA GLY H 18 28.10 8.61 -42.71
C GLY H 18 27.83 9.57 -43.86
N LYS H 19 28.87 9.92 -44.59
CA LYS H 19 28.75 10.89 -45.69
C LYS H 19 28.10 10.32 -46.96
N ASP H 20 28.43 9.07 -47.28
CA ASP H 20 27.87 8.38 -48.44
C ASP H 20 27.37 6.98 -48.04
N ASP H 21 27.02 6.84 -46.76
CA ASP H 21 26.52 5.58 -46.22
C ASP H 21 25.06 5.35 -46.64
N LEU H 22 24.80 4.14 -47.13
CA LEU H 22 23.48 3.75 -47.66
C LEU H 22 22.41 3.69 -46.56
N LYS H 23 22.82 3.24 -45.37
CA LYS H 23 21.94 3.17 -44.20
C LYS H 23 21.73 4.52 -43.50
N SER H 24 22.75 5.38 -43.54
CA SER H 24 22.65 6.72 -42.93
C SER H 24 21.79 7.67 -43.77
N HIS H 25 21.73 7.40 -45.07
CA HIS H 25 20.91 8.15 -46.01
C HIS H 25 19.44 7.84 -45.80
N GLN H 26 19.14 6.62 -45.34
CA GLN H 26 17.78 6.22 -44.94
C GLN H 26 17.25 7.07 -43.79
N VAL H 27 18.01 7.09 -42.69
CA VAL H 27 17.70 7.92 -41.51
C VAL H 27 17.56 9.41 -41.86
N ARG H 28 18.47 9.91 -42.69
CA ARG H 28 18.43 11.30 -43.17
C ARG H 28 17.21 11.61 -44.03
N LEU H 29 16.73 10.61 -44.79
CA LEU H 29 15.52 10.74 -45.60
C LEU H 29 14.29 10.82 -44.71
N VAL H 30 14.24 9.94 -43.71
CA VAL H 30 13.11 9.83 -42.79
C VAL H 30 12.93 11.11 -41.97
N LEU H 31 14.02 11.59 -41.38
CA LEU H 31 14.02 12.84 -40.59
C LEU H 31 13.60 14.06 -41.41
N ALA H 32 13.98 14.08 -42.69
CA ALA H 32 13.57 15.11 -43.64
C ALA H 32 12.10 14.99 -43.98
N GLU H 33 11.60 13.76 -44.07
CA GLU H 33 10.18 13.49 -44.32
C GLU H 33 9.31 13.83 -43.11
N LYS H 34 9.87 13.64 -41.91
CA LYS H 34 9.21 14.00 -40.66
C LYS H 34 9.25 15.51 -40.39
N GLY H 35 10.16 16.20 -41.06
CA GLY H 35 10.27 17.65 -40.98
C GLY H 35 10.90 18.17 -39.70
N VAL H 36 11.64 17.32 -39.00
CA VAL H 36 12.31 17.73 -37.76
C VAL H 36 13.81 17.94 -37.99
N GLY H 37 14.36 18.94 -37.30
CA GLY H 37 15.77 19.26 -37.42
C GLY H 37 16.63 18.50 -36.44
N VAL H 38 17.77 18.04 -36.92
CA VAL H 38 18.70 17.20 -36.16
C VAL H 38 20.11 17.80 -36.31
N GLU H 39 20.96 17.60 -35.30
CA GLU H 39 22.36 18.00 -35.40
C GLU H 39 23.20 16.85 -35.96
N ILE H 40 23.55 16.95 -37.24
CA ILE H 40 24.30 15.89 -37.94
C ILE H 40 25.81 16.03 -37.78
N THR H 41 26.41 15.02 -37.14
CA THR H 41 27.86 14.89 -37.01
C THR H 41 28.35 13.80 -37.97
N TYR H 42 29.02 14.23 -39.04
CA TYR H 42 29.47 13.30 -40.09
C TYR H 42 30.73 12.54 -39.70
N VAL H 43 30.74 11.24 -40.02
CA VAL H 43 31.87 10.36 -39.72
C VAL H 43 32.44 9.67 -40.95
N THR H 44 33.73 9.35 -40.89
CA THR H 44 34.44 8.59 -41.92
C THR H 44 35.12 7.39 -41.27
N ASP H 45 35.56 6.43 -42.10
CA ASP H 45 36.31 5.26 -41.62
C ASP H 45 37.73 5.61 -41.16
N GLU H 46 38.19 6.80 -41.55
CA GLU H 46 39.44 7.37 -41.07
C GLU H 46 39.25 7.91 -39.64
N SER H 47 38.27 8.81 -39.49
CA SER H 47 38.04 9.51 -38.22
C SER H 47 36.68 9.21 -37.58
N THR H 48 36.72 8.47 -36.48
CA THR H 48 35.55 8.21 -35.65
C THR H 48 35.81 8.74 -34.24
N PRO H 49 34.89 9.59 -33.71
CA PRO H 49 35.03 10.23 -32.40
C PRO H 49 35.01 9.26 -31.21
N GLU H 50 35.55 9.72 -30.09
CA GLU H 50 35.56 8.97 -28.82
C GLU H 50 34.16 8.95 -28.19
N ASP H 51 33.36 9.96 -28.53
CA ASP H 51 31.95 10.05 -28.14
C ASP H 51 31.17 8.86 -28.71
N LEU H 52 31.24 8.70 -30.03
CA LEU H 52 30.58 7.62 -30.77
C LEU H 52 31.12 6.24 -30.39
N LEU H 53 32.41 6.19 -30.07
CA LEU H 53 33.10 4.99 -29.61
C LEU H 53 32.54 4.49 -28.27
N GLN H 54 32.21 5.43 -27.38
CA GLN H 54 31.62 5.11 -26.08
C GLN H 54 30.12 4.77 -26.18
N LEU H 55 29.47 5.28 -27.22
CA LEU H 55 28.03 5.08 -27.41
C LEU H 55 27.66 3.85 -28.24
N ASN H 56 28.49 3.56 -29.24
CA ASN H 56 28.31 2.41 -30.12
C ASN H 56 29.44 1.39 -29.94
N PRO H 57 29.10 0.15 -29.54
CA PRO H 57 30.11 -0.89 -29.34
C PRO H 57 30.37 -1.77 -30.56
N TYR H 58 29.79 -1.41 -31.70
CA TYR H 58 29.90 -2.22 -32.92
C TYR H 58 30.84 -1.59 -33.96
N PRO H 59 31.68 -2.43 -34.63
CA PRO H 59 32.64 -2.03 -35.67
C PRO H 59 32.07 -1.10 -36.75
N GLU H 60 30.86 -1.41 -37.24
CA GLU H 60 30.13 -0.50 -38.11
C GLU H 60 29.22 0.34 -37.22
N ALA H 61 29.63 1.59 -36.98
CA ALA H 61 29.03 2.43 -35.95
C ALA H 61 28.19 3.62 -36.47
N LYS H 62 27.82 3.58 -37.75
CA LYS H 62 26.91 4.57 -38.33
C LYS H 62 25.73 3.87 -39.04
N PRO H 63 24.51 4.46 -38.97
CA PRO H 63 24.06 5.64 -38.21
C PRO H 63 23.76 5.37 -36.74
N THR H 64 23.95 6.40 -35.93
CA THR H 64 23.64 6.36 -34.51
C THR H 64 22.90 7.63 -34.11
N LEU H 65 21.69 7.46 -33.58
CA LEU H 65 20.87 8.57 -33.12
C LEU H 65 20.90 8.66 -31.60
N VAL H 66 21.39 9.79 -31.11
CA VAL H 66 21.42 10.05 -29.66
C VAL H 66 20.44 11.17 -29.33
N ASP H 67 19.50 10.86 -28.43
CA ASP H 67 18.50 11.82 -27.96
C ASP H 67 18.44 11.79 -26.43
N ARG H 68 18.91 12.89 -25.82
CA ARG H 68 18.95 13.11 -24.36
C ARG H 68 19.73 12.03 -23.59
N GLU H 69 19.07 10.94 -23.24
CA GLU H 69 19.68 9.83 -22.51
C GLU H 69 19.66 8.55 -23.36
N LEU H 70 18.85 8.57 -24.42
CA LEU H 70 18.65 7.43 -25.31
C LEU H 70 19.68 7.41 -26.43
N VAL H 71 20.38 6.27 -26.55
CA VAL H 71 21.25 6.01 -27.69
C VAL H 71 20.67 4.87 -28.54
N LEU H 72 20.54 5.11 -29.85
CA LEU H 72 20.00 4.11 -30.77
C LEU H 72 20.85 3.93 -32.03
N TYR H 73 21.30 2.71 -32.24
CA TYR H 73 21.91 2.30 -33.51
C TYR H 73 20.96 1.32 -34.20
N ASN H 74 21.40 0.76 -35.34
CA ASN H 74 20.58 0.00 -36.31
C ASN H 74 19.53 0.88 -37.01
N ALA H 75 19.67 0.99 -38.32
CA ALA H 75 18.87 1.91 -39.15
C ALA H 75 17.35 1.72 -39.03
N GLN H 76 16.90 0.46 -39.04
CA GLN H 76 15.46 0.16 -38.97
C GLN H 76 14.88 0.39 -37.57
N ILE H 77 15.71 0.23 -36.53
CA ILE H 77 15.35 0.61 -35.17
C ILE H 77 15.17 2.13 -35.05
N ILE H 78 16.13 2.88 -35.63
CA ILE H 78 16.07 4.34 -35.68
C ILE H 78 14.85 4.83 -36.48
N MET H 79 14.65 4.27 -37.68
CA MET H 79 13.52 4.63 -38.56
C MET H 79 12.15 4.39 -37.94
N GLU H 80 12.01 3.27 -37.22
CA GLU H 80 10.77 2.94 -36.51
C GLU H 80 10.52 3.82 -35.28
N TYR H 81 11.60 4.20 -34.60
CA TYR H 81 11.55 5.18 -33.50
C TYR H 81 11.03 6.54 -33.94
N LEU H 82 11.46 7.00 -35.12
CA LEU H 82 11.07 8.31 -35.64
C LEU H 82 9.63 8.36 -36.15
N ASP H 83 9.14 7.24 -36.67
CA ASP H 83 7.75 7.14 -37.14
C ASP H 83 6.76 7.07 -35.98
N GLU H 84 7.23 6.55 -34.84
CA GLU H 84 6.42 6.43 -33.63
C GLU H 84 6.39 7.75 -32.85
N ARG H 85 7.58 8.28 -32.57
CA ARG H 85 7.75 9.53 -31.82
C ARG H 85 7.28 10.77 -32.59
N PHE H 86 7.47 10.76 -33.91
CA PHE H 86 6.90 11.79 -34.77
C PHE H 86 5.92 11.14 -35.75
N PRO H 87 4.63 11.06 -35.38
CA PRO H 87 3.61 10.35 -36.16
C PRO H 87 3.30 10.93 -37.53
N HIS H 88 3.49 12.24 -37.71
CA HIS H 88 3.05 12.93 -38.93
C HIS H 88 4.20 13.29 -39.86
N PRO H 89 4.13 12.86 -41.14
CA PRO H 89 3.15 11.97 -41.77
C PRO H 89 3.47 10.49 -41.48
N PRO H 90 2.46 9.60 -41.54
CA PRO H 90 2.79 8.20 -41.26
C PRO H 90 3.56 7.54 -42.40
N LEU H 91 4.68 6.91 -42.05
CA LEU H 91 5.51 6.19 -43.01
C LEU H 91 5.38 4.67 -42.87
N MET H 92 4.42 4.25 -42.03
CA MET H 92 4.02 2.85 -41.91
C MET H 92 2.50 2.74 -42.09
N PRO H 93 1.99 1.57 -42.54
CA PRO H 93 0.52 1.45 -42.63
C PRO H 93 -0.09 1.25 -41.24
N VAL H 94 -1.42 1.32 -41.14
CA VAL H 94 -2.08 1.22 -39.84
C VAL H 94 -2.43 -0.23 -39.47
N TYR H 95 -2.96 -0.99 -40.42
CA TYR H 95 -3.39 -2.38 -40.20
C TYR H 95 -2.19 -3.33 -40.10
N PRO H 96 -2.20 -4.29 -39.13
CA PRO H 96 -1.04 -5.14 -38.79
C PRO H 96 -0.55 -6.08 -39.90
N VAL H 97 -1.46 -6.51 -40.77
CA VAL H 97 -1.13 -7.39 -41.90
C VAL H 97 -0.30 -6.62 -42.92
N ALA H 98 -0.76 -5.41 -43.25
CA ALA H 98 -0.05 -4.48 -44.13
C ALA H 98 1.30 -4.04 -43.56
N ARG H 99 1.38 -3.96 -42.23
CA ARG H 99 2.61 -3.60 -41.51
C ARG H 99 3.64 -4.71 -41.59
N GLY H 100 3.19 -5.96 -41.41
CA GLY H 100 4.04 -7.15 -41.50
C GLY H 100 4.61 -7.35 -42.88
N THR H 101 3.76 -7.13 -43.90
CA THR H 101 4.12 -7.11 -45.31
C THR H 101 5.24 -6.10 -45.59
N SER H 102 5.07 -4.88 -45.09
CA SER H 102 6.06 -3.80 -45.25
C SER H 102 7.40 -4.13 -44.57
N ARG H 103 7.33 -4.66 -43.35
CA ARG H 103 8.51 -5.10 -42.60
C ARG H 103 9.27 -6.23 -43.31
N LEU H 104 8.52 -7.13 -43.94
CA LEU H 104 9.07 -8.24 -44.72
C LEU H 104 9.83 -7.76 -45.97
N MET H 105 9.29 -6.75 -46.64
CA MET H 105 9.94 -6.16 -47.82
C MET H 105 11.22 -5.42 -47.45
N MET H 106 11.18 -4.65 -46.36
CA MET H 106 12.35 -3.97 -45.80
C MET H 106 13.45 -4.94 -45.39
N TYR H 107 13.04 -6.10 -44.86
CA TYR H 107 13.96 -7.19 -44.56
C TYR H 107 14.59 -7.74 -45.84
N ARG H 108 13.77 -7.94 -46.86
CA ARG H 108 14.22 -8.57 -48.12
C ARG H 108 15.11 -7.67 -48.97
N ILE H 109 14.80 -6.36 -49.01
CA ILE H 109 15.64 -5.34 -49.67
C ILE H 109 17.04 -5.31 -49.03
N GLU H 110 17.07 -5.38 -47.70
CA GLU H 110 18.32 -5.47 -46.92
C GLU H 110 19.09 -6.77 -47.18
N ARG H 111 18.40 -7.90 -47.21
CA ARG H 111 19.05 -9.22 -47.35
C ARG H 111 19.42 -9.58 -48.79
N ASP H 112 18.61 -9.13 -49.75
CA ASP H 112 18.85 -9.46 -51.16
C ASP H 112 19.65 -8.40 -51.91
N TRP H 113 19.39 -7.12 -51.64
CA TRP H 113 19.91 -6.03 -52.47
C TRP H 113 20.98 -5.18 -51.84
N TYR H 114 20.84 -4.89 -50.54
CA TYR H 114 21.83 -4.12 -49.77
C TYR H 114 23.11 -4.94 -49.56
N SER H 115 22.94 -6.26 -49.49
CA SER H 115 24.05 -7.20 -49.43
C SER H 115 24.82 -7.27 -50.75
N LEU H 116 24.13 -7.11 -51.87
CA LEU H 116 24.76 -7.04 -53.19
C LEU H 116 25.56 -5.75 -53.39
N ALA H 117 24.99 -4.64 -52.91
CA ALA H 117 25.62 -3.32 -52.95
C ALA H 117 26.91 -3.24 -52.10
N GLU H 118 27.00 -4.10 -51.09
CA GLU H 118 28.22 -4.30 -50.30
C GLU H 118 29.32 -4.93 -51.16
N LYS H 119 28.92 -5.89 -52.01
CA LYS H 119 29.83 -6.61 -52.88
C LYS H 119 30.25 -5.83 -54.13
N ILE H 120 29.32 -5.03 -54.67
CA ILE H 120 29.57 -4.17 -55.83
C ILE H 120 30.60 -3.07 -55.48
N GLN H 121 30.45 -2.49 -54.30
CA GLN H 121 31.40 -1.49 -53.76
C GLN H 121 32.80 -2.05 -53.51
N LYS H 122 32.90 -3.38 -53.37
CA LYS H 122 34.19 -4.07 -53.43
C LYS H 122 34.65 -4.18 -54.89
N ASN H 123 34.48 -5.35 -55.51
CA ASN H 123 34.98 -5.60 -56.86
C ASN H 123 34.03 -6.37 -57.80
N ASP H 124 32.89 -6.82 -57.28
CA ASP H 124 32.01 -7.79 -57.96
C ASP H 124 31.32 -7.33 -59.25
N ALA H 125 31.38 -8.20 -60.26
CA ALA H 125 30.74 -7.96 -61.55
C ALA H 125 29.45 -8.78 -61.71
N GLN H 126 29.41 -9.94 -61.05
CA GLN H 126 28.22 -10.79 -61.03
C GLN H 126 27.12 -10.19 -60.17
N ALA H 127 27.51 -9.59 -59.04
CA ALA H 127 26.58 -8.92 -58.13
C ALA H 127 26.01 -7.62 -58.73
N ARG H 128 26.81 -7.00 -59.60
CA ARG H 128 26.37 -5.85 -60.40
C ARG H 128 25.27 -6.25 -61.39
N GLN H 129 25.42 -7.44 -61.98
CA GLN H 129 24.42 -7.99 -62.90
C GLN H 129 23.20 -8.52 -62.15
N GLU H 130 23.43 -9.06 -60.95
CA GLU H 130 22.38 -9.65 -60.12
C GLU H 130 21.40 -8.61 -59.58
N LEU H 131 21.93 -7.43 -59.22
CA LEU H 131 21.11 -6.31 -58.76
C LEU H 131 20.31 -5.70 -59.91
N LYS H 132 20.93 -5.58 -61.08
CA LYS H 132 20.27 -5.09 -62.30
C LYS H 132 19.10 -6.00 -62.69
N GLU H 133 19.31 -7.30 -62.60
CA GLU H 133 18.29 -8.30 -62.88
C GLU H 133 17.19 -8.30 -61.83
N GLY H 134 17.60 -8.16 -60.56
CA GLY H 134 16.69 -8.18 -59.40
C GLY H 134 15.67 -7.05 -59.41
N ILE H 135 16.14 -5.85 -59.77
CA ILE H 135 15.30 -4.66 -59.87
C ILE H 135 14.29 -4.80 -61.03
N LEU H 136 14.78 -5.29 -62.17
CA LEU H 136 13.96 -5.50 -63.37
C LEU H 136 12.92 -6.61 -63.23
N SER H 137 13.16 -7.55 -62.31
CA SER H 137 12.19 -8.62 -62.02
C SER H 137 11.01 -8.11 -61.20
N LEU H 138 11.24 -7.06 -60.41
CA LEU H 138 10.21 -6.45 -59.57
C LEU H 138 9.44 -5.32 -60.27
N ALA H 139 9.78 -5.09 -61.54
CA ALA H 139 9.09 -4.11 -62.41
C ALA H 139 7.55 -4.19 -62.56
N PRO H 140 6.94 -5.41 -62.59
CA PRO H 140 5.47 -5.45 -62.68
C PRO H 140 4.68 -4.86 -61.50
N ILE H 141 5.30 -4.79 -60.33
CA ILE H 141 4.60 -4.27 -59.14
C ILE H 141 4.49 -2.74 -59.16
N PHE H 142 5.36 -2.07 -59.92
CA PHE H 142 5.38 -0.61 -60.02
C PHE H 142 4.28 -0.04 -60.93
N ALA H 143 3.67 -0.92 -61.73
CA ALA H 143 2.56 -0.54 -62.59
C ALA H 143 1.26 -0.33 -61.81
N ASP H 144 1.13 -1.04 -60.69
CA ASP H 144 -0.11 -1.07 -59.90
C ASP H 144 -0.31 0.19 -59.07
N THR H 145 0.63 0.45 -58.16
CA THR H 145 0.54 1.56 -57.21
C THR H 145 1.71 2.55 -57.42
N PRO H 146 1.50 3.85 -57.11
CA PRO H 146 2.55 4.89 -57.24
C PRO H 146 3.83 4.68 -56.41
N TYR H 147 3.72 3.93 -55.30
CA TYR H 147 4.89 3.59 -54.48
C TYR H 147 4.93 2.08 -54.24
N PHE H 148 6.03 1.59 -53.65
CA PHE H 148 6.26 0.14 -53.50
C PHE H 148 5.23 -0.53 -52.60
N MET H 149 4.30 -1.23 -53.26
CA MET H 149 3.15 -1.94 -52.65
C MET H 149 2.26 -1.04 -51.79
N SER H 150 2.14 0.22 -52.20
CA SER H 150 1.46 1.26 -51.43
C SER H 150 1.03 2.44 -52.31
N GLU H 151 -0.11 3.02 -52.00
CA GLU H 151 -0.61 4.21 -52.69
C GLU H 151 0.11 5.48 -52.20
N GLU H 152 0.73 5.40 -51.02
CA GLU H 152 1.46 6.55 -50.43
C GLU H 152 2.90 6.22 -50.02
N PHE H 153 3.70 7.27 -49.87
CA PHE H 153 5.12 7.16 -49.50
C PHE H 153 5.28 6.58 -48.10
N SER H 154 6.19 5.62 -47.99
CA SER H 154 6.40 4.85 -46.77
C SER H 154 7.88 4.50 -46.57
N LEU H 155 8.19 3.89 -45.43
CA LEU H 155 9.55 3.43 -45.07
C LEU H 155 10.15 2.39 -46.04
N VAL H 156 9.31 1.77 -46.86
CA VAL H 156 9.74 0.84 -47.89
C VAL H 156 10.42 1.63 -49.01
N ASP H 157 9.85 2.79 -49.34
CA ASP H 157 10.43 3.71 -50.31
C ASP H 157 11.70 4.38 -49.77
N CYS H 158 11.82 4.43 -48.45
CA CYS H 158 13.03 4.89 -47.76
C CYS H 158 14.16 3.86 -47.78
N TYR H 159 13.82 2.60 -48.08
CA TYR H 159 14.83 1.57 -48.32
C TYR H 159 15.33 1.63 -49.76
N LEU H 160 14.47 2.11 -50.66
CA LEU H 160 14.72 2.05 -52.10
C LEU H 160 15.36 3.29 -52.71
N ALA H 161 14.98 4.47 -52.20
CA ALA H 161 15.52 5.74 -52.68
C ALA H 161 17.03 5.96 -52.50
N PRO H 162 17.66 5.45 -51.40
CA PRO H 162 19.13 5.45 -51.43
C PRO H 162 19.75 4.48 -52.44
N LEU H 163 19.12 3.32 -52.63
CA LEU H 163 19.65 2.27 -53.51
C LEU H 163 19.52 2.60 -55.00
N LEU H 164 18.35 3.11 -55.38
CA LEU H 164 18.08 3.50 -56.78
C LEU H 164 18.81 4.77 -57.20
N TRP H 165 19.23 5.56 -56.21
CA TRP H 165 20.05 6.77 -56.42
C TRP H 165 21.41 6.41 -56.92
N ARG H 166 21.98 5.35 -56.33
CA ARG H 166 23.35 4.95 -56.58
C ARG H 166 23.53 3.97 -57.75
N LEU H 167 22.48 3.82 -58.57
CA LEU H 167 22.52 2.99 -59.79
C LEU H 167 23.64 3.30 -60.81
N PRO H 168 23.91 4.59 -61.12
CA PRO H 168 25.07 4.81 -62.01
C PRO H 168 26.41 4.56 -61.32
N ALA H 169 26.48 4.81 -60.01
CA ALA H 169 27.69 4.61 -59.22
C ALA H 169 28.02 3.13 -58.98
N TYR H 170 27.01 2.27 -59.07
CA TYR H 170 27.21 0.82 -58.99
C TYR H 170 27.55 0.23 -60.37
N GLY H 171 27.22 0.97 -61.43
CA GLY H 171 27.47 0.52 -62.80
C GLY H 171 26.28 -0.20 -63.39
N ILE H 172 25.09 0.28 -63.04
CA ILE H 172 23.83 -0.32 -63.47
C ILE H 172 23.02 0.68 -64.29
N ASP H 173 22.69 0.29 -65.52
CA ASP H 173 21.88 1.11 -66.42
C ASP H 173 20.57 0.40 -66.72
N LEU H 174 19.48 1.16 -66.69
CA LEU H 174 18.13 0.61 -66.92
C LEU H 174 17.87 0.33 -68.39
N GLU H 175 17.72 -0.97 -68.69
CA GLU H 175 17.56 -1.45 -70.06
C GLU H 175 16.63 -2.66 -70.13
N GLY H 176 15.99 -2.84 -71.28
CA GLY H 176 15.04 -3.94 -71.48
C GLY H 176 13.63 -3.54 -71.09
N GLN H 177 12.76 -4.54 -70.99
CA GLN H 177 11.36 -4.32 -70.63
C GLN H 177 11.21 -3.96 -69.15
N GLY H 178 10.18 -3.17 -68.84
CA GLY H 178 9.86 -2.78 -67.47
C GLY H 178 10.76 -1.74 -66.83
N ALA H 179 11.80 -1.32 -67.53
CA ALA H 179 12.74 -0.30 -67.02
C ALA H 179 12.14 1.11 -67.05
N LYS H 180 11.12 1.29 -67.89
CA LYS H 180 10.33 2.52 -67.95
C LYS H 180 9.55 2.72 -66.66
N GLU H 181 9.03 1.60 -66.11
CA GLU H 181 8.26 1.59 -64.87
C GLU H 181 9.11 1.99 -63.67
N ILE H 182 10.34 1.46 -63.62
CA ILE H 182 11.33 1.77 -62.56
C ILE H 182 11.75 3.24 -62.60
N LYS H 183 12.02 3.75 -63.80
CA LYS H 183 12.45 5.14 -64.03
C LYS H 183 11.35 6.14 -63.66
N GLN H 184 10.10 5.76 -63.92
CA GLN H 184 8.90 6.53 -63.56
C GLN H 184 8.70 6.60 -62.04
N TYR H 185 9.03 5.49 -61.37
CA TYR H 185 9.03 5.43 -59.91
C TYR H 185 10.21 6.19 -59.31
N MET H 186 11.35 6.14 -60.00
CA MET H 186 12.57 6.86 -59.60
C MET H 186 12.39 8.37 -59.70
N VAL H 187 11.75 8.82 -60.77
CA VAL H 187 11.47 10.25 -60.97
C VAL H 187 10.35 10.75 -60.05
N ARG H 188 9.54 9.83 -59.53
CA ARG H 188 8.52 10.14 -58.53
C ARG H 188 9.16 10.26 -57.15
N LEU H 189 10.29 9.59 -56.99
CA LEU H 189 10.98 9.48 -55.70
C LEU H 189 12.00 10.60 -55.50
N PHE H 190 12.82 10.85 -56.53
CA PHE H 190 13.93 11.78 -56.41
C PHE H 190 13.51 13.24 -56.49
N GLU H 191 12.38 13.51 -57.16
CA GLU H 191 11.84 14.86 -57.29
C GLU H 191 11.11 15.36 -56.04
N ARG H 192 10.99 14.51 -55.02
CA ARG H 192 10.51 14.91 -53.70
C ARG H 192 11.55 15.81 -53.04
N LYS H 193 11.08 16.95 -52.53
CA LYS H 193 11.95 17.96 -51.87
C LYS H 193 12.58 17.41 -50.61
N THR H 194 11.85 16.52 -49.93
CA THR H 194 12.33 15.81 -48.74
C THR H 194 13.50 14.88 -49.05
N PHE H 195 13.51 14.29 -50.24
CA PHE H 195 14.66 13.50 -50.70
C PHE H 195 15.85 14.38 -51.02
N GLN H 196 15.60 15.47 -51.77
CA GLN H 196 16.65 16.38 -52.22
C GLN H 196 17.33 17.16 -51.10
N ASP H 197 16.58 17.45 -50.03
CA ASP H 197 17.13 18.10 -48.85
C ASP H 197 17.87 17.13 -47.91
N SER H 198 17.67 15.83 -48.14
CA SER H 198 18.31 14.78 -47.33
C SER H 198 19.67 14.35 -47.88
N LEU H 199 19.97 14.79 -49.10
CA LEU H 199 21.20 14.43 -49.79
C LEU H 199 22.40 15.23 -49.30
N THR H 200 23.54 14.53 -49.15
CA THR H 200 24.82 15.18 -48.88
C THR H 200 25.45 15.63 -50.21
N GLU H 201 26.50 16.45 -50.13
CA GLU H 201 27.26 16.88 -51.31
C GLU H 201 27.97 15.71 -51.99
N GLU H 202 28.44 14.76 -51.19
CA GLU H 202 29.04 13.51 -51.68
C GLU H 202 28.04 12.65 -52.47
N GLU H 203 26.80 12.58 -51.98
CA GLU H 203 25.71 11.86 -52.63
C GLU H 203 25.21 12.57 -53.89
N LYS H 204 25.26 13.90 -53.85
CA LYS H 204 24.89 14.76 -54.99
C LYS H 204 25.87 14.62 -56.16
N GLU H 205 27.13 14.33 -55.85
CA GLU H 205 28.17 14.08 -56.85
C GLU H 205 27.95 12.78 -57.64
N LEU H 206 27.27 11.81 -57.01
CA LEU H 206 26.95 10.52 -57.65
C LEU H 206 25.90 10.62 -58.76
N ALA H 207 25.18 11.75 -58.80
CA ALA H 207 24.12 12.00 -59.79
C ALA H 207 24.63 12.23 -61.21
N ARG H 208 25.84 12.77 -61.34
CA ARG H 208 26.38 13.17 -62.65
C ARG H 208 27.76 12.59 -63.01
N ASN H 209 28.39 11.89 -62.06
CA ASN H 209 29.71 11.30 -62.27
C ASN H 209 29.72 10.07 -63.19
N ALA H 210 28.59 9.38 -63.27
CA ALA H 210 28.44 8.19 -64.11
C ALA H 210 27.06 8.13 -64.75
N SER I 11 20.95 -28.40 17.84
CA SER I 11 19.75 -28.36 18.74
C SER I 11 20.09 -27.76 20.11
N VAL I 12 21.29 -28.02 20.58
CA VAL I 12 21.82 -27.48 21.83
C VAL I 12 23.00 -26.57 21.45
N MET I 13 23.22 -25.50 22.23
CA MET I 13 24.32 -24.54 21.99
C MET I 13 25.71 -25.16 22.13
N THR I 14 26.69 -24.56 21.49
CA THR I 14 28.04 -25.08 21.48
C THR I 14 29.02 -23.98 21.91
N LEU I 15 29.82 -24.28 22.93
CA LEU I 15 30.80 -23.32 23.44
C LEU I 15 32.24 -23.79 23.25
N TYR I 16 32.99 -23.01 22.47
CA TYR I 16 34.42 -23.20 22.35
C TYR I 16 35.07 -22.48 23.52
N SER I 17 35.62 -23.25 24.45
CA SER I 17 36.09 -22.71 25.72
C SER I 17 37.51 -23.10 26.06
N GLY I 18 38.26 -22.16 26.63
CA GLY I 18 39.56 -22.44 27.21
C GLY I 18 39.39 -23.22 28.51
N LYS I 19 40.38 -24.05 28.82
CA LYS I 19 40.39 -24.86 30.04
C LYS I 19 40.86 -24.03 31.24
N ASP I 20 41.73 -23.06 30.97
CA ASP I 20 42.34 -22.21 32.00
C ASP I 20 42.01 -20.73 31.75
N ASP I 21 41.24 -20.47 30.71
CA ASP I 21 40.91 -19.11 30.29
C ASP I 21 39.97 -18.42 31.28
N LEU I 22 40.29 -17.15 31.55
CA LEU I 22 39.55 -16.31 32.49
C LEU I 22 38.17 -15.95 31.96
N LYS I 23 38.13 -15.52 30.70
CA LYS I 23 36.89 -15.08 30.05
C LYS I 23 35.97 -16.23 29.65
N SER I 24 36.54 -17.42 29.45
CA SER I 24 35.77 -18.64 29.19
C SER I 24 35.10 -19.15 30.47
N HIS I 25 35.74 -18.88 31.61
CA HIS I 25 35.19 -19.23 32.93
C HIS I 25 34.00 -18.38 33.27
N GLN I 26 34.01 -17.13 32.80
CA GLN I 26 32.88 -16.20 32.92
C GLN I 26 31.65 -16.77 32.22
N VAL I 27 31.83 -17.13 30.95
CA VAL I 27 30.76 -17.69 30.11
C VAL I 27 30.24 -19.01 30.69
N ARG I 28 31.17 -19.87 31.14
CA ARG I 28 30.83 -21.13 31.81
C ARG I 28 30.07 -20.93 33.13
N LEU I 29 30.41 -19.87 33.86
CA LEU I 29 29.71 -19.52 35.11
C LEU I 29 28.26 -19.11 34.83
N VAL I 30 28.09 -18.23 33.84
CA VAL I 30 26.79 -17.67 33.47
C VAL I 30 25.83 -18.77 33.00
N LEU I 31 26.30 -19.63 32.09
CA LEU I 31 25.54 -20.78 31.62
C LEU I 31 25.09 -21.72 32.75
N ALA I 32 25.97 -21.92 33.73
CA ALA I 32 25.66 -22.69 34.93
C ALA I 32 24.63 -21.98 35.81
N GLU I 33 24.78 -20.67 35.95
CA GLU I 33 23.85 -19.81 36.71
C GLU I 33 22.47 -19.77 36.09
N LYS I 34 22.41 -19.74 34.76
CA LYS I 34 21.16 -19.85 34.02
C LYS I 34 20.61 -21.26 34.05
N GLY I 35 21.48 -22.25 34.27
CA GLY I 35 21.11 -23.66 34.33
C GLY I 35 20.78 -24.25 32.97
N VAL I 36 21.58 -23.91 31.98
CA VAL I 36 21.40 -24.42 30.63
C VAL I 36 22.56 -25.28 30.17
N GLY I 37 22.25 -26.48 29.71
CA GLY I 37 23.24 -27.41 29.18
C GLY I 37 23.75 -26.98 27.82
N VAL I 38 25.04 -27.20 27.62
CA VAL I 38 25.76 -26.70 26.45
C VAL I 38 26.92 -27.66 26.17
N GLU I 39 27.04 -28.07 24.90
CA GLU I 39 28.13 -28.96 24.49
C GLU I 39 29.43 -28.15 24.39
N ILE I 40 30.38 -28.46 25.26
CA ILE I 40 31.63 -27.70 25.35
C ILE I 40 32.79 -28.41 24.66
N THR I 41 33.32 -27.77 23.62
CA THR I 41 34.55 -28.20 22.97
C THR I 41 35.71 -27.36 23.50
N TYR I 42 36.51 -27.98 24.37
CA TYR I 42 37.68 -27.30 24.93
C TYR I 42 38.81 -27.18 23.92
N VAL I 43 39.30 -25.95 23.79
CA VAL I 43 40.31 -25.60 22.79
C VAL I 43 41.63 -25.19 23.44
N THR I 44 42.74 -25.44 22.75
CA THR I 44 44.08 -25.18 23.29
C THR I 44 44.80 -24.07 22.52
N ASP I 45 45.89 -23.57 23.11
CA ASP I 45 46.81 -22.65 22.44
C ASP I 45 47.67 -23.39 21.41
N GLU I 46 47.78 -24.71 21.60
CA GLU I 46 48.52 -25.61 20.71
C GLU I 46 47.90 -25.66 19.33
N SER I 47 46.59 -25.89 19.26
CA SER I 47 45.86 -25.94 18.00
C SER I 47 44.41 -25.47 18.16
N THR I 48 43.90 -24.81 17.12
CA THR I 48 42.51 -24.37 17.05
C THR I 48 41.80 -25.09 15.91
N PRO I 49 40.60 -25.68 16.18
CA PRO I 49 39.83 -26.47 15.20
C PRO I 49 39.42 -25.69 13.94
N GLU I 50 39.11 -26.45 12.88
CA GLU I 50 38.78 -25.91 11.56
C GLU I 50 37.49 -25.08 11.57
N ASP I 51 36.52 -25.52 12.36
CA ASP I 51 35.22 -24.86 12.50
C ASP I 51 35.40 -23.48 13.14
N LEU I 52 36.12 -23.45 14.26
CA LEU I 52 36.36 -22.24 15.04
C LEU I 52 37.23 -21.22 14.30
N LEU I 53 38.13 -21.74 13.45
CA LEU I 53 38.99 -20.92 12.60
C LEU I 53 38.18 -20.16 11.54
N GLN I 54 37.10 -20.79 11.08
CA GLN I 54 36.17 -20.18 10.13
C GLN I 54 35.23 -19.19 10.81
N LEU I 55 34.75 -19.56 12.00
CA LEU I 55 33.75 -18.78 12.73
C LEU I 55 34.31 -17.55 13.43
N ASN I 56 35.49 -17.70 14.04
CA ASN I 56 36.17 -16.60 14.70
C ASN I 56 37.39 -16.14 13.89
N PRO I 57 37.33 -14.91 13.34
CA PRO I 57 38.40 -14.36 12.53
C PRO I 57 39.46 -13.58 13.33
N TYR I 58 39.54 -13.86 14.63
CA TYR I 58 40.48 -13.18 15.52
C TYR I 58 41.43 -14.16 16.20
N PRO I 59 42.71 -13.75 16.38
CA PRO I 59 43.79 -14.56 17.00
C PRO I 59 43.42 -15.25 18.31
N GLU I 60 42.73 -14.54 19.20
CA GLU I 60 42.10 -15.16 20.36
C GLU I 60 40.70 -15.59 19.98
N ALA I 61 40.44 -16.90 20.10
CA ALA I 61 39.18 -17.48 19.63
C ALA I 61 38.27 -17.97 20.75
N LYS I 62 38.82 -18.10 21.96
CA LYS I 62 38.03 -18.49 23.13
C LYS I 62 37.73 -17.28 24.04
N PRO I 63 36.49 -17.17 24.55
CA PRO I 63 35.30 -18.01 24.30
C PRO I 63 34.52 -17.67 23.03
N THR I 64 33.79 -18.66 22.52
CA THR I 64 32.90 -18.49 21.38
C THR I 64 31.67 -19.39 21.53
N LEU I 65 30.50 -18.76 21.53
CA LEU I 65 29.23 -19.47 21.56
C LEU I 65 28.65 -19.56 20.16
N VAL I 66 28.25 -20.77 19.77
CA VAL I 66 27.52 -21.00 18.52
C VAL I 66 26.13 -21.51 18.88
N ASP I 67 25.12 -20.72 18.52
CA ASP I 67 23.72 -21.10 18.66
C ASP I 67 23.07 -21.03 17.28
N ARG I 68 22.82 -22.22 16.71
CA ARG I 68 22.25 -22.42 15.37
C ARG I 68 23.02 -21.66 14.27
N GLU I 69 22.39 -20.61 13.75
CA GLU I 69 22.98 -19.75 12.71
C GLU I 69 23.88 -18.67 13.30
N LEU I 70 23.63 -18.34 14.57
CA LEU I 70 24.33 -17.24 15.26
C LEU I 70 25.64 -17.66 15.93
N VAL I 71 26.72 -17.00 15.51
CA VAL I 71 28.03 -17.15 16.15
C VAL I 71 28.36 -15.86 16.91
N LEU I 72 28.71 -16.02 18.19
CA LEU I 72 29.08 -14.88 19.03
C LEU I 72 30.43 -15.08 19.69
N TYR I 73 31.26 -14.05 19.58
CA TYR I 73 32.51 -13.96 20.32
C TYR I 73 32.48 -12.68 21.15
N ASN I 74 33.57 -12.42 21.90
CA ASN I 74 33.65 -11.44 23.01
C ASN I 74 32.76 -11.85 24.19
N ALA I 75 33.40 -12.06 25.34
CA ALA I 75 32.76 -12.67 26.51
C ALA I 75 31.57 -11.88 27.06
N GLN I 76 31.64 -10.56 27.05
CA GLN I 76 30.53 -9.72 27.52
C GLN I 76 29.36 -9.70 26.55
N ILE I 77 29.65 -9.81 25.25
CA ILE I 77 28.61 -9.94 24.21
C ILE I 77 27.86 -11.26 24.37
N ILE I 78 28.60 -12.32 24.68
CA ILE I 78 28.03 -13.64 24.96
C ILE I 78 27.22 -13.61 26.26
N MET I 79 27.79 -13.01 27.32
CA MET I 79 27.15 -12.91 28.64
C MET I 79 25.86 -12.09 28.65
N GLU I 80 25.84 -11.01 27.87
CA GLU I 80 24.63 -10.18 27.75
C GLU I 80 23.56 -10.86 26.90
N TYR I 81 23.99 -11.64 25.90
CA TYR I 81 23.07 -12.46 25.11
C TYR I 81 22.37 -13.53 25.95
N LEU I 82 23.11 -14.18 26.85
CA LEU I 82 22.57 -15.23 27.72
C LEU I 82 21.61 -14.70 28.76
N ASP I 83 21.88 -13.50 29.26
CA ASP I 83 21.00 -12.83 30.22
C ASP I 83 19.69 -12.40 29.53
N GLU I 84 19.78 -12.00 28.27
CA GLU I 84 18.62 -11.60 27.48
C GLU I 84 17.79 -12.78 26.97
N ARG I 85 18.48 -13.86 26.57
CA ARG I 85 17.83 -15.09 26.10
C ARG I 85 17.21 -15.87 27.26
N PHE I 86 17.95 -15.95 28.37
CA PHE I 86 17.51 -16.67 29.56
C PHE I 86 17.38 -15.70 30.74
N PRO I 87 16.15 -15.21 31.00
CA PRO I 87 15.87 -14.18 32.00
C PRO I 87 16.00 -14.62 33.46
N HIS I 88 15.98 -15.93 33.70
CA HIS I 88 15.85 -16.46 35.06
C HIS I 88 17.02 -17.30 35.47
N PRO I 89 17.73 -16.88 36.55
CA PRO I 89 17.59 -15.63 37.30
C PRO I 89 18.30 -14.47 36.61
N PRO I 90 17.83 -13.22 36.84
CA PRO I 90 18.50 -12.08 36.18
C PRO I 90 19.85 -11.75 36.80
N LEU I 91 20.86 -11.61 35.94
CA LEU I 91 22.22 -11.32 36.37
C LEU I 91 22.60 -9.88 36.06
N MET I 92 21.60 -9.08 35.69
CA MET I 92 21.75 -7.65 35.49
C MET I 92 20.64 -6.93 36.24
N PRO I 93 20.86 -5.65 36.63
CA PRO I 93 19.77 -4.85 37.20
C PRO I 93 18.70 -4.49 36.17
N VAL I 94 17.63 -3.84 36.62
CA VAL I 94 16.56 -3.41 35.71
C VAL I 94 16.70 -1.93 35.36
N TYR I 95 17.04 -1.11 36.37
CA TYR I 95 17.11 0.34 36.23
C TYR I 95 18.37 0.78 35.47
N PRO I 96 18.21 1.71 34.50
CA PRO I 96 19.29 2.12 33.58
C PRO I 96 20.52 2.72 34.26
N VAL I 97 20.30 3.41 35.37
CA VAL I 97 21.37 3.99 36.18
C VAL I 97 22.23 2.89 36.80
N ALA I 98 21.58 1.87 37.37
CA ALA I 98 22.27 0.73 37.98
C ALA I 98 22.91 -0.19 36.95
N ARG I 99 22.28 -0.29 35.78
CA ARG I 99 22.80 -1.10 34.67
C ARG I 99 24.04 -0.48 34.05
N GLY I 100 24.05 0.85 33.99
CA GLY I 100 25.18 1.62 33.49
C GLY I 100 26.40 1.48 34.38
N THR I 101 26.17 1.49 35.70
CA THR I 101 27.22 1.29 36.71
C THR I 101 27.75 -0.15 36.65
N SER I 102 26.85 -1.11 36.45
CA SER I 102 27.21 -2.52 36.26
C SER I 102 28.17 -2.72 35.09
N ARG I 103 27.82 -2.14 33.94
CA ARG I 103 28.65 -2.18 32.73
C ARG I 103 29.98 -1.45 32.88
N LEU I 104 29.98 -0.37 33.66
CA LEU I 104 31.18 0.42 33.89
C LEU I 104 32.16 -0.31 34.81
N MET I 105 31.63 -0.98 35.82
CA MET I 105 32.43 -1.78 36.74
C MET I 105 32.98 -3.04 36.07
N MET I 106 32.19 -3.60 35.15
CA MET I 106 32.62 -4.72 34.32
C MET I 106 33.75 -4.28 33.37
N TYR I 107 33.67 -3.05 32.87
CA TYR I 107 34.68 -2.45 32.00
C TYR I 107 36.01 -2.24 32.73
N ARG I 108 35.92 -1.82 33.99
CA ARG I 108 37.11 -1.50 34.77
C ARG I 108 37.88 -2.72 35.26
N ILE I 109 37.18 -3.81 35.59
CA ILE I 109 37.82 -5.09 35.92
C ILE I 109 38.54 -5.65 34.68
N GLU I 110 37.90 -5.54 33.52
CA GLU I 110 38.47 -5.89 32.22
C GLU I 110 39.76 -5.10 31.90
N ARG I 111 39.72 -3.78 32.08
CA ARG I 111 40.83 -2.92 31.70
C ARG I 111 41.95 -2.89 32.72
N ASP I 112 41.60 -2.86 34.01
CA ASP I 112 42.59 -2.63 35.06
C ASP I 112 43.08 -3.88 35.77
N TRP I 113 42.26 -4.90 35.85
CA TRP I 113 42.57 -6.08 36.67
C TRP I 113 42.86 -7.30 35.85
N TYR I 114 42.14 -7.47 34.75
CA TYR I 114 42.30 -8.59 33.82
C TYR I 114 43.58 -8.45 33.00
N SER I 115 43.99 -7.21 32.78
CA SER I 115 45.25 -6.88 32.13
C SER I 115 46.46 -7.20 33.01
N LEU I 116 46.33 -6.91 34.31
CA LEU I 116 47.39 -7.20 35.28
C LEU I 116 47.60 -8.69 35.48
N ALA I 117 46.51 -9.46 35.44
CA ALA I 117 46.55 -10.92 35.57
C ALA I 117 47.29 -11.60 34.43
N GLU I 118 47.26 -10.98 33.25
CA GLU I 118 48.03 -11.41 32.10
C GLU I 118 49.53 -11.16 32.31
N LYS I 119 49.86 -10.05 32.97
CA LYS I 119 51.25 -9.67 33.26
C LYS I 119 51.90 -10.51 34.36
N ILE I 120 51.09 -10.91 35.35
CA ILE I 120 51.53 -11.80 36.43
C ILE I 120 51.91 -13.18 35.87
N GLN I 121 51.05 -13.69 34.99
CA GLN I 121 51.23 -14.99 34.34
C GLN I 121 52.47 -15.04 33.43
N LYS I 122 52.93 -13.87 32.99
CA LYS I 122 54.26 -13.73 32.40
C LYS I 122 55.30 -13.76 33.52
N ASN I 123 55.60 -12.58 34.09
CA ASN I 123 56.63 -12.46 35.11
C ASN I 123 56.28 -11.46 36.23
N ASP I 124 55.65 -10.36 35.83
CA ASP I 124 55.53 -9.10 36.61
C ASP I 124 55.10 -9.18 38.09
N ALA I 125 56.04 -8.84 38.96
CA ALA I 125 55.82 -8.78 40.40
C ALA I 125 55.19 -7.45 40.82
N GLN I 126 55.36 -6.43 39.97
CA GLN I 126 54.71 -5.13 40.16
C GLN I 126 53.20 -5.23 39.93
N ALA I 127 52.82 -6.05 38.95
CA ALA I 127 51.42 -6.34 38.65
C ALA I 127 50.76 -7.21 39.72
N ARG I 128 51.59 -8.02 40.39
CA ARG I 128 51.16 -8.89 41.48
C ARG I 128 50.68 -8.11 42.70
N GLN I 129 51.46 -7.10 43.09
CA GLN I 129 51.15 -6.28 44.26
C GLN I 129 50.03 -5.28 43.96
N GLU I 130 50.00 -4.78 42.72
CA GLU I 130 48.99 -3.82 42.26
C GLU I 130 47.59 -4.41 42.28
N LEU I 131 47.46 -5.66 41.84
CA LEU I 131 46.19 -6.39 41.85
C LEU I 131 45.78 -6.77 43.27
N LYS I 132 46.77 -7.12 44.10
CA LYS I 132 46.55 -7.46 45.51
C LYS I 132 46.00 -6.27 46.29
N GLU I 133 46.62 -5.11 46.10
CA GLU I 133 46.18 -3.87 46.73
C GLU I 133 44.84 -3.37 46.19
N GLY I 134 44.61 -3.60 44.90
CA GLY I 134 43.36 -3.23 44.24
C GLY I 134 42.15 -3.99 44.73
N ILE I 135 42.31 -5.31 44.89
CA ILE I 135 41.26 -6.20 45.41
C ILE I 135 40.93 -5.85 46.87
N LEU I 136 41.97 -5.67 47.67
CA LEU I 136 41.84 -5.29 49.08
C LEU I 136 41.22 -3.90 49.30
N SER I 137 41.37 -3.00 48.32
CA SER I 137 40.80 -1.66 48.40
C SER I 137 39.28 -1.63 48.22
N LEU I 138 38.75 -2.67 47.59
CA LEU I 138 37.32 -2.78 47.33
C LEU I 138 36.54 -3.41 48.49
N ALA I 139 37.22 -3.67 49.59
CA ALA I 139 36.61 -4.25 50.80
C ALA I 139 35.49 -3.45 51.51
N PRO I 140 35.55 -2.09 51.54
CA PRO I 140 34.41 -1.36 52.13
C PRO I 140 33.07 -1.48 51.41
N ILE I 141 33.08 -1.85 50.13
CA ILE I 141 31.82 -2.01 49.37
C ILE I 141 31.09 -3.31 49.74
N PHE I 142 31.81 -4.28 50.29
CA PHE I 142 31.23 -5.56 50.72
C PHE I 142 30.70 -5.54 52.15
N ALA I 143 30.87 -4.39 52.82
CA ALA I 143 30.23 -4.15 54.11
C ALA I 143 28.78 -3.70 53.89
N ASP I 144 28.57 -2.89 52.85
CA ASP I 144 27.24 -2.37 52.50
C ASP I 144 26.34 -3.44 51.87
N THR I 145 26.85 -4.11 50.85
CA THR I 145 26.09 -5.08 50.07
C THR I 145 26.82 -6.44 50.03
N PRO I 146 26.07 -7.57 50.10
CA PRO I 146 26.68 -8.91 50.07
C PRO I 146 27.30 -9.32 48.72
N TYR I 147 26.98 -8.59 47.66
CA TYR I 147 27.59 -8.76 46.35
C TYR I 147 28.04 -7.39 45.82
N PHE I 148 28.62 -7.35 44.62
CA PHE I 148 29.22 -6.13 44.10
C PHE I 148 28.19 -5.04 43.76
N MET I 149 28.06 -4.08 44.69
CA MET I 149 27.11 -2.95 44.65
C MET I 149 25.67 -3.39 44.42
N SER I 150 25.34 -4.55 45.01
CA SER I 150 24.13 -5.30 44.70
C SER I 150 23.78 -6.28 45.83
N GLU I 151 22.48 -6.44 46.06
CA GLU I 151 21.97 -7.38 47.05
C GLU I 151 21.91 -8.80 46.47
N GLU I 152 21.92 -8.89 45.14
CA GLU I 152 21.85 -10.17 44.43
C GLU I 152 23.11 -10.46 43.60
N PHE I 153 23.28 -11.72 43.24
CA PHE I 153 24.38 -12.17 42.37
C PHE I 153 24.16 -11.65 40.96
N SER I 154 25.22 -11.09 40.38
CA SER I 154 25.16 -10.44 39.07
C SER I 154 26.37 -10.76 38.19
N LEU I 155 26.39 -10.19 36.98
CA LEU I 155 27.49 -10.36 36.03
C LEU I 155 28.82 -9.73 36.49
N VAL I 156 28.75 -8.77 37.41
CA VAL I 156 29.95 -8.16 37.98
C VAL I 156 30.62 -9.14 38.95
N ASP I 157 29.79 -9.96 39.61
CA ASP I 157 30.27 -11.05 40.45
C ASP I 157 30.82 -12.20 39.59
N CYS I 158 30.35 -12.30 38.35
CA CYS I 158 30.88 -13.24 37.35
C CYS I 158 32.21 -12.79 36.73
N TYR I 159 32.57 -11.52 36.92
CA TYR I 159 33.87 -10.99 36.49
C TYR I 159 34.92 -11.23 37.57
N LEU I 160 34.47 -11.33 38.82
CA LEU I 160 35.36 -11.41 39.97
C LEU I 160 35.67 -12.82 40.42
N ALA I 161 34.66 -13.68 40.39
CA ALA I 161 34.80 -15.10 40.77
C ALA I 161 35.90 -15.91 40.05
N PRO I 162 36.13 -15.69 38.72
CA PRO I 162 37.31 -16.35 38.15
C PRO I 162 38.64 -15.74 38.60
N LEU I 163 38.67 -14.42 38.76
CA LEU I 163 39.89 -13.68 39.14
C LEU I 163 40.31 -13.96 40.58
N LEU I 164 39.32 -14.04 41.47
CA LEU I 164 39.54 -14.34 42.89
C LEU I 164 39.84 -15.82 43.15
N TRP I 165 39.48 -16.68 42.19
CA TRP I 165 39.78 -18.11 42.28
C TRP I 165 41.22 -18.37 41.98
N ARG I 166 41.78 -17.62 41.03
CA ARG I 166 43.16 -17.78 40.59
C ARG I 166 44.15 -16.97 41.44
N LEU I 167 43.67 -16.45 42.55
CA LEU I 167 44.45 -15.70 43.54
C LEU I 167 45.68 -16.44 44.13
N PRO I 168 45.58 -17.76 44.46
CA PRO I 168 46.82 -18.45 44.85
C PRO I 168 47.79 -18.71 43.70
N ALA I 169 47.26 -18.84 42.48
CA ALA I 169 48.08 -18.99 41.27
C ALA I 169 48.81 -17.70 40.89
N TYR I 170 48.22 -16.55 41.23
CA TYR I 170 48.84 -15.25 40.97
C TYR I 170 49.89 -14.88 42.03
N GLY I 171 50.00 -15.70 43.07
CA GLY I 171 50.93 -15.46 44.17
C GLY I 171 50.44 -14.34 45.07
N ILE I 172 49.13 -14.29 45.26
CA ILE I 172 48.49 -13.29 46.11
C ILE I 172 47.84 -14.01 47.29
N ASP I 173 48.32 -13.67 48.48
CA ASP I 173 47.73 -14.15 49.73
C ASP I 173 47.19 -12.93 50.45
N LEU I 174 45.88 -12.89 50.64
CA LEU I 174 45.20 -11.72 51.21
C LEU I 174 45.44 -11.57 52.71
N GLU I 175 46.18 -10.53 53.05
CA GLU I 175 46.63 -10.27 54.42
C GLU I 175 46.21 -8.86 54.86
N GLY I 176 46.24 -8.64 56.18
CA GLY I 176 45.97 -7.32 56.75
C GLY I 176 44.50 -6.94 56.73
N GLN I 177 44.23 -5.65 56.89
CA GLN I 177 42.86 -5.14 56.90
C GLN I 177 42.24 -5.16 55.51
N GLY I 178 40.95 -5.51 55.47
CA GLY I 178 40.24 -5.68 54.22
C GLY I 178 40.05 -7.13 53.82
N ALA I 179 41.05 -7.95 54.15
CA ALA I 179 41.07 -9.38 53.81
C ALA I 179 39.93 -10.18 54.45
N LYS I 180 39.49 -9.74 55.63
CA LYS I 180 38.35 -10.30 56.35
C LYS I 180 37.04 -10.12 55.57
N GLU I 181 36.94 -9.04 54.81
CA GLU I 181 35.75 -8.72 54.02
C GLU I 181 35.73 -9.41 52.65
N ILE I 182 36.91 -9.51 52.02
CA ILE I 182 37.05 -10.11 50.69
C ILE I 182 36.92 -11.64 50.75
N LYS I 183 37.54 -12.25 51.76
CA LYS I 183 37.41 -13.70 52.03
C LYS I 183 35.94 -14.09 52.28
N GLN I 184 35.22 -13.21 52.96
CA GLN I 184 33.80 -13.35 53.23
C GLN I 184 32.94 -13.25 51.97
N TYR I 185 33.44 -12.52 50.99
CA TYR I 185 32.81 -12.41 49.68
C TYR I 185 33.19 -13.58 48.78
N MET I 186 34.42 -14.06 48.94
CA MET I 186 34.95 -15.22 48.22
C MET I 186 34.17 -16.49 48.57
N VAL I 187 33.84 -16.66 49.84
CA VAL I 187 33.08 -17.82 50.32
C VAL I 187 31.60 -17.78 49.87
N ARG I 188 31.06 -16.57 49.69
CA ARG I 188 29.72 -16.36 49.13
C ARG I 188 29.66 -16.71 47.65
N LEU I 189 30.83 -16.67 47.02
CA LEU I 189 30.98 -16.83 45.59
C LEU I 189 31.36 -18.26 45.24
N PHE I 190 32.32 -18.82 45.96
CA PHE I 190 32.90 -20.12 45.63
C PHE I 190 32.09 -21.30 46.14
N GLU I 191 31.33 -21.10 47.22
CA GLU I 191 30.46 -22.16 47.75
C GLU I 191 29.11 -22.26 47.04
N ARG I 192 28.95 -21.49 45.96
CA ARG I 192 27.82 -21.65 45.05
C ARG I 192 28.01 -22.92 44.24
N LYS I 193 26.93 -23.69 44.11
CA LYS I 193 26.90 -24.93 43.34
C LYS I 193 27.14 -24.67 41.85
N THR I 194 26.60 -23.55 41.38
CA THR I 194 26.81 -23.06 40.01
C THR I 194 28.26 -22.64 39.74
N PHE I 195 28.99 -22.22 40.78
CA PHE I 195 30.42 -21.96 40.62
C PHE I 195 31.25 -23.24 40.54
N GLN I 196 30.93 -24.20 41.41
CA GLN I 196 31.67 -25.48 41.47
C GLN I 196 31.50 -26.31 40.21
N ASP I 197 30.33 -26.22 39.59
CA ASP I 197 30.01 -26.92 38.35
C ASP I 197 30.55 -26.22 37.10
N SER I 198 30.88 -24.93 37.23
CA SER I 198 31.48 -24.16 36.15
C SER I 198 32.99 -24.41 36.02
N LEU I 199 33.57 -25.03 37.04
CA LEU I 199 35.00 -25.32 37.08
C LEU I 199 35.38 -26.48 36.19
N THR I 200 36.45 -26.29 35.43
CA THR I 200 37.15 -27.40 34.77
C THR I 200 38.14 -27.98 35.78
N GLU I 201 38.64 -29.19 35.50
CA GLU I 201 39.62 -29.87 36.35
C GLU I 201 40.97 -29.14 36.42
N GLU I 202 41.31 -28.42 35.35
CA GLU I 202 42.50 -27.57 35.30
C GLU I 202 42.34 -26.37 36.25
N GLU I 203 41.13 -25.82 36.29
CA GLU I 203 40.79 -24.70 37.18
C GLU I 203 40.72 -25.14 38.63
N LYS I 204 40.20 -26.36 38.86
CA LYS I 204 40.15 -26.99 40.18
C LYS I 204 41.54 -27.25 40.78
N GLU I 205 42.53 -27.53 39.92
CA GLU I 205 43.91 -27.80 40.33
C GLU I 205 44.67 -26.57 40.82
N LEU I 206 44.20 -25.38 40.44
CA LEU I 206 44.84 -24.11 40.82
C LEU I 206 44.67 -23.76 42.30
N ALA I 207 43.58 -24.24 42.91
CA ALA I 207 43.32 -24.06 44.33
C ALA I 207 44.22 -24.95 45.18
N ARG I 208 44.52 -26.14 44.66
CA ARG I 208 45.24 -27.17 45.40
C ARG I 208 46.76 -27.08 45.22
N ASN I 209 47.23 -27.12 43.98
CA ASN I 209 48.66 -27.14 43.65
C ASN I 209 49.37 -25.80 43.83
N ALA I 210 48.62 -24.70 43.69
CA ALA I 210 49.15 -23.35 43.89
C ALA I 210 48.56 -22.69 45.13
N ARG J 10 21.81 23.54 36.61
CA ARG J 10 20.70 22.88 35.85
C ARG J 10 20.55 21.40 36.23
N SER J 11 19.35 20.87 36.01
CA SER J 11 19.04 19.44 36.24
C SER J 11 19.39 18.56 35.03
N VAL J 12 19.91 19.20 33.99
CA VAL J 12 20.33 18.57 32.73
C VAL J 12 21.63 17.75 32.94
N MET J 13 21.82 16.72 32.11
CA MET J 13 23.08 15.98 32.03
C MET J 13 24.20 16.85 31.46
N THR J 14 25.45 16.48 31.74
CA THR J 14 26.61 17.15 31.18
C THR J 14 27.46 16.15 30.37
N LEU J 15 27.69 16.48 29.11
CA LEU J 15 28.53 15.67 28.24
C LEU J 15 29.86 16.35 27.93
N TYR J 16 30.96 15.69 28.26
CA TYR J 16 32.29 16.11 27.85
C TYR J 16 32.63 15.45 26.52
N SER J 17 32.62 16.24 25.45
CA SER J 17 32.83 15.74 24.09
C SER J 17 34.06 16.36 23.41
N GLY J 18 34.62 15.63 22.44
CA GLY J 18 35.63 16.17 21.54
C GLY J 18 34.95 16.90 20.39
N LYS J 19 35.67 17.86 19.79
CA LYS J 19 35.14 18.66 18.68
C LYS J 19 35.13 17.89 17.36
N ASP J 20 36.07 16.97 17.20
CA ASP J 20 36.20 16.18 15.98
C ASP J 20 36.44 14.69 16.28
N ASP J 21 36.15 14.29 17.51
CA ASP J 21 36.29 12.90 17.95
C ASP J 21 35.20 12.02 17.34
N LEU J 22 35.62 10.84 16.88
CA LEU J 22 34.77 9.87 16.21
C LEU J 22 33.76 9.20 17.15
N LYS J 23 34.16 9.02 18.41
CA LYS J 23 33.31 8.41 19.44
C LYS J 23 32.44 9.41 20.19
N SER J 24 32.89 10.67 20.22
CA SER J 24 32.11 11.76 20.80
C SER J 24 30.95 12.16 19.88
N HIS J 25 31.16 11.95 18.57
CA HIS J 25 30.15 12.21 17.56
C HIS J 25 29.03 11.20 17.61
N GLN J 26 29.37 9.95 17.99
CA GLN J 26 28.38 8.89 18.22
C GLN J 26 27.38 9.28 19.30
N VAL J 27 27.92 9.60 20.47
CA VAL J 27 27.13 10.01 21.64
C VAL J 27 26.27 11.24 21.33
N ARG J 28 26.86 12.22 20.64
CA ARG J 28 26.13 13.39 20.14
C ARG J 28 24.99 13.05 19.19
N LEU J 29 25.19 12.03 18.35
CA LEU J 29 24.16 11.54 17.43
C LEU J 29 23.01 10.83 18.15
N VAL J 30 23.35 10.04 19.17
CA VAL J 30 22.35 9.30 19.95
C VAL J 30 21.46 10.24 20.76
N LEU J 31 22.08 11.21 21.43
CA LEU J 31 21.36 12.27 22.17
C LEU J 31 20.41 13.10 21.28
N ALA J 32 20.82 13.34 20.03
CA ALA J 32 20.00 14.04 19.05
C ALA J 32 18.84 13.17 18.54
N GLU J 33 19.12 11.88 18.34
CA GLU J 33 18.11 10.91 17.92
C GLU J 33 17.06 10.68 19.00
N LYS J 34 17.51 10.67 20.26
CA LYS J 34 16.61 10.62 21.43
C LYS J 34 15.89 11.95 21.65
N GLY J 35 16.50 13.03 21.22
CA GLY J 35 15.91 14.37 21.35
C GLY J 35 16.09 15.01 22.71
N VAL J 36 17.00 14.45 23.51
CA VAL J 36 17.31 14.98 24.85
C VAL J 36 18.42 16.04 24.78
N GLY J 37 18.09 17.25 25.22
CA GLY J 37 19.04 18.35 25.25
C GLY J 37 20.04 18.16 26.37
N VAL J 38 21.29 18.54 26.11
CA VAL J 38 22.41 18.26 27.02
C VAL J 38 23.41 19.44 27.03
N GLU J 39 24.03 19.68 28.18
CA GLU J 39 25.09 20.68 28.30
C GLU J 39 26.43 20.10 27.85
N ILE J 40 26.87 20.48 26.65
CA ILE J 40 28.13 19.99 26.08
C ILE J 40 29.32 20.90 26.39
N THR J 41 30.26 20.36 27.17
CA THR J 41 31.53 21.02 27.45
C THR J 41 32.60 20.40 26.54
N TYR J 42 33.03 21.17 25.55
CA TYR J 42 34.03 20.69 24.59
C TYR J 42 35.44 20.75 25.14
N VAL J 43 36.10 19.59 25.17
CA VAL J 43 37.49 19.49 25.61
C VAL J 43 38.43 19.25 24.41
N THR J 44 39.69 19.65 24.55
CA THR J 44 40.70 19.39 23.54
C THR J 44 41.70 18.36 24.04
N ASP J 45 42.55 17.87 23.14
CA ASP J 45 43.66 16.99 23.50
C ASP J 45 44.77 17.80 24.17
N GLU J 46 44.78 19.10 23.90
CA GLU J 46 45.63 20.08 24.58
C GLU J 46 45.27 20.17 26.07
N SER J 47 44.04 20.64 26.35
CA SER J 47 43.59 20.90 27.71
C SER J 47 42.31 20.15 28.07
N THR J 48 42.39 19.36 29.13
CA THR J 48 41.22 18.72 29.75
C THR J 48 41.03 19.32 31.15
N PRO J 49 39.79 19.69 31.52
CA PRO J 49 39.49 20.31 32.81
C PRO J 49 39.78 19.41 34.01
N GLU J 50 39.98 20.05 35.17
CA GLU J 50 40.25 19.34 36.43
C GLU J 50 39.01 18.58 36.93
N ASP J 51 37.84 19.07 36.53
CA ASP J 51 36.55 18.42 36.78
C ASP J 51 36.50 17.04 36.12
N LEU J 52 36.83 17.01 34.82
CA LEU J 52 36.90 15.77 34.04
C LEU J 52 38.02 14.84 34.51
N LEU J 53 39.13 15.44 34.93
CA LEU J 53 40.32 14.72 35.38
C LEU J 53 40.11 13.94 36.68
N GLN J 54 39.18 14.43 37.51
CA GLN J 54 38.81 13.75 38.75
C GLN J 54 37.71 12.71 38.55
N LEU J 55 36.94 12.87 37.46
CA LEU J 55 35.83 11.97 37.13
C LEU J 55 36.23 10.82 36.20
N ASN J 56 37.23 11.07 35.35
CA ASN J 56 37.72 10.09 34.39
C ASN J 56 39.21 9.80 34.64
N PRO J 57 39.51 8.57 35.11
CA PRO J 57 40.87 8.18 35.49
C PRO J 57 41.71 7.60 34.33
N TYR J 58 41.24 7.76 33.11
CA TYR J 58 41.89 7.19 31.93
C TYR J 58 42.47 8.29 31.03
N PRO J 59 43.61 8.00 30.34
CA PRO J 59 44.25 8.96 29.42
C PRO J 59 43.32 9.49 28.33
N GLU J 60 42.58 8.59 27.68
CA GLU J 60 41.57 8.98 26.70
C GLU J 60 40.24 9.19 27.43
N ALA J 61 39.93 10.45 27.73
CA ALA J 61 38.84 10.80 28.65
C ALA J 61 37.60 11.42 28.00
N LYS J 62 37.52 11.38 26.66
CA LYS J 62 36.29 11.78 25.95
C LYS J 62 35.74 10.63 25.09
N PRO J 63 34.40 10.43 25.05
CA PRO J 63 33.32 11.16 25.74
C PRO J 63 33.02 10.71 27.18
N THR J 64 32.61 11.66 28.02
CA THR J 64 32.16 11.39 29.39
C THR J 64 30.81 12.05 29.66
N LEU J 65 29.83 11.23 30.06
CA LEU J 65 28.50 11.70 30.42
C LEU J 65 28.36 11.71 31.93
N VAL J 66 28.11 12.90 32.48
CA VAL J 66 27.90 13.07 33.92
C VAL J 66 26.43 13.42 34.17
N ASP J 67 25.80 12.66 35.07
CA ASP J 67 24.38 12.81 35.35
C ASP J 67 24.09 12.61 36.84
N ARG J 68 23.76 13.71 37.51
CA ARG J 68 23.45 13.77 38.95
C ARG J 68 24.58 13.23 39.83
N GLU J 69 24.53 11.93 40.11
CA GLU J 69 25.57 11.25 40.88
C GLU J 69 26.34 10.28 39.98
N LEU J 70 25.65 9.78 38.97
CA LEU J 70 26.20 8.81 38.01
C LEU J 70 27.14 9.47 37.01
N VAL J 71 28.35 8.94 36.92
CA VAL J 71 29.31 9.34 35.89
C VAL J 71 29.56 8.12 34.97
N LEU J 72 29.62 8.37 33.67
CA LEU J 72 29.82 7.30 32.68
C LEU J 72 30.80 7.68 31.58
N TYR J 73 31.78 6.81 31.37
CA TYR J 73 32.69 6.88 30.21
C TYR J 73 32.63 5.58 29.42
N ASN J 74 33.39 5.53 28.32
CA ASN J 74 33.27 4.52 27.24
C ASN J 74 31.95 4.68 26.46
N ALA J 75 32.08 4.99 25.18
CA ALA J 75 30.96 5.40 24.32
C ALA J 75 29.82 4.38 24.21
N GLN J 76 30.17 3.09 24.12
CA GLN J 76 29.18 2.02 23.97
C GLN J 76 28.33 1.85 25.23
N ILE J 77 28.96 2.00 26.40
CA ILE J 77 28.25 2.00 27.68
C ILE J 77 27.32 3.22 27.78
N ILE J 78 27.80 4.38 27.33
CA ILE J 78 27.00 5.62 27.28
C ILE J 78 25.79 5.47 26.34
N MET J 79 26.05 4.97 25.13
CA MET J 79 25.01 4.73 24.12
C MET J 79 23.95 3.71 24.54
N GLU J 80 24.37 2.66 25.24
CA GLU J 80 23.45 1.67 25.80
C GLU J 80 22.61 2.25 26.94
N TYR J 81 23.23 3.11 27.74
CA TYR J 81 22.53 3.83 28.82
C TYR J 81 21.41 4.72 28.28
N LEU J 82 21.72 5.50 27.24
CA LEU J 82 20.75 6.39 26.61
C LEU J 82 19.56 5.65 25.97
N ASP J 83 19.84 4.49 25.37
CA ASP J 83 18.79 3.65 24.77
C ASP J 83 17.90 3.00 25.83
N GLU J 84 18.47 2.72 27.00
CA GLU J 84 17.73 2.17 28.12
C GLU J 84 16.99 3.21 28.96
N ARG J 85 17.63 4.37 29.19
CA ARG J 85 17.06 5.47 29.98
C ARG J 85 16.00 6.24 29.19
N PHE J 86 16.23 6.42 27.89
CA PHE J 86 15.27 7.08 26.99
C PHE J 86 14.88 6.11 25.87
N PRO J 87 13.88 5.25 26.10
CA PRO J 87 13.53 4.18 25.16
C PRO J 87 13.01 4.60 23.78
N HIS J 88 12.58 5.86 23.65
CA HIS J 88 11.92 6.32 22.41
C HIS J 88 12.72 7.34 21.64
N PRO J 89 13.09 7.01 20.37
CA PRO J 89 12.85 5.76 19.64
C PRO J 89 13.88 4.67 19.93
N PRO J 90 13.49 3.39 19.83
CA PRO J 90 14.44 2.29 20.04
C PRO J 90 15.54 2.26 18.98
N LEU J 91 16.78 2.19 19.45
CA LEU J 91 17.94 2.12 18.57
C LEU J 91 18.62 0.74 18.64
N MET J 92 18.00 -0.16 19.40
CA MET J 92 18.40 -1.56 19.47
C MET J 92 17.19 -2.43 19.12
N PRO J 93 17.42 -3.66 18.60
CA PRO J 93 16.31 -4.61 18.41
C PRO J 93 15.73 -5.13 19.73
N VAL J 94 14.70 -5.97 19.65
CA VAL J 94 13.99 -6.44 20.84
C VAL J 94 14.38 -7.86 21.25
N TYR J 95 14.55 -8.71 20.25
CA TYR J 95 14.86 -10.13 20.47
C TYR J 95 16.37 -10.34 20.61
N PRO J 96 16.79 -11.22 21.56
CA PRO J 96 18.21 -11.36 21.98
C PRO J 96 19.20 -11.71 20.87
N VAL J 97 18.76 -12.50 19.89
CA VAL J 97 19.58 -12.94 18.76
C VAL J 97 20.00 -11.76 17.89
N ALA J 98 19.02 -10.94 17.51
CA ALA J 98 19.26 -9.74 16.70
C ALA J 98 20.02 -8.67 17.48
N ARG J 99 19.80 -8.63 18.80
CA ARG J 99 20.51 -7.71 19.70
C ARG J 99 21.98 -8.06 19.82
N GLY J 100 22.26 -9.36 19.94
CA GLY J 100 23.62 -9.88 20.01
C GLY J 100 24.37 -9.68 18.70
N THR J 101 23.65 -9.89 17.59
CA THR J 101 24.16 -9.63 16.24
C THR J 101 24.53 -8.15 16.09
N SER J 102 23.65 -7.27 16.58
CA SER J 102 23.87 -5.83 16.60
C SER J 102 25.09 -5.44 17.43
N ARG J 103 25.28 -6.10 18.57
CA ARG J 103 26.43 -5.89 19.45
C ARG J 103 27.74 -6.33 18.81
N LEU J 104 27.68 -7.45 18.08
CA LEU J 104 28.85 -8.02 17.41
C LEU J 104 29.31 -7.16 16.25
N MET J 105 28.36 -6.56 15.54
CA MET J 105 28.67 -5.63 14.44
C MET J 105 29.27 -4.32 14.95
N MET J 106 28.78 -3.84 16.10
CA MET J 106 29.32 -2.64 16.75
C MET J 106 30.74 -2.86 17.27
N TYR J 107 31.01 -4.09 17.74
CA TYR J 107 32.33 -4.50 18.19
C TYR J 107 33.35 -4.47 17.05
N ARG J 108 33.01 -5.13 15.94
CA ARG J 108 33.89 -5.29 14.80
C ARG J 108 34.16 -4.00 14.02
N ILE J 109 33.20 -3.07 14.03
CA ILE J 109 33.40 -1.72 13.49
C ILE J 109 34.46 -0.96 14.32
N GLU J 110 34.42 -1.15 15.64
CA GLU J 110 35.42 -0.56 16.53
C GLU J 110 36.80 -1.23 16.42
N ARG J 111 36.85 -2.57 16.43
CA ARG J 111 38.11 -3.31 16.40
C ARG J 111 38.83 -3.25 15.04
N ASP J 112 38.06 -3.28 13.95
CA ASP J 112 38.65 -3.24 12.61
C ASP J 112 38.72 -1.81 12.08
N TRP J 113 37.56 -1.20 11.85
CA TRP J 113 37.48 0.04 11.07
C TRP J 113 37.84 1.31 11.80
N TYR J 114 37.52 1.37 13.09
CA TYR J 114 37.84 2.53 13.92
C TYR J 114 39.33 2.63 14.24
N SER J 115 39.94 1.46 14.45
CA SER J 115 41.39 1.37 14.69
C SER J 115 42.20 1.70 13.44
N LEU J 116 41.65 1.37 12.26
CA LEU J 116 42.22 1.78 10.97
C LEU J 116 42.19 3.30 10.80
N ALA J 117 41.08 3.91 11.22
CA ALA J 117 40.87 5.37 11.16
C ALA J 117 41.83 6.14 12.07
N GLU J 118 42.26 5.49 13.16
CA GLU J 118 43.29 5.99 14.07
C GLU J 118 44.65 6.05 13.36
N LYS J 119 44.91 5.06 12.51
CA LYS J 119 46.16 4.97 11.75
C LYS J 119 46.22 5.94 10.57
N ILE J 120 45.06 6.25 9.99
CA ILE J 120 44.96 7.17 8.84
C ILE J 120 45.20 8.63 9.29
N GLN J 121 44.82 8.93 10.53
CA GLN J 121 45.14 10.22 11.16
C GLN J 121 46.62 10.33 11.52
N LYS J 122 47.29 9.18 11.48
CA LYS J 122 48.73 9.07 11.65
C LYS J 122 49.43 9.08 10.28
N ASN J 123 48.65 9.22 9.21
CA ASN J 123 49.18 9.28 7.85
C ASN J 123 49.44 7.95 7.13
N ASP J 124 48.97 6.83 7.69
CA ASP J 124 49.17 5.52 7.08
C ASP J 124 48.46 5.38 5.72
N ALA J 125 49.08 4.67 4.79
CA ALA J 125 48.54 4.47 3.45
C ALA J 125 47.94 3.08 3.23
N GLN J 126 48.44 2.09 3.98
CA GLN J 126 47.92 0.73 3.91
C GLN J 126 46.61 0.58 4.68
N ALA J 127 46.45 1.38 5.74
CA ALA J 127 45.21 1.45 6.50
C ALA J 127 44.07 2.11 5.72
N ARG J 128 44.44 3.06 4.87
CA ARG J 128 43.50 3.76 3.98
C ARG J 128 42.92 2.81 2.93
N GLN J 129 43.79 1.95 2.38
CA GLN J 129 43.39 0.98 1.37
C GLN J 129 42.60 -0.18 1.97
N GLU J 130 42.93 -0.55 3.20
CA GLU J 130 42.26 -1.65 3.91
C GLU J 130 40.85 -1.28 4.36
N LEU J 131 40.66 -0.02 4.77
CA LEU J 131 39.34 0.51 5.13
C LEU J 131 38.45 0.67 3.90
N LYS J 132 39.03 1.12 2.79
CA LYS J 132 38.34 1.25 1.51
C LYS J 132 37.84 -0.11 1.01
N GLU J 133 38.71 -1.11 1.09
CA GLU J 133 38.37 -2.48 0.70
C GLU J 133 37.45 -3.17 1.71
N GLY J 134 37.50 -2.71 2.96
CA GLY J 134 36.60 -3.19 4.01
C GLY J 134 35.17 -2.73 3.78
N ILE J 135 35.02 -1.43 3.51
CA ILE J 135 33.72 -0.79 3.29
C ILE J 135 33.04 -1.29 2.00
N LEU J 136 33.81 -1.38 0.92
CA LEU J 136 33.29 -1.79 -0.39
C LEU J 136 32.86 -3.26 -0.47
N SER J 137 33.46 -4.11 0.39
CA SER J 137 33.11 -5.53 0.46
C SER J 137 31.76 -5.77 1.16
N LEU J 138 31.36 -4.84 2.02
CA LEU J 138 30.12 -4.94 2.79
C LEU J 138 28.90 -4.39 2.06
N ALA J 139 29.10 -4.01 0.79
CA ALA J 139 28.04 -3.50 -0.09
C ALA J 139 26.78 -4.37 -0.37
N PRO J 140 26.91 -5.71 -0.53
CA PRO J 140 25.69 -6.51 -0.82
C PRO J 140 24.59 -6.53 0.25
N ILE J 141 24.93 -6.27 1.50
CA ILE J 141 23.92 -6.23 2.57
C ILE J 141 23.11 -4.92 2.54
N PHE J 142 23.67 -3.88 1.92
CA PHE J 142 22.98 -2.60 1.74
C PHE J 142 21.92 -2.66 0.63
N ALA J 143 22.01 -3.67 -0.23
CA ALA J 143 20.98 -3.95 -1.24
C ALA J 143 19.75 -4.60 -0.61
N ASP J 144 19.96 -5.34 0.48
CA ASP J 144 18.89 -6.03 1.20
C ASP J 144 18.07 -5.10 2.11
N THR J 145 18.77 -4.36 2.98
CA THR J 145 18.14 -3.49 3.98
C THR J 145 18.64 -2.02 3.88
N PRO J 146 17.73 -1.03 4.10
CA PRO J 146 18.10 0.40 4.02
C PRO J 146 19.06 0.91 5.10
N TYR J 147 19.23 0.13 6.17
CA TYR J 147 20.22 0.41 7.21
C TYR J 147 21.01 -0.87 7.47
N PHE J 148 22.13 -0.77 8.20
CA PHE J 148 23.03 -1.91 8.38
C PHE J 148 22.37 -3.08 9.12
N MET J 149 22.02 -4.10 8.33
CA MET J 149 21.31 -5.32 8.77
C MET J 149 20.03 -5.01 9.55
N SER J 150 19.31 -3.98 9.09
CA SER J 150 18.16 -3.42 9.80
C SER J 150 17.28 -2.61 8.86
N GLU J 151 15.96 -2.66 9.08
CA GLU J 151 15.01 -1.90 8.29
C GLU J 151 14.88 -0.46 8.79
N GLU J 152 15.22 -0.24 10.07
CA GLU J 152 15.20 1.09 10.68
C GLU J 152 16.57 1.44 11.27
N PHE J 153 16.79 2.75 11.45
CA PHE J 153 18.00 3.31 12.05
C PHE J 153 18.28 2.69 13.42
N SER J 154 19.49 2.15 13.57
CA SER J 154 19.92 1.53 14.82
C SER J 154 21.21 2.15 15.35
N LEU J 155 21.71 1.61 16.45
CA LEU J 155 23.00 2.01 17.04
C LEU J 155 24.22 1.56 16.22
N VAL J 156 24.03 0.61 15.31
CA VAL J 156 25.06 0.17 14.38
C VAL J 156 25.26 1.25 13.31
N ASP J 157 24.17 1.91 12.93
CA ASP J 157 24.19 3.06 12.03
C ASP J 157 24.83 4.27 12.69
N CYS J 158 24.79 4.32 14.03
CA CYS J 158 25.43 5.35 14.83
C CYS J 158 26.95 5.17 14.92
N TYR J 159 27.42 3.94 14.69
CA TYR J 159 28.85 3.65 14.58
C TYR J 159 29.35 4.04 13.19
N LEU J 160 28.49 3.85 12.20
CA LEU J 160 28.86 3.95 10.81
C LEU J 160 28.82 5.37 10.25
N ALA J 161 27.82 6.15 10.69
CA ALA J 161 27.66 7.56 10.28
C ALA J 161 28.86 8.51 10.50
N PRO J 162 29.53 8.48 11.69
CA PRO J 162 30.68 9.36 11.87
C PRO J 162 31.89 8.95 11.04
N LEU J 163 32.02 7.65 10.81
CA LEU J 163 33.11 7.07 10.03
C LEU J 163 32.99 7.43 8.54
N LEU J 164 31.78 7.29 7.99
CA LEU J 164 31.50 7.57 6.59
C LEU J 164 31.45 9.08 6.29
N TRP J 165 31.24 9.88 7.34
CA TRP J 165 31.25 11.34 7.21
C TRP J 165 32.66 11.84 7.07
N ARG J 166 33.60 11.17 7.73
CA ARG J 166 35.01 11.56 7.73
C ARG J 166 35.81 10.92 6.60
N LEU J 167 35.10 10.20 5.73
CA LEU J 167 35.69 9.44 4.61
C LEU J 167 36.51 10.22 3.56
N PRO J 168 36.11 11.46 3.19
CA PRO J 168 37.03 12.18 2.27
C PRO J 168 38.23 12.82 2.98
N ALA J 169 38.13 13.04 4.29
CA ALA J 169 39.26 13.51 5.09
C ALA J 169 40.21 12.36 5.48
N TYR J 170 39.77 11.12 5.25
CA TYR J 170 40.65 9.95 5.31
C TYR J 170 41.31 9.68 3.96
N GLY J 171 40.92 10.44 2.94
CA GLY J 171 41.44 10.28 1.59
C GLY J 171 40.89 9.06 0.89
N ILE J 172 39.62 8.76 1.14
CA ILE J 172 38.94 7.61 0.54
C ILE J 172 37.82 8.09 -0.37
N ASP J 173 37.89 7.70 -1.64
CA ASP J 173 36.84 7.98 -2.61
C ASP J 173 36.29 6.66 -3.15
N LEU J 174 34.96 6.53 -3.11
CA LEU J 174 34.28 5.29 -3.49
C LEU J 174 34.29 5.10 -5.00
N GLU J 175 34.69 3.89 -5.42
CA GLU J 175 34.95 3.60 -6.82
C GLU J 175 34.75 2.11 -7.09
N GLY J 176 34.31 1.78 -8.32
CA GLY J 176 34.11 0.39 -8.73
C GLY J 176 32.72 -0.12 -8.38
N GLN J 177 32.55 -1.44 -8.40
CA GLN J 177 31.26 -2.05 -8.08
C GLN J 177 30.98 -2.03 -6.58
N GLY J 178 29.71 -1.84 -6.24
CA GLY J 178 29.27 -1.79 -4.85
C GLY J 178 29.16 -0.39 -4.26
N ALA J 179 29.87 0.57 -4.88
CA ALA J 179 29.94 1.96 -4.41
C ALA J 179 28.62 2.74 -4.52
N LYS J 180 27.73 2.28 -5.41
CA LYS J 180 26.38 2.82 -5.57
C LYS J 180 25.55 2.58 -4.30
N GLU J 181 25.67 1.38 -3.74
CA GLU J 181 24.92 0.98 -2.54
C GLU J 181 25.42 1.69 -1.28
N ILE J 182 26.73 1.95 -1.22
CA ILE J 182 27.35 2.66 -0.09
C ILE J 182 26.95 4.14 -0.10
N LYS J 183 26.99 4.76 -1.28
CA LYS J 183 26.61 6.17 -1.47
C LYS J 183 25.14 6.44 -1.15
N GLN J 184 24.28 5.51 -1.54
CA GLN J 184 22.84 5.61 -1.32
C GLN J 184 22.47 5.46 0.16
N TYR J 185 23.21 4.58 0.85
CA TYR J 185 23.11 4.42 2.30
C TYR J 185 23.64 5.63 3.05
N MET J 186 24.71 6.24 2.51
CA MET J 186 25.31 7.45 3.07
C MET J 186 24.39 8.66 2.92
N VAL J 187 23.77 8.79 1.74
CA VAL J 187 22.86 9.92 1.46
C VAL J 187 21.53 9.77 2.23
N ARG J 188 21.22 8.54 2.63
CA ARG J 188 20.08 8.25 3.49
C ARG J 188 20.41 8.66 4.93
N LEU J 189 21.67 8.50 5.29
CA LEU J 189 22.16 8.69 6.66
C LEU J 189 22.46 10.15 6.97
N PHE J 190 23.05 10.85 6.00
CA PHE J 190 23.50 12.22 6.21
C PHE J 190 22.36 13.25 6.09
N GLU J 191 21.32 12.90 5.32
CA GLU J 191 20.16 13.78 5.13
C GLU J 191 19.19 13.77 6.33
N ARG J 192 19.43 12.86 7.26
CA ARG J 192 18.74 12.84 8.55
C ARG J 192 19.07 14.10 9.35
N LYS J 193 18.03 14.76 9.84
CA LYS J 193 18.14 16.04 10.55
C LYS J 193 18.87 15.90 11.89
N THR J 194 18.68 14.75 12.54
CA THR J 194 19.36 14.40 13.79
C THR J 194 20.87 14.27 13.63
N PHE J 195 21.30 13.79 12.46
CA PHE J 195 22.73 13.70 12.11
C PHE J 195 23.36 15.09 11.95
N GLN J 196 22.65 15.95 11.21
CA GLN J 196 23.11 17.31 10.94
C GLN J 196 23.17 18.16 12.21
N ASP J 197 22.24 17.90 13.13
CA ASP J 197 22.19 18.60 14.41
C ASP J 197 23.22 18.09 15.42
N SER J 198 23.80 16.92 15.15
CA SER J 198 24.85 16.36 16.00
C SER J 198 26.24 16.87 15.62
N LEU J 199 26.34 17.45 14.43
CA LEU J 199 27.61 17.94 13.89
C LEU J 199 28.07 19.26 14.51
N THR J 200 29.32 19.27 14.94
CA THR J 200 30.01 20.51 15.34
C THR J 200 30.48 21.25 14.09
N GLU J 201 30.90 22.51 14.26
CA GLU J 201 31.43 23.32 13.15
C GLU J 201 32.74 22.76 12.60
N GLU J 202 33.55 22.20 13.50
CA GLU J 202 34.79 21.49 13.15
C GLU J 202 34.52 20.29 12.25
N GLU J 203 33.48 19.53 12.59
CA GLU J 203 33.02 18.39 11.80
C GLU J 203 32.33 18.80 10.51
N LYS J 204 31.77 20.01 10.49
CA LYS J 204 31.15 20.58 9.29
C LYS J 204 32.18 21.03 8.26
N GLU J 205 33.35 21.46 8.75
CA GLU J 205 34.43 21.93 7.89
C GLU J 205 35.14 20.84 7.09
N LEU J 206 35.00 19.59 7.54
CA LEU J 206 35.56 18.42 6.83
C LEU J 206 34.84 18.13 5.51
N ALA J 207 33.57 18.50 5.43
CA ALA J 207 32.79 18.42 4.18
C ALA J 207 33.11 19.55 3.21
N ARG J 208 33.40 20.74 3.74
CA ARG J 208 33.77 21.91 2.94
C ARG J 208 35.15 21.79 2.32
N ASN J 209 36.08 21.19 3.07
CA ASN J 209 37.44 20.90 2.59
C ASN J 209 37.48 19.80 1.53
N ALA J 210 36.47 18.93 1.54
CA ALA J 210 36.35 17.78 0.64
C ALA J 210 36.13 18.17 -0.82
N GLU J 211 35.34 19.21 -1.05
CA GLU J 211 34.98 19.63 -2.40
C GLU J 211 35.26 21.12 -2.62
N ARG K 10 23.41 -31.91 39.14
CA ARG K 10 24.59 -31.03 38.86
C ARG K 10 24.19 -29.54 38.83
N SER K 11 24.04 -28.97 37.63
CA SER K 11 23.73 -27.54 37.46
C SER K 11 22.69 -27.34 36.36
N VAL K 12 22.60 -28.33 35.46
CA VAL K 12 21.56 -28.39 34.44
C VAL K 12 20.37 -29.18 34.99
N MET K 13 19.25 -29.16 34.27
CA MET K 13 18.05 -29.89 34.71
C MET K 13 18.19 -31.40 34.48
N THR K 14 17.37 -32.17 35.19
CA THR K 14 17.31 -33.61 34.99
C THR K 14 15.90 -34.00 34.52
N LEU K 15 15.83 -34.73 33.42
CA LEU K 15 14.57 -35.25 32.91
C LEU K 15 14.52 -36.78 32.99
N TYR K 16 13.47 -37.29 33.65
CA TYR K 16 13.20 -38.72 33.70
C TYR K 16 12.20 -39.09 32.60
N SER K 17 12.73 -39.47 31.45
CA SER K 17 11.92 -39.68 30.24
C SER K 17 11.77 -41.15 29.90
N GLY K 18 10.55 -41.53 29.50
CA GLY K 18 10.29 -42.85 28.92
C GLY K 18 10.94 -42.97 27.57
N LYS K 19 11.42 -44.18 27.26
CA LYS K 19 12.17 -44.45 26.03
C LYS K 19 11.32 -44.40 24.76
N ASP K 20 10.03 -44.70 24.90
CA ASP K 20 9.08 -44.68 23.79
C ASP K 20 7.73 -44.09 24.24
N ASP K 21 7.77 -43.31 25.32
CA ASP K 21 6.59 -42.66 25.88
C ASP K 21 6.15 -41.48 25.01
N LEU K 22 4.83 -41.34 24.86
CA LEU K 22 4.21 -40.31 24.04
C LEU K 22 4.35 -38.90 24.67
N LYS K 23 4.20 -38.82 25.98
CA LYS K 23 4.29 -37.54 26.73
C LYS K 23 5.72 -37.09 27.04
N SER K 24 6.62 -38.06 27.18
CA SER K 24 8.04 -37.78 27.39
C SER K 24 8.71 -37.29 26.11
N HIS K 25 8.12 -37.67 24.98
CA HIS K 25 8.58 -37.20 23.67
C HIS K 25 8.19 -35.77 23.43
N GLN K 26 7.04 -35.36 23.99
CA GLN K 26 6.58 -33.96 23.96
C GLN K 26 7.57 -33.05 24.67
N VAL K 27 7.95 -33.43 25.88
CA VAL K 27 8.88 -32.69 26.74
C VAL K 27 10.27 -32.59 26.10
N ARG K 28 10.72 -33.72 25.53
CA ARG K 28 11.99 -33.77 24.80
C ARG K 28 11.99 -32.90 23.55
N LEU K 29 10.82 -32.77 22.91
CA LEU K 29 10.64 -31.92 21.74
C LEU K 29 10.72 -30.43 22.09
N VAL K 30 10.15 -30.07 23.24
CA VAL K 30 10.14 -28.69 23.73
C VAL K 30 11.54 -28.22 24.09
N LEU K 31 12.27 -29.04 24.86
CA LEU K 31 13.66 -28.77 25.24
C LEU K 31 14.60 -28.64 24.04
N ALA K 32 14.28 -29.34 22.96
CA ALA K 32 15.03 -29.26 21.70
C ALA K 32 14.72 -27.96 20.95
N GLU K 33 13.46 -27.54 21.01
CA GLU K 33 13.03 -26.27 20.41
C GLU K 33 13.65 -25.09 21.15
N LYS K 34 13.67 -25.17 22.48
CA LYS K 34 14.19 -24.12 23.34
C LYS K 34 15.71 -24.01 23.31
N GLY K 35 16.38 -25.12 22.99
CA GLY K 35 17.84 -25.15 22.90
C GLY K 35 18.51 -25.42 24.23
N VAL K 36 17.72 -25.81 25.22
CA VAL K 36 18.18 -26.12 26.57
C VAL K 36 18.73 -27.54 26.63
N GLY K 37 20.01 -27.66 26.95
CA GLY K 37 20.61 -28.95 27.22
C GLY K 37 20.17 -29.46 28.58
N VAL K 38 19.79 -30.73 28.62
CA VAL K 38 19.21 -31.34 29.82
C VAL K 38 19.91 -32.69 30.06
N GLU K 39 19.94 -33.15 31.31
CA GLU K 39 20.50 -34.44 31.64
C GLU K 39 19.39 -35.49 31.69
N ILE K 40 19.20 -36.19 30.57
CA ILE K 40 18.12 -37.17 30.44
C ILE K 40 18.52 -38.50 31.08
N THR K 41 17.63 -39.01 31.94
CA THR K 41 17.78 -40.32 32.57
C THR K 41 16.60 -41.19 32.16
N TYR K 42 16.85 -42.12 31.24
CA TYR K 42 15.79 -42.93 30.65
C TYR K 42 15.25 -44.05 31.55
N VAL K 43 13.95 -44.31 31.43
CA VAL K 43 13.25 -45.26 32.30
C VAL K 43 12.36 -46.25 31.53
N THR K 44 12.11 -47.39 32.15
CA THR K 44 11.20 -48.41 31.62
C THR K 44 10.14 -48.75 32.66
N ASP K 45 9.19 -49.60 32.27
CA ASP K 45 8.16 -50.11 33.19
C ASP K 45 8.74 -51.14 34.17
N GLU K 46 9.82 -51.80 33.76
CA GLU K 46 10.53 -52.79 34.57
C GLU K 46 11.23 -52.14 35.77
N SER K 47 11.84 -50.98 35.55
CA SER K 47 12.58 -50.27 36.59
C SER K 47 12.44 -48.76 36.51
N THR K 48 11.97 -48.16 37.61
CA THR K 48 11.98 -46.72 37.81
C THR K 48 12.72 -46.44 39.12
N PRO K 49 13.89 -45.77 39.05
CA PRO K 49 14.84 -45.53 40.16
C PRO K 49 14.27 -44.97 41.46
N GLU K 50 14.99 -45.22 42.55
CA GLU K 50 14.59 -44.82 43.91
C GLU K 50 14.57 -43.31 44.10
N ASP K 51 15.39 -42.61 43.31
CA ASP K 51 15.39 -41.15 43.23
C ASP K 51 14.02 -40.65 42.75
N LEU K 52 13.64 -41.11 41.56
CA LEU K 52 12.39 -40.74 40.89
C LEU K 52 11.13 -41.19 41.63
N LEU K 53 11.22 -42.35 42.30
CA LEU K 53 10.11 -42.94 43.05
C LEU K 53 9.72 -42.12 44.29
N GLN K 54 10.72 -41.46 44.89
CA GLN K 54 10.50 -40.60 46.06
C GLN K 54 10.12 -39.17 45.66
N LEU K 55 10.36 -38.81 44.40
CA LEU K 55 9.97 -37.51 43.84
C LEU K 55 8.55 -37.54 43.27
N ASN K 56 8.31 -38.51 42.38
CA ASN K 56 6.99 -38.74 41.80
C ASN K 56 6.25 -39.86 42.55
N PRO K 57 5.13 -39.52 43.22
CA PRO K 57 4.36 -40.50 44.00
C PRO K 57 3.20 -41.15 43.24
N TYR K 58 3.24 -41.07 41.91
CA TYR K 58 2.15 -41.56 41.06
C TYR K 58 2.56 -42.80 40.26
N PRO K 59 1.57 -43.68 39.91
CA PRO K 59 1.72 -44.82 39.00
C PRO K 59 2.49 -44.53 37.71
N GLU K 60 2.18 -43.43 37.04
CA GLU K 60 2.97 -42.96 35.90
C GLU K 60 3.96 -41.89 36.37
N ALA K 61 5.24 -42.24 36.33
CA ALA K 61 6.31 -41.36 36.81
C ALA K 61 6.97 -40.54 35.69
N LYS K 62 6.94 -41.06 34.47
CA LYS K 62 7.52 -40.38 33.30
C LYS K 62 6.46 -39.57 32.54
N PRO K 63 6.81 -38.34 32.09
CA PRO K 63 8.05 -37.59 32.36
C PRO K 63 8.05 -36.80 33.68
N THR K 64 9.25 -36.62 34.24
CA THR K 64 9.45 -35.76 35.41
C THR K 64 10.69 -34.90 35.22
N LEU K 65 10.51 -33.58 35.31
CA LEU K 65 11.61 -32.62 35.25
C LEU K 65 12.00 -32.22 36.67
N VAL K 66 13.30 -32.30 36.96
CA VAL K 66 13.86 -31.89 38.25
C VAL K 66 14.85 -30.75 38.03
N ASP K 67 14.58 -29.63 38.67
CA ASP K 67 15.42 -28.43 38.55
C ASP K 67 15.62 -27.80 39.92
N ARG K 68 16.88 -27.74 40.34
CA ARG K 68 17.32 -27.23 41.66
C ARG K 68 16.59 -27.92 42.83
N GLU K 69 15.55 -27.25 43.33
CA GLU K 69 14.69 -27.77 44.41
C GLU K 69 13.33 -28.17 43.86
N LEU K 70 12.94 -27.52 42.77
CA LEU K 70 11.64 -27.70 42.11
C LEU K 70 11.54 -29.03 41.36
N VAL K 71 10.54 -29.83 41.73
CA VAL K 71 10.23 -31.08 41.06
C VAL K 71 8.88 -30.94 40.35
N LEU K 72 8.84 -31.27 39.06
CA LEU K 72 7.64 -31.12 38.25
C LEU K 72 7.25 -32.35 37.43
N TYR K 73 5.99 -32.76 37.60
CA TYR K 73 5.38 -33.81 36.76
C TYR K 73 4.14 -33.24 36.05
N ASN K 74 3.48 -34.11 35.27
CA ASN K 74 2.45 -33.75 34.26
C ASN K 74 3.02 -32.95 33.09
N ALA K 75 2.84 -33.49 31.89
CA ALA K 75 3.50 -33.03 30.67
C ALA K 75 3.25 -31.57 30.31
N GLN K 76 1.99 -31.12 30.42
CA GLN K 76 1.65 -29.73 30.06
C GLN K 76 2.10 -28.72 31.11
N ILE K 77 2.15 -29.15 32.37
CA ILE K 77 2.71 -28.32 33.46
C ILE K 77 4.21 -28.11 33.24
N ILE K 78 4.90 -29.19 32.85
CA ILE K 78 6.31 -29.16 32.48
C ILE K 78 6.54 -28.26 31.25
N MET K 79 5.75 -28.48 30.20
CA MET K 79 5.87 -27.74 28.94
C MET K 79 5.58 -26.25 29.05
N GLU K 80 4.61 -25.88 29.90
CA GLU K 80 4.29 -24.47 30.13
C GLU K 80 5.31 -23.76 30.98
N TYR K 81 5.87 -24.48 31.96
CA TYR K 81 7.02 -24.00 32.76
C TYR K 81 8.22 -23.73 31.86
N LEU K 82 8.47 -24.64 30.92
CA LEU K 82 9.58 -24.53 29.98
C LEU K 82 9.45 -23.36 29.01
N ASP K 83 8.21 -23.03 28.62
CA ASP K 83 7.93 -21.87 27.77
C ASP K 83 8.10 -20.57 28.58
N GLU K 84 7.71 -20.61 29.85
CA GLU K 84 7.80 -19.46 30.75
C GLU K 84 9.22 -19.17 31.26
N ARG K 85 9.97 -20.23 31.57
CA ARG K 85 11.36 -20.12 32.02
C ARG K 85 12.28 -19.78 30.84
N PHE K 86 11.97 -20.34 29.67
CA PHE K 86 12.74 -20.06 28.43
C PHE K 86 11.82 -19.49 27.36
N PRO K 87 11.76 -18.15 27.25
CA PRO K 87 10.81 -17.47 26.35
C PRO K 87 11.12 -17.57 24.86
N HIS K 88 12.37 -17.86 24.51
CA HIS K 88 12.82 -17.81 23.12
C HIS K 88 13.17 -19.17 22.57
N PRO K 89 12.50 -19.61 21.48
CA PRO K 89 11.36 -18.98 20.78
C PRO K 89 10.01 -19.30 21.45
N PRO K 90 9.02 -18.38 21.33
CA PRO K 90 7.72 -18.60 21.97
C PRO K 90 6.90 -19.73 21.34
N LEU K 91 6.44 -20.66 22.17
CA LEU K 91 5.63 -21.80 21.72
C LEU K 91 4.17 -21.68 22.18
N MET K 92 3.83 -20.52 22.73
CA MET K 92 2.46 -20.18 23.10
C MET K 92 2.13 -18.81 22.50
N PRO K 93 0.82 -18.53 22.25
CA PRO K 93 0.43 -17.18 21.82
C PRO K 93 0.63 -16.11 22.91
N VAL K 94 0.35 -14.85 22.58
CA VAL K 94 0.57 -13.74 23.51
C VAL K 94 -0.76 -13.30 24.15
N TYR K 95 -1.81 -13.27 23.33
CA TYR K 95 -3.12 -12.76 23.72
C TYR K 95 -3.95 -13.84 24.43
N PRO K 96 -4.75 -13.47 25.46
CA PRO K 96 -5.45 -14.44 26.31
C PRO K 96 -6.48 -15.34 25.60
N VAL K 97 -7.17 -14.77 24.62
CA VAL K 97 -8.18 -15.50 23.82
C VAL K 97 -7.49 -16.61 23.00
N ALA K 98 -6.39 -16.25 22.34
CA ALA K 98 -5.62 -17.16 21.51
C ALA K 98 -4.87 -18.23 22.31
N ARG K 99 -4.54 -17.88 23.56
CA ARG K 99 -3.92 -18.84 24.48
C ARG K 99 -4.95 -19.81 25.05
N GLY K 100 -6.20 -19.33 25.19
CA GLY K 100 -7.31 -20.14 25.66
C GLY K 100 -7.68 -21.24 24.68
N THR K 101 -7.72 -20.87 23.40
CA THR K 101 -7.96 -21.81 22.30
C THR K 101 -6.80 -22.81 22.16
N SER K 102 -5.56 -22.32 22.32
CA SER K 102 -4.36 -23.18 22.32
C SER K 102 -4.37 -24.25 23.41
N ARG K 103 -4.84 -23.87 24.60
CA ARG K 103 -4.93 -24.80 25.73
C ARG K 103 -6.05 -25.80 25.58
N LEU K 104 -7.15 -25.37 24.96
CA LEU K 104 -8.32 -26.21 24.72
C LEU K 104 -8.04 -27.29 23.68
N MET K 105 -7.29 -26.94 22.63
CA MET K 105 -6.87 -27.91 21.60
C MET K 105 -5.87 -28.92 22.15
N MET K 106 -4.97 -28.46 23.02
CA MET K 106 -4.05 -29.33 23.75
C MET K 106 -4.82 -30.31 24.65
N TYR K 107 -5.90 -29.82 25.26
CA TYR K 107 -6.80 -30.62 26.09
C TYR K 107 -7.59 -31.64 25.26
N ARG K 108 -8.07 -31.20 24.10
CA ARG K 108 -8.89 -32.05 23.23
C ARG K 108 -8.09 -33.14 22.53
N ILE K 109 -6.83 -32.87 22.20
CA ILE K 109 -5.90 -33.89 21.69
C ILE K 109 -5.63 -34.95 22.78
N GLU K 110 -5.49 -34.49 24.03
CA GLU K 110 -5.28 -35.34 25.19
C GLU K 110 -6.49 -36.22 25.54
N ARG K 111 -7.68 -35.60 25.61
CA ARG K 111 -8.91 -36.28 26.01
C ARG K 111 -9.39 -37.27 24.95
N ASP K 112 -9.29 -36.89 23.68
CA ASP K 112 -9.76 -37.74 22.58
C ASP K 112 -8.67 -38.68 22.05
N TRP K 113 -7.62 -38.10 21.47
CA TRP K 113 -6.68 -38.87 20.65
C TRP K 113 -5.58 -39.57 21.39
N TYR K 114 -5.19 -39.01 22.53
CA TYR K 114 -4.15 -39.63 23.38
C TYR K 114 -4.68 -40.83 24.17
N SER K 115 -5.98 -40.82 24.45
CA SER K 115 -6.64 -41.94 25.10
C SER K 115 -6.90 -43.09 24.12
N LEU K 116 -7.16 -42.74 22.85
CA LEU K 116 -7.34 -43.72 21.77
C LEU K 116 -6.05 -44.45 21.43
N ALA K 117 -4.93 -43.74 21.48
CA ALA K 117 -3.60 -44.28 21.18
C ALA K 117 -3.08 -45.22 22.28
N GLU K 118 -3.62 -45.07 23.48
CA GLU K 118 -3.39 -45.99 24.60
C GLU K 118 -4.01 -47.36 24.30
N LYS K 119 -5.21 -47.32 23.73
CA LYS K 119 -6.01 -48.50 23.41
C LYS K 119 -5.46 -49.31 22.22
N ILE K 120 -4.82 -48.63 21.28
CA ILE K 120 -4.16 -49.26 20.12
C ILE K 120 -2.92 -50.04 20.58
N GLN K 121 -2.22 -49.48 21.57
CA GLN K 121 -1.08 -50.15 22.23
C GLN K 121 -1.50 -51.41 22.99
N LYS K 122 -2.70 -51.39 23.56
CA LYS K 122 -3.27 -52.54 24.25
C LYS K 122 -3.97 -53.50 23.28
N ASN K 123 -5.26 -53.28 23.04
CA ASN K 123 -6.10 -54.22 22.28
C ASN K 123 -6.87 -53.62 21.10
N ASP K 124 -7.61 -52.54 21.38
CA ASP K 124 -8.74 -52.06 20.57
C ASP K 124 -8.47 -51.73 19.10
N ALA K 125 -9.12 -52.49 18.22
CA ALA K 125 -9.07 -52.28 16.78
C ALA K 125 -10.10 -51.22 16.34
N GLN K 126 -11.07 -50.98 17.21
CA GLN K 126 -12.08 -49.95 17.00
C GLN K 126 -11.48 -48.56 17.25
N ALA K 127 -10.54 -48.49 18.20
CA ALA K 127 -9.82 -47.25 18.51
C ALA K 127 -8.85 -46.84 17.40
N ARG K 128 -8.32 -47.84 16.69
CA ARG K 128 -7.49 -47.62 15.51
C ARG K 128 -8.29 -46.97 14.38
N GLN K 129 -9.52 -47.44 14.20
CA GLN K 129 -10.45 -46.91 13.20
C GLN K 129 -10.98 -45.54 13.61
N GLU K 130 -11.15 -45.35 14.91
CA GLU K 130 -11.67 -44.10 15.49
C GLU K 130 -10.66 -42.95 15.33
N LEU K 131 -9.37 -43.29 15.48
CA LEU K 131 -8.28 -42.33 15.36
C LEU K 131 -8.05 -41.89 13.91
N LYS K 132 -8.16 -42.84 12.98
CA LYS K 132 -7.97 -42.58 11.54
C LYS K 132 -9.05 -41.64 10.97
N GLU K 133 -10.27 -41.77 11.50
CA GLU K 133 -11.38 -40.93 11.10
C GLU K 133 -11.26 -39.52 11.70
N GLY K 134 -10.75 -39.44 12.93
CA GLY K 134 -10.58 -38.17 13.64
C GLY K 134 -9.56 -37.24 13.04
N ILE K 135 -8.42 -37.81 12.63
CA ILE K 135 -7.32 -37.07 12.00
C ILE K 135 -7.72 -36.56 10.60
N LEU K 136 -8.45 -37.40 9.87
CA LEU K 136 -8.94 -37.03 8.54
C LEU K 136 -10.11 -36.03 8.57
N SER K 137 -10.83 -35.98 9.69
CA SER K 137 -11.92 -35.01 9.86
C SER K 137 -11.38 -33.61 10.17
N LEU K 138 -10.19 -33.54 10.75
CA LEU K 138 -9.54 -32.26 11.08
C LEU K 138 -8.69 -31.71 9.93
N ALA K 139 -8.75 -32.38 8.78
CA ALA K 139 -8.00 -32.00 7.57
C ALA K 139 -8.27 -30.63 6.89
N PRO K 140 -9.54 -30.10 6.91
CA PRO K 140 -9.74 -28.80 6.24
C PRO K 140 -9.07 -27.57 6.89
N ILE K 141 -8.57 -27.72 8.12
CA ILE K 141 -7.88 -26.61 8.80
C ILE K 141 -6.46 -26.37 8.24
N PHE K 142 -5.87 -27.42 7.66
CA PHE K 142 -4.48 -27.39 7.20
C PHE K 142 -4.27 -26.70 5.86
N ALA K 143 -5.38 -26.33 5.21
CA ALA K 143 -5.34 -25.51 4.01
C ALA K 143 -4.99 -24.05 4.31
N ASP K 144 -5.42 -23.60 5.49
CA ASP K 144 -5.25 -22.20 5.90
C ASP K 144 -3.85 -21.94 6.45
N THR K 145 -3.46 -22.67 7.49
CA THR K 145 -2.24 -22.42 8.24
C THR K 145 -1.28 -23.61 8.15
N PRO K 146 0.05 -23.35 8.03
CA PRO K 146 1.07 -24.41 7.98
C PRO K 146 1.20 -25.26 9.25
N TYR K 147 0.72 -24.74 10.36
CA TYR K 147 0.73 -25.45 11.64
C TYR K 147 -0.67 -25.42 12.24
N PHE K 148 -0.93 -26.25 13.25
CA PHE K 148 -2.28 -26.46 13.79
C PHE K 148 -2.89 -25.19 14.39
N MET K 149 -3.81 -24.60 13.63
CA MET K 149 -4.55 -23.37 13.98
C MET K 149 -3.67 -22.14 14.27
N SER K 150 -2.49 -22.13 13.67
CA SER K 150 -1.49 -21.09 13.88
C SER K 150 -0.51 -21.04 12.72
N GLU K 151 -0.11 -19.82 12.35
CA GLU K 151 0.88 -19.60 11.29
C GLU K 151 2.28 -20.02 11.72
N GLU K 152 2.53 -19.99 13.03
CA GLU K 152 3.82 -20.38 13.60
C GLU K 152 3.71 -21.65 14.45
N PHE K 153 4.85 -22.34 14.61
CA PHE K 153 4.97 -23.56 15.40
C PHE K 153 4.70 -23.29 16.88
N SER K 154 3.88 -24.15 17.50
CA SER K 154 3.49 -23.99 18.91
C SER K 154 3.48 -25.31 19.68
N LEU K 155 3.03 -25.24 20.94
CA LEU K 155 2.90 -26.41 21.83
C LEU K 155 1.78 -27.38 21.44
N VAL K 156 0.84 -26.91 20.61
CA VAL K 156 -0.24 -27.74 20.08
C VAL K 156 0.31 -28.67 19.01
N ASP K 157 1.30 -28.19 18.25
CA ASP K 157 2.06 -29.01 17.31
C ASP K 157 2.96 -30.01 18.04
N CYS K 158 3.35 -29.65 19.27
CA CYS K 158 4.15 -30.52 20.15
C CYS K 158 3.34 -31.64 20.79
N TYR K 159 2.02 -31.59 20.62
CA TYR K 159 1.13 -32.69 20.97
C TYR K 159 0.99 -33.69 19.82
N LEU K 160 0.96 -33.16 18.60
CA LEU K 160 0.67 -33.96 17.41
C LEU K 160 1.88 -34.64 16.79
N ALA K 161 3.03 -33.97 16.86
CA ALA K 161 4.30 -34.54 16.38
C ALA K 161 4.73 -35.89 17.01
N PRO K 162 4.48 -36.12 18.33
CA PRO K 162 4.69 -37.50 18.81
C PRO K 162 3.63 -38.49 18.33
N LEU K 163 2.41 -38.02 18.12
CA LEU K 163 1.28 -38.87 17.74
C LEU K 163 1.35 -39.30 16.27
N LEU K 164 1.69 -38.36 15.40
CA LEU K 164 1.77 -38.59 13.96
C LEU K 164 3.02 -39.39 13.56
N TRP K 165 4.03 -39.36 14.43
CA TRP K 165 5.24 -40.17 14.27
C TRP K 165 4.94 -41.62 14.51
N ARG K 166 4.09 -41.88 15.50
CA ARG K 166 3.72 -43.24 15.89
C ARG K 166 2.54 -43.80 15.08
N LEU K 167 2.09 -43.03 14.08
CA LEU K 167 1.00 -43.41 13.18
C LEU K 167 1.23 -44.67 12.31
N PRO K 168 2.46 -44.91 11.79
CA PRO K 168 2.69 -46.26 11.23
C PRO K 168 2.74 -47.38 12.26
N ALA K 169 3.15 -47.07 13.49
CA ALA K 169 3.20 -48.05 14.59
C ALA K 169 1.81 -48.36 15.17
N TYR K 170 0.84 -47.50 14.88
CA TYR K 170 -0.56 -47.75 15.25
C TYR K 170 -1.30 -48.56 14.18
N GLY K 171 -0.66 -48.74 13.03
CA GLY K 171 -1.25 -49.49 11.91
C GLY K 171 -2.27 -48.67 11.15
N ILE K 172 -1.93 -47.39 10.94
CA ILE K 172 -2.79 -46.46 10.22
C ILE K 172 -2.07 -45.95 8.97
N ASP K 173 -2.69 -46.17 7.82
CA ASP K 173 -2.19 -45.67 6.55
C ASP K 173 -3.07 -44.50 6.10
N LEU K 174 -2.46 -43.52 5.45
CA LEU K 174 -3.16 -42.32 4.99
C LEU K 174 -3.42 -42.33 3.50
N GLU K 175 -4.68 -42.11 3.14
CA GLU K 175 -5.16 -42.17 1.75
C GLU K 175 -6.43 -41.34 1.58
N GLY K 176 -6.88 -41.20 0.33
CA GLY K 176 -8.13 -40.54 -0.01
C GLY K 176 -8.08 -39.04 0.18
N GLN K 177 -9.25 -38.42 0.30
CA GLN K 177 -9.35 -36.98 0.54
C GLN K 177 -8.94 -36.63 1.97
N GLY K 178 -8.29 -35.48 2.11
CA GLY K 178 -7.82 -35.02 3.41
C GLY K 178 -6.36 -35.33 3.68
N ALA K 179 -5.96 -36.57 3.38
CA ALA K 179 -4.60 -37.07 3.62
C ALA K 179 -3.50 -36.41 2.78
N LYS K 180 -3.92 -35.66 1.76
CA LYS K 180 -3.05 -34.80 0.94
C LYS K 180 -2.36 -33.73 1.80
N GLU K 181 -3.14 -33.13 2.72
CA GLU K 181 -2.67 -32.03 3.56
C GLU K 181 -2.19 -32.49 4.94
N ILE K 182 -2.58 -33.70 5.36
CA ILE K 182 -2.12 -34.30 6.62
C ILE K 182 -0.65 -34.73 6.50
N LYS K 183 -0.33 -35.41 5.40
CA LYS K 183 1.04 -35.83 5.08
C LYS K 183 1.94 -34.63 4.78
N GLN K 184 1.33 -33.57 4.24
CA GLN K 184 2.00 -32.29 3.96
C GLN K 184 2.39 -31.56 5.24
N TYR K 185 1.50 -31.62 6.24
CA TYR K 185 1.76 -31.06 7.56
C TYR K 185 2.77 -31.90 8.34
N MET K 186 2.70 -33.21 8.15
CA MET K 186 3.62 -34.18 8.77
C MET K 186 5.06 -33.99 8.29
N VAL K 187 5.24 -33.77 6.99
CA VAL K 187 6.57 -33.58 6.40
C VAL K 187 7.17 -32.20 6.74
N ARG K 188 6.31 -31.26 7.12
CA ARG K 188 6.73 -29.95 7.63
C ARG K 188 7.22 -30.06 9.06
N LEU K 189 6.70 -31.06 9.77
CA LEU K 189 6.88 -31.24 11.20
C LEU K 189 8.06 -32.17 11.53
N PHE K 190 8.21 -33.24 10.74
CA PHE K 190 9.25 -34.25 10.98
C PHE K 190 10.62 -33.79 10.47
N GLU K 191 10.62 -32.89 9.49
CA GLU K 191 11.87 -32.37 8.89
C GLU K 191 12.49 -31.24 9.69
N ARG K 192 11.82 -30.83 10.77
CA ARG K 192 12.38 -29.91 11.75
C ARG K 192 13.51 -30.61 12.48
N LYS K 193 14.67 -29.96 12.52
CA LYS K 193 15.89 -30.50 13.15
C LYS K 193 15.73 -30.77 14.65
N THR K 194 14.87 -29.98 15.29
CA THR K 194 14.52 -30.12 16.70
C THR K 194 13.76 -31.42 16.96
N PHE K 195 12.88 -31.80 16.02
CA PHE K 195 12.13 -33.05 16.12
C PHE K 195 13.04 -34.27 16.04
N GLN K 196 13.96 -34.25 15.07
CA GLN K 196 14.88 -35.35 14.83
C GLN K 196 15.87 -35.56 15.97
N ASP K 197 16.25 -34.45 16.61
CA ASP K 197 17.16 -34.48 17.75
C ASP K 197 16.45 -34.83 19.06
N SER K 198 15.12 -34.81 19.05
CA SER K 198 14.31 -35.22 20.20
C SER K 198 14.04 -36.73 20.21
N LEU K 199 14.26 -37.37 19.07
CA LEU K 199 13.94 -38.79 18.88
C LEU K 199 14.94 -39.74 19.53
N THR K 200 14.41 -40.70 20.28
CA THR K 200 15.19 -41.83 20.79
C THR K 200 15.33 -42.87 19.69
N GLU K 201 16.29 -43.77 19.83
CA GLU K 201 16.52 -44.86 18.87
C GLU K 201 15.36 -45.85 18.77
N GLU K 202 14.62 -46.00 19.88
CA GLU K 202 13.40 -46.81 19.94
C GLU K 202 12.28 -46.18 19.09
N GLU K 203 12.19 -44.85 19.13
CA GLU K 203 11.25 -44.09 18.32
C GLU K 203 11.66 -44.06 16.86
N LYS K 204 12.98 -44.05 16.63
CA LYS K 204 13.56 -44.13 15.29
C LYS K 204 13.33 -45.50 14.64
N GLU K 205 13.28 -46.54 15.48
CA GLU K 205 13.00 -47.90 15.03
C GLU K 205 11.52 -48.15 14.69
N LEU K 206 10.64 -47.27 15.16
CA LEU K 206 9.21 -47.34 14.83
C LEU K 206 8.92 -46.98 13.38
N ALA K 207 9.71 -46.04 12.84
CA ALA K 207 9.56 -45.57 11.46
C ALA K 207 10.01 -46.60 10.42
N ARG K 208 11.15 -47.26 10.69
CA ARG K 208 11.73 -48.22 9.76
C ARG K 208 11.00 -49.57 9.73
N ASN K 209 10.37 -49.93 10.84
CA ASN K 209 9.71 -51.23 10.97
C ASN K 209 8.19 -51.17 10.77
N ALA K 210 7.46 -50.85 11.84
CA ALA K 210 6.00 -50.80 11.81
C ALA K 210 5.50 -49.49 11.22
N ARG L 10 -26.48 -8.97 25.04
CA ARG L 10 -25.63 -7.98 25.77
C ARG L 10 -24.14 -8.24 25.54
N SER L 11 -23.31 -7.22 25.78
CA SER L 11 -21.85 -7.30 25.58
C SER L 11 -21.12 -7.76 26.85
N VAL L 12 -21.62 -8.86 27.43
CA VAL L 12 -21.11 -9.45 28.66
C VAL L 12 -20.76 -10.91 28.30
N MET L 13 -19.81 -11.53 29.00
CA MET L 13 -19.55 -12.97 28.84
C MET L 13 -20.74 -13.78 29.36
N THR L 14 -20.97 -14.94 28.77
CA THR L 14 -22.01 -15.84 29.22
C THR L 14 -21.37 -17.06 29.88
N LEU L 15 -21.82 -17.36 31.10
CA LEU L 15 -21.33 -18.52 31.84
C LEU L 15 -22.40 -19.59 32.03
N TYR L 16 -22.12 -20.78 31.52
CA TYR L 16 -22.89 -21.97 31.85
C TYR L 16 -22.27 -22.61 33.09
N SER L 17 -23.03 -22.62 34.17
CA SER L 17 -22.53 -23.12 35.46
C SER L 17 -23.52 -24.06 36.16
N GLY L 18 -22.98 -25.11 36.77
CA GLY L 18 -23.74 -25.98 37.65
C GLY L 18 -24.15 -25.26 38.92
N LYS L 19 -25.35 -25.58 39.41
CA LYS L 19 -25.91 -24.97 40.63
C LYS L 19 -25.15 -25.41 41.89
N ASP L 20 -24.71 -26.66 41.89
CA ASP L 20 -24.00 -27.27 43.01
C ASP L 20 -22.86 -28.15 42.48
N ASP L 21 -21.92 -27.49 41.79
CA ASP L 21 -20.78 -28.16 41.18
C ASP L 21 -19.49 -27.51 41.70
N LEU L 22 -18.46 -28.33 41.90
CA LEU L 22 -17.19 -27.85 42.46
C LEU L 22 -16.37 -27.03 41.47
N LYS L 23 -16.29 -27.49 40.23
CA LYS L 23 -15.54 -26.82 39.17
C LYS L 23 -16.23 -25.53 38.68
N SER L 24 -17.57 -25.51 38.75
CA SER L 24 -18.35 -24.32 38.41
C SER L 24 -18.27 -23.25 39.48
N HIS L 25 -18.05 -23.65 40.73
CA HIS L 25 -17.88 -22.72 41.85
C HIS L 25 -16.53 -22.05 41.84
N GLN L 26 -15.54 -22.75 41.27
CA GLN L 26 -14.19 -22.20 41.06
C GLN L 26 -14.22 -21.00 40.14
N VAL L 27 -14.94 -21.15 39.02
CA VAL L 27 -15.09 -20.14 37.98
C VAL L 27 -15.86 -18.93 38.53
N ARG L 28 -16.93 -19.20 39.27
CA ARG L 28 -17.77 -18.17 39.89
C ARG L 28 -17.06 -17.38 41.01
N LEU L 29 -16.06 -18.00 41.63
CA LEU L 29 -15.24 -17.33 42.63
C LEU L 29 -14.20 -16.43 41.97
N VAL L 30 -13.61 -16.93 40.89
CA VAL L 30 -12.56 -16.22 40.14
C VAL L 30 -13.12 -14.96 39.49
N LEU L 31 -14.31 -15.09 38.88
CA LEU L 31 -15.03 -13.96 38.29
C LEU L 31 -15.41 -12.89 39.33
N ALA L 32 -15.74 -13.34 40.54
CA ALA L 32 -16.02 -12.46 41.67
C ALA L 32 -14.75 -11.80 42.18
N GLU L 33 -13.64 -12.53 42.16
CA GLU L 33 -12.34 -12.02 42.57
C GLU L 33 -11.82 -10.96 41.60
N LYS L 34 -12.10 -11.14 40.31
CA LYS L 34 -11.70 -10.19 39.27
C LYS L 34 -12.60 -8.95 39.23
N GLY L 35 -13.81 -9.06 39.78
CA GLY L 35 -14.77 -7.96 39.82
C GLY L 35 -15.55 -7.81 38.53
N VAL L 36 -15.46 -8.83 37.69
CA VAL L 36 -16.11 -8.86 36.39
C VAL L 36 -17.54 -9.38 36.52
N GLY L 37 -18.50 -8.53 36.18
CA GLY L 37 -19.89 -8.93 36.07
C GLY L 37 -20.05 -9.85 34.88
N VAL L 38 -20.81 -10.92 35.08
CA VAL L 38 -20.96 -11.97 34.07
C VAL L 38 -22.43 -12.43 34.05
N GLU L 39 -22.89 -12.96 32.91
CA GLU L 39 -24.25 -13.46 32.77
C GLU L 39 -24.28 -14.98 32.95
N ILE L 40 -24.67 -15.42 34.15
CA ILE L 40 -24.71 -16.85 34.48
C ILE L 40 -26.05 -17.49 34.13
N THR L 41 -26.03 -18.33 33.11
CA THR L 41 -27.13 -19.25 32.84
C THR L 41 -26.83 -20.52 33.61
N TYR L 42 -27.73 -20.90 34.51
CA TYR L 42 -27.53 -22.09 35.33
C TYR L 42 -28.02 -23.36 34.64
N VAL L 43 -27.21 -24.41 34.75
CA VAL L 43 -27.50 -25.71 34.14
C VAL L 43 -27.57 -26.83 35.19
N THR L 44 -28.69 -27.55 35.19
CA THR L 44 -28.88 -28.68 36.09
C THR L 44 -28.37 -29.97 35.43
N ASP L 45 -28.33 -31.06 36.20
CA ASP L 45 -27.92 -32.37 35.70
C ASP L 45 -28.95 -32.94 34.73
N GLU L 46 -30.23 -32.65 35.01
CA GLU L 46 -31.35 -33.09 34.17
C GLU L 46 -31.45 -32.26 32.90
N SER L 47 -31.42 -30.93 33.04
CA SER L 47 -31.67 -30.01 31.93
C SER L 47 -30.40 -29.28 31.46
N THR L 48 -30.06 -29.51 30.19
CA THR L 48 -29.00 -28.76 29.49
C THR L 48 -29.55 -28.30 28.13
N PRO L 49 -29.46 -26.98 27.85
CA PRO L 49 -29.99 -26.37 26.62
C PRO L 49 -29.25 -26.80 25.35
N GLU L 50 -29.92 -26.64 24.20
CA GLU L 50 -29.44 -27.17 22.91
C GLU L 50 -28.18 -26.47 22.39
N ASP L 51 -28.05 -25.17 22.70
CA ASP L 51 -26.88 -24.39 22.30
C ASP L 51 -25.60 -24.83 23.01
N LEU L 52 -25.72 -25.19 24.29
CA LEU L 52 -24.58 -25.66 25.10
C LEU L 52 -24.04 -27.01 24.60
N LEU L 53 -24.93 -27.88 24.15
CA LEU L 53 -24.54 -29.19 23.62
C LEU L 53 -23.83 -29.08 22.26
N GLN L 54 -24.08 -27.99 21.54
CA GLN L 54 -23.35 -27.67 20.32
C GLN L 54 -21.97 -27.07 20.63
N LEU L 55 -21.90 -26.33 21.74
CA LEU L 55 -20.65 -25.68 22.18
C LEU L 55 -19.71 -26.63 22.91
N ASN L 56 -20.25 -27.35 23.89
CA ASN L 56 -19.53 -28.34 24.66
C ASN L 56 -19.90 -29.74 24.15
N PRO L 57 -18.98 -30.39 23.41
CA PRO L 57 -19.27 -31.70 22.79
C PRO L 57 -19.14 -32.90 23.74
N TYR L 58 -18.66 -32.66 24.95
CA TYR L 58 -18.41 -33.72 25.93
C TYR L 58 -19.62 -34.02 26.81
N PRO L 59 -19.77 -35.29 27.26
CA PRO L 59 -20.73 -35.74 28.28
C PRO L 59 -20.87 -34.80 29.48
N GLU L 60 -19.75 -34.34 30.03
CA GLU L 60 -19.77 -33.30 31.04
C GLU L 60 -19.89 -31.93 30.35
N ALA L 61 -20.79 -31.09 30.85
CA ALA L 61 -21.12 -29.81 30.20
C ALA L 61 -20.68 -28.56 30.98
N LYS L 62 -20.56 -28.69 32.30
CA LYS L 62 -20.29 -27.55 33.19
C LYS L 62 -18.90 -27.64 33.87
N PRO L 63 -18.20 -26.50 34.02
CA PRO L 63 -18.53 -25.14 33.57
C PRO L 63 -18.10 -24.81 32.14
N THR L 64 -18.83 -23.90 31.50
CA THR L 64 -18.51 -23.42 30.16
C THR L 64 -18.65 -21.90 30.07
N LEU L 65 -17.61 -21.25 29.57
CA LEU L 65 -17.59 -19.79 29.38
C LEU L 65 -17.62 -19.45 27.90
N VAL L 66 -18.57 -18.60 27.51
CA VAL L 66 -18.67 -18.11 26.13
C VAL L 66 -18.44 -16.60 26.08
N ASP L 67 -17.49 -16.19 25.25
CA ASP L 67 -17.16 -14.78 25.04
C ASP L 67 -16.96 -14.54 23.55
N ARG L 68 -17.76 -13.62 22.99
CA ARG L 68 -17.79 -13.28 21.55
C ARG L 68 -17.99 -14.52 20.67
N GLU L 69 -16.89 -15.08 20.18
CA GLU L 69 -16.89 -16.30 19.36
C GLU L 69 -16.24 -17.45 20.13
N LEU L 70 -15.39 -17.10 21.10
CA LEU L 70 -14.62 -18.05 21.90
C LEU L 70 -15.48 -18.77 22.93
N VAL L 71 -15.42 -20.10 22.88
CA VAL L 71 -16.04 -20.95 23.91
C VAL L 71 -14.94 -21.73 24.66
N LEU L 72 -15.04 -21.75 25.98
CA LEU L 72 -14.06 -22.43 26.82
C LEU L 72 -14.71 -23.34 27.85
N TYR L 73 -14.32 -24.60 27.83
CA TYR L 73 -14.65 -25.56 28.89
C TYR L 73 -13.35 -26.04 29.56
N ASN L 74 -13.49 -26.87 30.59
CA ASN L 74 -12.41 -27.21 31.57
C ASN L 74 -11.99 -26.03 32.45
N ALA L 75 -12.12 -26.23 33.76
CA ALA L 75 -12.07 -25.15 34.76
C ALA L 75 -10.78 -24.35 34.83
N GLN L 76 -9.63 -25.03 34.76
CA GLN L 76 -8.34 -24.34 34.88
C GLN L 76 -7.95 -23.62 33.60
N ILE L 77 -8.46 -24.11 32.47
CA ILE L 77 -8.35 -23.41 31.18
C ILE L 77 -9.11 -22.07 31.26
N ILE L 78 -10.31 -22.12 31.82
CA ILE L 78 -11.14 -20.93 32.05
C ILE L 78 -10.49 -19.98 33.08
N MET L 79 -10.03 -20.53 34.20
CA MET L 79 -9.45 -19.74 35.29
C MET L 79 -8.14 -19.04 34.95
N GLU L 80 -7.34 -19.67 34.10
CA GLU L 80 -6.10 -19.04 33.62
C GLU L 80 -6.35 -17.98 32.55
N TYR L 81 -7.39 -18.18 31.74
CA TYR L 81 -7.86 -17.18 30.78
C TYR L 81 -8.30 -15.90 31.48
N LEU L 82 -9.07 -16.06 32.56
CA LEU L 82 -9.60 -14.95 33.32
C LEU L 82 -8.54 -14.23 34.18
N ASP L 83 -7.46 -14.94 34.51
CA ASP L 83 -6.32 -14.33 35.19
C ASP L 83 -5.45 -13.54 34.20
N GLU L 84 -5.43 -14.00 32.95
CA GLU L 84 -4.66 -13.34 31.89
C GLU L 84 -5.35 -12.10 31.31
N ARG L 85 -6.63 -12.24 30.96
CA ARG L 85 -7.43 -11.16 30.38
C ARG L 85 -7.80 -10.08 31.43
N PHE L 86 -8.02 -10.52 32.66
CA PHE L 86 -8.22 -9.59 33.79
C PHE L 86 -7.06 -9.77 34.78
N PRO L 87 -5.99 -8.96 34.63
CA PRO L 87 -4.78 -9.13 35.44
C PRO L 87 -4.87 -8.64 36.89
N HIS L 88 -5.89 -7.86 37.23
CA HIS L 88 -6.00 -7.24 38.56
C HIS L 88 -7.20 -7.73 39.34
N PRO L 89 -6.97 -8.37 40.50
CA PRO L 89 -5.66 -8.71 41.10
C PRO L 89 -5.08 -10.04 40.57
N PRO L 90 -3.74 -10.19 40.60
CA PRO L 90 -3.12 -11.45 40.19
C PRO L 90 -3.44 -12.62 41.13
N LEU L 91 -3.87 -13.73 40.55
CA LEU L 91 -4.15 -14.95 41.30
C LEU L 91 -3.13 -16.03 40.95
N MET L 92 -2.05 -15.60 40.30
CA MET L 92 -0.94 -16.47 39.95
C MET L 92 0.35 -15.77 40.37
N PRO L 93 1.45 -16.54 40.55
CA PRO L 93 2.75 -15.89 40.73
C PRO L 93 3.29 -15.24 39.45
N VAL L 94 4.44 -14.57 39.56
CA VAL L 94 5.06 -13.91 38.42
C VAL L 94 6.19 -14.77 37.84
N TYR L 95 7.03 -15.30 38.73
CA TYR L 95 8.20 -16.10 38.35
C TYR L 95 7.78 -17.52 37.94
N PRO L 96 8.51 -18.15 36.97
CA PRO L 96 8.09 -19.42 36.38
C PRO L 96 8.10 -20.59 37.36
N VAL L 97 9.06 -20.56 38.29
CA VAL L 97 9.25 -21.60 39.30
C VAL L 97 8.04 -21.74 40.22
N ALA L 98 7.59 -20.60 40.77
CA ALA L 98 6.45 -20.55 41.68
C ALA L 98 5.12 -20.81 40.97
N ARG L 99 5.03 -20.40 39.70
CA ARG L 99 3.87 -20.70 38.85
C ARG L 99 3.75 -22.19 38.57
N GLY L 100 4.90 -22.83 38.36
CA GLY L 100 4.99 -24.28 38.15
C GLY L 100 4.53 -25.07 39.36
N THR L 101 4.99 -24.64 40.54
CA THR L 101 4.59 -25.22 41.82
C THR L 101 3.09 -25.02 42.09
N SER L 102 2.58 -23.84 41.74
CA SER L 102 1.16 -23.50 41.88
C SER L 102 0.28 -24.41 41.01
N ARG L 103 0.71 -24.63 39.77
CA ARG L 103 0.03 -25.53 38.84
C ARG L 103 0.11 -26.99 39.27
N LEU L 104 1.20 -27.34 39.95
CA LEU L 104 1.41 -28.69 40.46
C LEU L 104 0.49 -29.00 41.65
N MET L 105 0.37 -28.03 42.55
CA MET L 105 -0.54 -28.14 43.71
C MET L 105 -2.00 -28.15 43.28
N MET L 106 -2.33 -27.35 42.26
CA MET L 106 -3.66 -27.32 41.64
C MET L 106 -4.04 -28.69 41.06
N TYR L 107 -3.08 -29.30 40.36
CA TYR L 107 -3.26 -30.61 39.72
C TYR L 107 -3.53 -31.73 40.71
N ARG L 108 -2.83 -31.68 41.85
CA ARG L 108 -2.94 -32.70 42.88
C ARG L 108 -4.23 -32.58 43.71
N ILE L 109 -4.81 -31.38 43.78
CA ILE L 109 -6.10 -31.20 44.45
C ILE L 109 -7.24 -31.78 43.59
N GLU L 110 -7.11 -31.65 42.27
CA GLU L 110 -8.05 -32.27 41.33
C GLU L 110 -7.91 -33.79 41.28
N ARG L 111 -6.68 -34.28 41.23
CA ARG L 111 -6.42 -35.70 41.08
C ARG L 111 -6.61 -36.50 42.38
N ASP L 112 -6.13 -35.96 43.50
CA ASP L 112 -6.25 -36.66 44.78
C ASP L 112 -7.59 -36.42 45.45
N TRP L 113 -7.97 -35.15 45.63
CA TRP L 113 -9.08 -34.81 46.51
C TRP L 113 -10.41 -34.63 45.83
N TYR L 114 -10.41 -34.09 44.61
CA TYR L 114 -11.65 -33.86 43.87
C TYR L 114 -12.29 -35.16 43.37
N SER L 115 -11.45 -36.16 43.11
CA SER L 115 -11.90 -37.50 42.73
C SER L 115 -12.51 -38.27 43.90
N LEU L 116 -11.93 -38.09 45.10
CA LEU L 116 -12.45 -38.70 46.33
C LEU L 116 -13.79 -38.08 46.75
N ALA L 117 -13.93 -36.78 46.50
CA ALA L 117 -15.16 -36.02 46.75
C ALA L 117 -16.30 -36.43 45.82
N GLU L 118 -15.93 -36.92 44.63
CA GLU L 118 -16.89 -37.46 43.67
C GLU L 118 -17.40 -38.82 44.13
N LYS L 119 -16.55 -39.57 44.82
CA LYS L 119 -16.90 -40.88 45.37
C LYS L 119 -17.77 -40.80 46.62
N ILE L 120 -17.63 -39.70 47.37
CA ILE L 120 -18.50 -39.37 48.53
C ILE L 120 -19.93 -39.09 48.05
N GLN L 121 -20.04 -38.43 46.90
CA GLN L 121 -21.32 -38.18 46.23
C GLN L 121 -22.00 -39.46 45.70
N LYS L 122 -21.23 -40.53 45.51
CA LYS L 122 -21.77 -41.84 45.15
C LYS L 122 -22.35 -42.55 46.37
N ASN L 123 -21.49 -43.21 47.16
CA ASN L 123 -21.90 -43.93 48.38
C ASN L 123 -20.77 -44.09 49.40
N ASP L 124 -19.53 -43.89 48.95
CA ASP L 124 -18.30 -44.21 49.70
C ASP L 124 -18.07 -43.45 51.00
N ALA L 125 -17.71 -44.20 52.04
CA ALA L 125 -17.28 -43.66 53.32
C ALA L 125 -15.78 -43.86 53.53
N GLN L 126 -15.20 -44.74 52.70
CA GLN L 126 -13.77 -44.99 52.70
C GLN L 126 -13.05 -43.84 51.99
N ALA L 127 -13.74 -43.24 51.02
CA ALA L 127 -13.30 -42.00 50.39
C ALA L 127 -13.48 -40.79 51.31
N ARG L 128 -14.49 -40.87 52.18
CA ARG L 128 -14.76 -39.83 53.19
C ARG L 128 -13.69 -39.82 54.28
N GLN L 129 -13.23 -41.00 54.67
CA GLN L 129 -12.18 -41.16 55.68
C GLN L 129 -10.81 -40.69 55.16
N GLU L 130 -10.53 -40.99 53.90
CA GLU L 130 -9.26 -40.63 53.27
C GLU L 130 -9.16 -39.12 53.00
N LEU L 131 -10.29 -38.49 52.69
CA LEU L 131 -10.37 -37.05 52.48
C LEU L 131 -10.21 -36.27 53.79
N LYS L 132 -10.73 -36.85 54.87
CA LYS L 132 -10.65 -36.30 56.21
C LYS L 132 -9.20 -36.21 56.72
N GLU L 133 -8.41 -37.23 56.39
CA GLU L 133 -7.01 -37.33 56.84
C GLU L 133 -6.05 -36.45 56.03
N GLY L 134 -6.34 -36.29 54.74
CA GLY L 134 -5.46 -35.60 53.79
C GLY L 134 -5.22 -34.12 54.05
N ILE L 135 -6.27 -33.43 54.49
CA ILE L 135 -6.21 -32.00 54.80
C ILE L 135 -5.47 -31.78 56.12
N LEU L 136 -5.67 -32.69 57.06
CA LEU L 136 -5.00 -32.65 58.36
C LEU L 136 -3.53 -33.06 58.28
N SER L 137 -3.17 -33.83 57.26
CA SER L 137 -1.78 -34.22 57.01
C SER L 137 -0.99 -33.06 56.41
N LEU L 138 -1.66 -32.23 55.62
CA LEU L 138 -1.04 -31.05 55.01
C LEU L 138 -1.33 -29.76 55.81
N ALA L 139 -1.82 -29.94 57.03
CA ALA L 139 -2.06 -28.84 57.99
C ALA L 139 -0.84 -28.03 58.49
N PRO L 140 0.37 -28.65 58.65
CA PRO L 140 1.49 -27.83 59.12
C PRO L 140 2.07 -26.79 58.14
N ILE L 141 1.68 -26.88 56.86
CA ILE L 141 2.13 -25.90 55.86
C ILE L 141 1.37 -24.57 55.97
N PHE L 142 0.22 -24.59 56.65
CA PHE L 142 -0.61 -23.41 56.87
C PHE L 142 -0.10 -22.51 58.02
N ALA L 143 0.89 -23.00 58.75
CA ALA L 143 1.49 -22.27 59.88
C ALA L 143 2.34 -21.08 59.45
N ASP L 144 2.97 -21.18 58.27
CA ASP L 144 3.94 -20.19 57.80
C ASP L 144 3.28 -18.96 57.16
N THR L 145 2.59 -19.19 56.06
CA THR L 145 1.96 -18.12 55.27
C THR L 145 0.42 -18.22 55.36
N PRO L 146 -0.29 -17.06 55.40
CA PRO L 146 -1.76 -17.01 55.51
C PRO L 146 -2.59 -17.72 54.43
N TYR L 147 -2.01 -17.96 53.25
CA TYR L 147 -2.66 -18.74 52.19
C TYR L 147 -1.76 -19.89 51.74
N PHE L 148 -2.31 -20.81 50.93
CA PHE L 148 -1.62 -22.05 50.54
C PHE L 148 -0.33 -21.78 49.77
N MET L 149 0.80 -21.99 50.48
CA MET L 149 2.18 -21.78 49.99
C MET L 149 2.47 -20.35 49.46
N SER L 150 1.67 -19.39 49.89
CA SER L 150 1.70 -18.02 49.37
C SER L 150 1.25 -16.99 50.40
N GLU L 151 1.87 -15.81 50.36
CA GLU L 151 1.54 -14.69 51.23
C GLU L 151 0.14 -14.15 50.91
N GLU L 152 -0.19 -14.09 49.63
CA GLU L 152 -1.49 -13.58 49.18
C GLU L 152 -2.35 -14.64 48.48
N PHE L 153 -3.63 -14.32 48.28
CA PHE L 153 -4.63 -15.20 47.66
C PHE L 153 -4.29 -15.56 46.21
N SER L 154 -4.55 -16.82 45.85
CA SER L 154 -4.22 -17.33 44.52
C SER L 154 -5.29 -18.27 43.94
N LEU L 155 -5.00 -18.82 42.77
CA LEU L 155 -5.85 -19.82 42.10
C LEU L 155 -5.82 -21.18 42.80
N VAL L 156 -4.76 -21.41 43.59
CA VAL L 156 -4.61 -22.63 44.39
C VAL L 156 -5.60 -22.59 45.56
N ASP L 157 -5.83 -21.40 46.11
CA ASP L 157 -6.87 -21.19 47.13
C ASP L 157 -8.28 -21.31 46.54
N CYS L 158 -8.40 -21.01 45.23
CA CYS L 158 -9.66 -21.17 44.50
C CYS L 158 -10.02 -22.62 44.21
N TYR L 159 -9.04 -23.51 44.32
CA TYR L 159 -9.25 -24.97 44.28
C TYR L 159 -9.71 -25.47 45.63
N LEU L 160 -9.18 -24.87 46.69
CA LEU L 160 -9.35 -25.33 48.06
C LEU L 160 -10.61 -24.78 48.72
N ALA L 161 -11.12 -23.66 48.21
CA ALA L 161 -12.33 -23.01 48.75
C ALA L 161 -13.66 -23.77 48.58
N PRO L 162 -13.97 -24.34 47.38
CA PRO L 162 -15.24 -25.10 47.29
C PRO L 162 -15.20 -26.47 47.96
N LEU L 163 -13.99 -27.01 48.15
CA LEU L 163 -13.81 -28.31 48.79
C LEU L 163 -13.98 -28.22 50.31
N LEU L 164 -13.48 -27.13 50.91
CA LEU L 164 -13.60 -26.89 52.35
C LEU L 164 -14.96 -26.33 52.77
N TRP L 165 -15.70 -25.82 51.80
CA TRP L 165 -17.07 -25.36 52.01
C TRP L 165 -18.03 -26.51 52.04
N ARG L 166 -17.77 -27.50 51.18
CA ARG L 166 -18.59 -28.70 51.09
C ARG L 166 -18.22 -29.78 52.12
N LEU L 167 -17.30 -29.43 53.02
CA LEU L 167 -16.77 -30.33 54.05
C LEU L 167 -17.76 -30.87 55.09
N PRO L 168 -18.73 -30.04 55.57
CA PRO L 168 -19.80 -30.68 56.37
C PRO L 168 -20.77 -31.54 55.55
N ALA L 169 -20.94 -31.20 54.26
CA ALA L 169 -21.78 -31.99 53.34
C ALA L 169 -21.11 -33.30 52.91
N TYR L 170 -19.79 -33.37 53.02
CA TYR L 170 -19.04 -34.61 52.77
C TYR L 170 -19.16 -35.58 53.95
N GLY L 171 -19.41 -35.04 55.14
CA GLY L 171 -19.49 -35.82 56.36
C GLY L 171 -18.19 -35.78 57.14
N ILE L 172 -17.54 -34.62 57.13
CA ILE L 172 -16.24 -34.41 57.78
C ILE L 172 -16.31 -33.22 58.74
N ASP L 173 -15.94 -33.46 59.99
CA ASP L 173 -15.87 -32.42 61.01
C ASP L 173 -14.41 -32.25 61.49
N LEU L 174 -14.20 -31.35 62.45
CA LEU L 174 -12.89 -31.14 63.07
C LEU L 174 -12.49 -32.32 63.94
N GLU L 175 -11.30 -32.86 63.69
CA GLU L 175 -10.86 -34.09 64.35
C GLU L 175 -9.35 -34.13 64.61
N GLY L 176 -8.97 -33.70 65.81
CA GLY L 176 -7.59 -33.84 66.28
C GLY L 176 -6.67 -32.67 66.00
N GLN L 177 -5.38 -32.98 65.86
CA GLN L 177 -4.31 -32.00 65.68
C GLN L 177 -4.30 -31.40 64.28
N GLY L 178 -3.95 -30.12 64.21
CA GLY L 178 -3.87 -29.40 62.94
C GLY L 178 -5.17 -28.81 62.43
N ALA L 179 -6.27 -29.13 63.12
CA ALA L 179 -7.61 -28.62 62.78
C ALA L 179 -7.78 -27.15 63.16
N LYS L 180 -6.95 -26.68 64.09
CA LYS L 180 -6.83 -25.28 64.48
C LYS L 180 -6.32 -24.45 63.30
N GLU L 181 -5.37 -25.02 62.55
CA GLU L 181 -4.75 -24.38 61.38
C GLU L 181 -5.73 -24.29 60.20
N ILE L 182 -6.52 -25.33 59.99
CA ILE L 182 -7.48 -25.41 58.88
C ILE L 182 -8.68 -24.49 59.09
N LYS L 183 -9.20 -24.44 60.31
CA LYS L 183 -10.33 -23.57 60.66
C LYS L 183 -10.03 -22.08 60.56
N GLN L 184 -8.78 -21.71 60.85
CA GLN L 184 -8.33 -20.33 60.72
C GLN L 184 -8.13 -19.95 59.24
N TYR L 185 -7.74 -20.93 58.43
CA TYR L 185 -7.59 -20.78 56.99
C TYR L 185 -8.95 -20.71 56.29
N MET L 186 -9.90 -21.52 56.79
CA MET L 186 -11.27 -21.56 56.26
C MET L 186 -12.02 -20.26 56.54
N VAL L 187 -11.86 -19.73 57.76
CA VAL L 187 -12.50 -18.46 58.15
C VAL L 187 -11.86 -17.25 57.45
N ARG L 188 -10.61 -17.40 57.01
CA ARG L 188 -9.95 -16.39 56.21
C ARG L 188 -10.51 -16.41 54.78
N LEU L 189 -10.80 -17.62 54.29
CA LEU L 189 -11.35 -17.83 52.95
C LEU L 189 -12.84 -17.50 52.84
N PHE L 190 -13.61 -17.82 53.87
CA PHE L 190 -15.06 -17.68 53.83
C PHE L 190 -15.53 -16.24 54.12
N GLU L 191 -14.75 -15.50 54.91
CA GLU L 191 -15.09 -14.10 55.25
C GLU L 191 -14.78 -13.10 54.13
N ARG L 192 -14.11 -13.56 53.08
CA ARG L 192 -13.90 -12.78 51.87
C ARG L 192 -15.23 -12.55 51.16
N LYS L 193 -15.47 -11.29 50.79
CA LYS L 193 -16.72 -10.86 50.11
C LYS L 193 -16.85 -11.53 48.74
N THR L 194 -15.70 -11.75 48.09
CA THR L 194 -15.59 -12.43 46.81
C THR L 194 -16.07 -13.89 46.88
N PHE L 195 -15.83 -14.54 48.02
CA PHE L 195 -16.36 -15.88 48.24
C PHE L 195 -17.87 -15.87 48.49
N GLN L 196 -18.33 -14.95 49.34
CA GLN L 196 -19.74 -14.86 49.74
C GLN L 196 -20.69 -14.53 48.59
N ASP L 197 -20.22 -13.72 47.65
CA ASP L 197 -21.00 -13.36 46.47
C ASP L 197 -20.94 -14.44 45.37
N SER L 198 -19.97 -15.34 45.47
CA SER L 198 -19.82 -16.46 44.54
C SER L 198 -20.77 -17.64 44.83
N LEU L 199 -21.33 -17.66 46.04
CA LEU L 199 -22.19 -18.76 46.49
C LEU L 199 -23.59 -18.68 45.92
N THR L 200 -24.05 -19.80 45.35
CA THR L 200 -25.43 -19.97 44.90
C THR L 200 -26.30 -20.34 46.10
N GLU L 201 -27.62 -20.22 45.95
CA GLU L 201 -28.58 -20.61 47.00
C GLU L 201 -28.52 -22.08 47.39
N GLU L 202 -28.21 -22.94 46.42
CA GLU L 202 -27.99 -24.37 46.63
C GLU L 202 -26.73 -24.62 47.46
N GLU L 203 -25.68 -23.83 47.19
CA GLU L 203 -24.41 -23.92 47.90
C GLU L 203 -24.45 -23.26 49.27
N LYS L 204 -25.35 -22.29 49.44
CA LYS L 204 -25.53 -21.56 50.70
C LYS L 204 -26.22 -22.40 51.77
N GLU L 205 -27.17 -23.23 51.34
CA GLU L 205 -28.01 -24.03 52.25
C GLU L 205 -27.30 -25.25 52.86
N LEU L 206 -26.17 -25.64 52.27
CA LEU L 206 -25.36 -26.76 52.79
C LEU L 206 -24.56 -26.36 54.05
N ALA L 207 -24.43 -25.07 54.28
CA ALA L 207 -23.78 -24.53 55.49
C ALA L 207 -24.61 -24.75 56.76
N ARG L 208 -25.94 -24.76 56.60
CA ARG L 208 -26.86 -25.05 57.70
C ARG L 208 -26.95 -26.54 58.00
N ASN L 209 -26.81 -27.36 56.95
CA ASN L 209 -26.91 -28.82 57.05
C ASN L 209 -25.71 -29.46 57.75
#